data_3FZN
#
_entry.id   3FZN
#
_cell.length_a   71.510
_cell.length_b   93.344
_cell.length_c   94.525
_cell.angle_alpha   63.46
_cell.angle_beta   72.82
_cell.angle_gamma   73.21
#
_symmetry.space_group_name_H-M   'P 1'
#
loop_
_entity.id
_entity.type
_entity.pdbx_description
1 polymer 'Benzoylformate decarboxylase'
2 non-polymer 3-[(4-amino-2-methylpyrimidin-5-yl)methyl]-2-{(S)-hydroxy[(R)-hydroxy(methoxy)phosphoryl]phenylmethyl}-5-(2-{[(R)-hydroxy(phosphonooxy)phosphoryl]oxy}ethyl)-4-methyl-1,3-thiazol-3-ium
3 non-polymer 'MAGNESIUM ION'
4 non-polymer 'CHLORIDE ION'
5 non-polymer 'PHOSPHATE ION'
6 non-polymer DI(HYDROXYETHYL)ETHER
7 water water
#
_entity_poly.entity_id   1
_entity_poly.type   'polypeptide(L)'
_entity_poly.pdbx_seq_one_letter_code
;MASVHGTTYELLRRQGIDTVFGNPGSNELPFLKDFPEDFRYILALQEACVVGIADGYAQASRKPAFINLHSAAGTGNAMG
ALSNAWNSHSPLIVTAGQQTRAMIGVEALLTNVDAANLPRPLVKWSYEPASAAEVPHAMSRAIHMASMAPQGPVYLSVPY
DDWDKDADPQSHHLFDRHVSSSVRLNDQDLDILVKALNSASNPAIVLGPDVDAANANADCVMLAERLKAPVWVAPSAPRC
PFPTRHPCFRGLMPAGIAAISQLLEGHDVVLVIGAPVFRYHQYDPGQYLKPGTRLISVTCDPLEAARAPMGDAIVADIGA
MASALANLVEESSRQLPTAAPEPAKVDQDAGRLHPETVFDTLNDMAPENAIYLNESTSTTAQMWQRLNMRNPGSYYFCAA
GGLGFALPAAIGVQLAEPERQVIAVIGDGSANYSISALWTAAQYNIPTIFVIMNNGTYGALRWFAGVLEAENVPGLDVPG
IDFRALAKGYGVQALKADNLEQLKGSLQEALSAKGPVLIEVSTVSPVKHHHHHH
;
_entity_poly.pdbx_strand_id   A,B,C,D
#
loop_
_chem_comp.id
_chem_comp.type
_chem_comp.name
_chem_comp.formula
CL non-polymer 'CHLORIDE ION' 'Cl -1'
D7K non-polymer 3-[(4-amino-2-methylpyrimidin-5-yl)methyl]-2-{(S)-hydroxy[(R)-hydroxy(methoxy)phosphoryl]phenylmethyl}-5-(2-{[(R)-hydroxy(phosphonooxy)phosphoryl]oxy}ethyl)-4-methyl-1,3-thiazol-3-ium 'C20 H28 N4 O11 P3 S 1'
MG non-polymer 'MAGNESIUM ION' 'Mg 2'
PEG non-polymer DI(HYDROXYETHYL)ETHER 'C4 H10 O3'
PO4 non-polymer 'PHOSPHATE ION' 'O4 P -3'
#
# COMPACT_ATOMS: atom_id res chain seq x y z
N ALA A 2 -23.60 22.60 16.22
CA ALA A 2 -22.69 21.97 17.22
C ALA A 2 -21.31 21.80 16.58
N SER A 3 -20.28 21.67 17.43
CA SER A 3 -18.92 21.44 16.94
C SER A 3 -18.74 19.97 16.54
N VAL A 4 -17.70 19.70 15.76
CA VAL A 4 -17.27 18.31 15.50
C VAL A 4 -16.96 17.56 16.82
N HIS A 5 -16.31 18.26 17.74
CA HIS A 5 -15.99 17.68 19.07
C HIS A 5 -17.29 17.20 19.75
N GLY A 6 -18.27 18.11 19.85
CA GLY A 6 -19.51 17.80 20.60
C GLY A 6 -20.31 16.69 19.96
N THR A 7 -20.41 16.73 18.63
CA THR A 7 -21.11 15.70 17.88
C THR A 7 -20.47 14.28 18.03
N THR A 8 -19.14 14.27 18.04
CA THR A 8 -18.40 13.02 18.11
C THR A 8 -18.55 12.34 19.47
N TYR A 9 -18.43 13.12 20.56
CA TYR A 9 -18.67 12.52 21.88
C TYR A 9 -20.11 12.04 22.09
N GLU A 10 -21.08 12.70 21.47
CA GLU A 10 -22.48 12.22 21.53
C GLU A 10 -22.62 10.90 20.75
N LEU A 11 -21.97 10.77 19.60
CA LEU A 11 -22.01 9.51 18.85
C LEU A 11 -21.41 8.37 19.69
N LEU A 12 -20.25 8.63 20.29
CA LEU A 12 -19.64 7.62 21.15
C LEU A 12 -20.59 7.16 22.27
N ARG A 13 -21.17 8.09 23.03
CA ARG A 13 -22.04 7.67 24.11
C ARG A 13 -23.30 6.93 23.66
N ARG A 14 -23.89 7.39 22.56
CA ARG A 14 -25.07 6.70 22.02
C ARG A 14 -24.79 5.28 21.51
N GLN A 15 -23.54 5.03 21.10
CA GLN A 15 -23.09 3.69 20.70
C GLN A 15 -22.47 2.86 21.86
N GLY A 16 -22.60 3.37 23.10
CA GLY A 16 -22.20 2.64 24.31
C GLY A 16 -20.76 2.73 24.82
N ILE A 17 -19.99 3.72 24.33
CA ILE A 17 -18.56 3.91 24.67
C ILE A 17 -18.47 4.99 25.76
N ASP A 18 -17.77 4.70 26.85
CA ASP A 18 -17.64 5.68 27.96
C ASP A 18 -16.19 5.84 28.46
N THR A 19 -15.21 5.21 27.77
CA THR A 19 -13.82 5.10 28.24
C THR A 19 -12.90 5.34 27.05
N VAL A 20 -11.85 6.14 27.28
CA VAL A 20 -10.79 6.47 26.29
C VAL A 20 -9.47 5.97 26.86
N PHE A 21 -8.86 4.98 26.20
CA PHE A 21 -7.51 4.55 26.54
C PHE A 21 -6.48 5.35 25.72
N GLY A 22 -5.49 5.97 26.36
CA GLY A 22 -4.63 6.95 25.65
C GLY A 22 -3.25 7.23 26.19
N ASN A 23 -2.41 7.81 25.33
CA ASN A 23 -1.17 8.55 25.74
C ASN A 23 -1.22 9.85 24.93
N PRO A 24 -1.27 11.01 25.61
CA PRO A 24 -1.57 12.28 24.92
C PRO A 24 -0.40 13.00 24.19
N GLY A 25 -0.78 13.99 23.37
CA GLY A 25 0.15 14.88 22.66
C GLY A 25 -0.55 16.11 22.07
N SER A 26 0.24 17.01 21.49
CA SER A 26 -0.28 18.28 20.97
C SER A 26 -1.39 18.14 19.92
N ASN A 27 -1.23 17.23 18.96
CA ASN A 27 -2.29 17.00 17.95
C ASN A 27 -3.62 16.43 18.55
N GLU A 28 -3.60 15.96 19.80
CA GLU A 28 -4.78 15.38 20.44
C GLU A 28 -5.42 16.37 21.44
N LEU A 29 -4.75 17.49 21.73
CA LEU A 29 -5.29 18.43 22.73
C LEU A 29 -6.68 19.00 22.41
N PRO A 30 -6.96 19.36 21.14
CA PRO A 30 -8.30 19.79 20.78
C PRO A 30 -9.42 18.75 20.87
N PHE A 31 -9.05 17.48 20.84
CA PHE A 31 -10.01 16.39 21.08
C PHE A 31 -10.28 16.15 22.57
N LEU A 32 -9.23 16.21 23.36
CA LEU A 32 -9.27 15.85 24.76
C LEU A 32 -9.71 17.01 25.67
N LYS A 33 -9.57 18.26 25.20
CA LYS A 33 -10.01 19.40 26.02
C LYS A 33 -11.50 19.32 26.30
N ASP A 34 -11.96 19.98 27.34
CA ASP A 34 -13.38 19.95 27.68
C ASP A 34 -13.89 18.49 27.77
N PHE A 35 -13.07 17.61 28.35
CA PHE A 35 -13.37 16.15 28.44
C PHE A 35 -14.69 15.92 29.19
N PRO A 36 -15.65 15.19 28.59
CA PRO A 36 -16.97 15.08 29.23
C PRO A 36 -16.98 14.35 30.57
N GLU A 37 -17.81 14.82 31.52
CA GLU A 37 -17.78 14.29 32.89
C GLU A 37 -18.29 12.84 33.02
N ASP A 38 -19.03 12.35 32.03
CA ASP A 38 -19.46 10.96 32.00
C ASP A 38 -18.52 9.99 31.31
N PHE A 39 -17.35 10.48 30.84
CA PHE A 39 -16.30 9.65 30.24
C PHE A 39 -15.17 9.46 31.27
N ARG A 40 -14.37 8.40 31.09
CA ARG A 40 -13.16 8.23 31.88
C ARG A 40 -11.97 8.06 30.91
N TYR A 41 -10.81 8.63 31.27
CA TYR A 41 -9.57 8.48 30.52
C TYR A 41 -8.61 7.61 31.30
N ILE A 42 -8.07 6.58 30.64
CA ILE A 42 -7.11 5.65 31.26
C ILE A 42 -5.76 5.89 30.60
N LEU A 43 -4.84 6.53 31.33
CA LEU A 43 -3.47 6.85 30.85
C LEU A 43 -2.57 5.64 31.01
N ALA A 44 -1.81 5.33 29.95
CA ALA A 44 -0.63 4.45 30.06
C ALA A 44 0.62 5.16 29.48
N LEU A 45 1.80 4.76 29.97
CA LEU A 45 3.08 5.46 29.70
C LEU A 45 3.76 5.16 28.36
N GLN A 46 3.28 4.16 27.62
CA GLN A 46 3.78 3.83 26.26
C GLN A 46 2.65 3.19 25.49
N GLU A 47 2.69 3.34 24.15
CA GLU A 47 1.54 2.98 23.38
C GLU A 47 1.25 1.47 23.23
N ALA A 48 2.27 0.61 23.37
CA ALA A 48 1.98 -0.86 23.39
C ALA A 48 1.09 -1.22 24.61
N CYS A 49 1.37 -0.55 25.74
CA CYS A 49 0.56 -0.69 26.94
C CYS A 49 -0.86 -0.16 26.80
N VAL A 50 -1.03 1.05 26.22
CA VAL A 50 -2.35 1.60 25.91
C VAL A 50 -3.21 0.55 25.16
N VAL A 51 -2.69 0.02 24.06
CA VAL A 51 -3.48 -0.85 23.20
C VAL A 51 -3.71 -2.21 23.87
N GLY A 52 -2.70 -2.74 24.58
CA GLY A 52 -2.88 -4.04 25.33
C GLY A 52 -3.97 -3.97 26.40
N ILE A 53 -3.98 -2.86 27.14
CA ILE A 53 -5.02 -2.62 28.15
C ILE A 53 -6.42 -2.60 27.52
N ALA A 54 -6.55 -1.80 26.46
CA ALA A 54 -7.82 -1.70 25.74
C ALA A 54 -8.28 -3.07 25.21
N ASP A 55 -7.34 -3.84 24.68
CA ASP A 55 -7.60 -5.17 24.11
C ASP A 55 -8.14 -6.13 25.18
N GLY A 56 -7.49 -6.22 26.32
CA GLY A 56 -8.09 -7.09 27.37
C GLY A 56 -9.49 -6.65 27.81
N TYR A 57 -9.69 -5.33 27.91
CA TYR A 57 -10.99 -4.78 28.25
C TYR A 57 -12.06 -5.15 27.22
N ALA A 58 -11.76 -4.99 25.93
CA ALA A 58 -12.71 -5.39 24.88
C ALA A 58 -13.02 -6.91 24.87
N GLN A 59 -11.99 -7.75 25.01
CA GLN A 59 -12.20 -9.20 24.97
C GLN A 59 -13.09 -9.69 26.12
N ALA A 60 -12.81 -9.20 27.34
CA ALA A 60 -13.58 -9.60 28.50
C ALA A 60 -15.00 -9.03 28.52
N SER A 61 -15.16 -7.78 28.07
CA SER A 61 -16.44 -7.08 28.01
CA SER A 61 -16.48 -7.12 28.04
C SER A 61 -17.34 -7.53 26.84
N ARG A 62 -16.73 -8.11 25.81
CA ARG A 62 -17.43 -8.49 24.59
C ARG A 62 -18.11 -7.28 23.94
N LYS A 63 -17.35 -6.18 23.86
CA LYS A 63 -17.81 -4.93 23.23
C LYS A 63 -16.59 -4.11 22.79
N PRO A 64 -16.81 -3.14 21.90
CA PRO A 64 -15.67 -2.33 21.43
C PRO A 64 -14.92 -1.51 22.49
N ALA A 65 -13.62 -1.28 22.26
CA ALA A 65 -12.83 -0.34 23.06
C ALA A 65 -12.25 0.79 22.19
N PHE A 66 -12.23 2.01 22.73
CA PHE A 66 -11.79 3.27 22.02
C PHE A 66 -10.41 3.74 22.51
N ILE A 67 -9.51 4.03 21.56
CA ILE A 67 -8.10 4.36 21.85
C ILE A 67 -7.73 5.69 21.19
N ASN A 68 -6.91 6.49 21.84
CA ASN A 68 -6.37 7.77 21.25
C ASN A 68 -4.83 7.87 21.40
N LEU A 69 -4.15 7.89 20.26
CA LEU A 69 -2.66 7.95 20.16
C LEU A 69 -2.13 9.20 19.43
N HIS A 70 -0.82 9.45 19.57
CA HIS A 70 -0.18 10.68 19.05
C HIS A 70 0.53 10.45 17.72
N SER A 71 -0.12 10.85 16.63
CA SER A 71 0.47 10.83 15.30
C SER A 71 1.18 9.50 14.94
N ALA A 72 2.24 9.58 14.12
CA ALA A 72 2.95 8.40 13.64
C ALA A 72 3.78 7.73 14.72
N ALA A 73 4.38 8.53 15.59
CA ALA A 73 5.23 7.96 16.66
C ALA A 73 4.42 7.08 17.62
N GLY A 74 3.30 7.60 18.11
CA GLY A 74 2.37 6.85 18.96
C GLY A 74 1.77 5.62 18.29
N THR A 75 1.28 5.78 17.06
CA THR A 75 0.74 4.68 16.31
C THR A 75 1.80 3.59 16.09
N GLY A 76 2.99 4.00 15.68
CA GLY A 76 4.05 3.01 15.43
C GLY A 76 4.44 2.23 16.67
N ASN A 77 4.55 2.90 17.81
CA ASN A 77 4.90 2.19 19.05
C ASN A 77 3.88 1.08 19.42
N ALA A 78 2.64 1.21 18.93
CA ALA A 78 1.56 0.23 19.20
C ALA A 78 1.33 -0.89 18.14
N MET A 79 2.17 -0.97 17.11
CA MET A 79 1.86 -1.88 16.01
CA MET A 79 1.90 -1.88 15.99
C MET A 79 2.09 -3.36 16.31
N GLY A 80 2.97 -3.70 17.26
CA GLY A 80 3.04 -5.11 17.72
C GLY A 80 1.78 -5.55 18.45
N ALA A 81 1.26 -4.65 19.29
CA ALA A 81 -0.03 -4.85 19.92
C ALA A 81 -1.18 -5.06 18.95
N LEU A 82 -1.18 -4.27 17.88
CA LEU A 82 -2.18 -4.42 16.84
C LEU A 82 -2.13 -5.82 16.17
N SER A 83 -0.93 -6.39 16.03
CA SER A 83 -0.79 -7.74 15.45
CA SER A 83 -0.81 -7.74 15.44
C SER A 83 -1.59 -8.78 16.26
N ASN A 84 -1.46 -8.75 17.59
CA ASN A 84 -2.27 -9.64 18.41
C ASN A 84 -3.79 -9.43 18.24
N ALA A 85 -4.20 -8.15 18.24
CA ALA A 85 -5.61 -7.77 18.18
C ALA A 85 -6.25 -8.26 16.88
N TRP A 86 -5.48 -8.25 15.80
CA TRP A 86 -6.00 -8.78 14.53
C TRP A 86 -6.35 -10.27 14.65
N ASN A 87 -5.42 -11.04 15.20
CA ASN A 87 -5.61 -12.52 15.38
C ASN A 87 -6.68 -12.92 16.38
N SER A 88 -6.96 -12.08 17.38
CA SER A 88 -8.04 -12.35 18.34
C SER A 88 -9.41 -11.83 17.95
N HIS A 89 -9.50 -11.19 16.78
CA HIS A 89 -10.74 -10.55 16.33
C HIS A 89 -11.24 -9.50 17.36
N SER A 90 -10.32 -8.71 17.92
CA SER A 90 -10.70 -7.76 18.99
C SER A 90 -11.25 -6.44 18.41
N PRO A 91 -12.47 -6.04 18.83
CA PRO A 91 -13.09 -4.81 18.25
C PRO A 91 -12.49 -3.50 18.83
N LEU A 92 -11.36 -3.05 18.28
CA LEU A 92 -10.65 -1.85 18.76
C LEU A 92 -10.79 -0.67 17.79
N ILE A 93 -11.17 0.51 18.30
CA ILE A 93 -11.33 1.73 17.47
C ILE A 93 -10.08 2.61 17.79
N VAL A 94 -9.09 2.59 16.92
CA VAL A 94 -7.82 3.32 17.18
C VAL A 94 -7.83 4.68 16.46
N THR A 95 -7.81 5.78 17.23
CA THR A 95 -7.71 7.14 16.66
C THR A 95 -6.32 7.73 16.91
N ALA A 96 -5.82 8.52 15.95
CA ALA A 96 -4.53 9.21 16.06
C ALA A 96 -4.60 10.66 15.59
N GLY A 97 -4.11 11.59 16.37
CA GLY A 97 -4.07 13.02 15.93
C GLY A 97 -3.03 13.34 14.85
N GLN A 98 -3.44 14.17 13.87
CA GLN A 98 -2.65 14.61 12.72
C GLN A 98 -2.37 16.13 12.88
N GLN A 99 -1.35 16.65 12.19
CA GLN A 99 -1.06 18.11 12.13
C GLN A 99 -2.24 18.91 11.58
N THR A 100 -2.25 20.22 11.83
CA THR A 100 -3.26 21.10 11.28
C THR A 100 -3.21 21.00 9.76
N ARG A 101 -4.37 21.03 9.10
CA ARG A 101 -4.38 20.87 7.65
C ARG A 101 -3.42 21.86 6.92
N ALA A 102 -3.31 23.09 7.41
CA ALA A 102 -2.40 24.10 6.78
C ALA A 102 -0.89 23.76 6.75
N MET A 103 -0.47 22.79 7.57
CA MET A 103 0.95 22.44 7.60
CA MET A 103 0.95 22.42 7.69
C MET A 103 1.26 20.97 7.24
N ILE A 104 0.23 20.19 6.86
CA ILE A 104 0.45 18.82 6.37
C ILE A 104 1.40 18.78 5.14
N GLY A 105 1.19 19.68 4.18
CA GLY A 105 1.96 19.65 2.93
C GLY A 105 3.44 19.97 3.06
N VAL A 106 3.79 20.88 3.98
CA VAL A 106 5.19 21.22 4.24
C VAL A 106 5.87 20.15 5.11
N GLU A 107 5.08 19.21 5.64
CA GLU A 107 5.61 18.16 6.49
C GLU A 107 6.33 18.75 7.71
N ALA A 108 5.61 19.63 8.40
CA ALA A 108 6.00 20.05 9.74
C ALA A 108 6.27 18.87 10.68
N LEU A 109 7.06 19.12 11.74
CA LEU A 109 7.18 18.11 12.79
C LEU A 109 5.79 17.59 13.26
N LEU A 110 5.69 16.27 13.53
CA LEU A 110 4.43 15.60 13.95
C LEU A 110 3.35 15.41 12.87
N THR A 111 3.70 15.67 11.61
CA THR A 111 2.85 15.23 10.48
C THR A 111 2.97 13.72 10.29
N ASN A 112 1.81 13.03 10.24
CA ASN A 112 1.72 11.59 9.98
C ASN A 112 1.63 11.43 8.45
N VAL A 113 2.77 11.21 7.80
CA VAL A 113 2.82 11.15 6.33
C VAL A 113 2.11 9.87 5.81
N ASP A 114 1.26 10.02 4.79
CA ASP A 114 0.56 8.87 4.19
C ASP A 114 -0.16 8.03 5.28
N ALA A 115 -0.86 8.74 6.19
CA ALA A 115 -1.30 8.19 7.47
C ALA A 115 -2.11 6.89 7.37
N ALA A 116 -2.97 6.80 6.37
CA ALA A 116 -3.90 5.65 6.30
C ALA A 116 -3.11 4.36 6.03
N ASN A 117 -1.94 4.46 5.41
CA ASN A 117 -1.11 3.27 5.09
CA ASN A 117 -1.11 3.28 5.10
C ASN A 117 -0.29 2.76 6.28
N LEU A 118 -0.09 3.60 7.30
CA LEU A 118 0.81 3.25 8.41
C LEU A 118 0.49 1.90 9.09
N PRO A 119 -0.76 1.68 9.54
CA PRO A 119 -1.05 0.43 10.31
C PRO A 119 -1.39 -0.81 9.47
N ARG A 120 -1.51 -0.64 8.17
CA ARG A 120 -1.77 -1.80 7.28
C ARG A 120 -0.57 -2.75 7.28
N PRO A 121 -0.80 -4.08 7.21
CA PRO A 121 -2.07 -4.85 7.02
C PRO A 121 -2.80 -5.33 8.28
N LEU A 122 -2.62 -4.64 9.40
CA LEU A 122 -3.07 -5.14 10.69
C LEU A 122 -4.46 -4.63 11.11
N VAL A 123 -5.19 -3.98 10.18
CA VAL A 123 -6.50 -3.38 10.49
C VAL A 123 -7.54 -3.70 9.41
N LYS A 124 -8.82 -3.78 9.80
CA LYS A 124 -9.92 -4.04 8.88
C LYS A 124 -10.21 -2.88 7.94
N TRP A 125 -9.95 -1.67 8.43
CA TRP A 125 -10.29 -0.42 7.71
C TRP A 125 -9.38 0.66 8.25
N SER A 126 -8.92 1.57 7.39
CA SER A 126 -7.97 2.65 7.77
C SER A 126 -8.25 3.90 6.91
N TYR A 127 -8.39 5.08 7.54
CA TYR A 127 -8.92 6.29 6.85
C TYR A 127 -8.50 7.64 7.47
N GLU A 128 -8.36 8.67 6.61
CA GLU A 128 -8.21 10.06 7.06
C GLU A 128 -9.26 10.89 6.32
N PRO A 129 -10.16 11.57 7.04
CA PRO A 129 -11.22 12.32 6.34
C PRO A 129 -10.78 13.52 5.49
N ALA A 130 -11.49 13.78 4.39
CA ALA A 130 -11.12 14.88 3.48
C ALA A 130 -11.60 16.28 3.94
N SER A 131 -12.36 16.32 5.04
CA SER A 131 -12.83 17.59 5.60
C SER A 131 -13.26 17.42 7.06
N ALA A 132 -13.27 18.52 7.80
CA ALA A 132 -13.68 18.46 9.21
C ALA A 132 -15.13 17.94 9.40
N ALA A 133 -16.06 18.37 8.55
CA ALA A 133 -17.47 17.98 8.71
C ALA A 133 -17.71 16.49 8.46
N GLU A 134 -16.78 15.84 7.76
CA GLU A 134 -16.83 14.37 7.56
C GLU A 134 -16.42 13.54 8.80
N VAL A 135 -15.76 14.18 9.78
CA VAL A 135 -15.25 13.42 10.92
C VAL A 135 -16.33 12.54 11.62
N PRO A 136 -17.51 13.10 11.97
CA PRO A 136 -18.49 12.20 12.63
C PRO A 136 -18.93 10.96 11.82
N HIS A 137 -19.18 11.14 10.51
CA HIS A 137 -19.48 9.99 9.64
C HIS A 137 -18.36 8.95 9.60
N ALA A 138 -17.10 9.42 9.53
CA ALA A 138 -15.95 8.52 9.52
C ALA A 138 -15.86 7.74 10.86
N MET A 139 -16.14 8.44 11.97
CA MET A 139 -16.17 7.76 13.28
C MET A 139 -17.27 6.68 13.38
N SER A 140 -18.43 6.94 12.80
CA SER A 140 -19.52 5.94 12.72
C SER A 140 -19.09 4.70 11.90
N ARG A 141 -18.45 4.95 10.75
CA ARG A 141 -17.91 3.84 9.93
C ARG A 141 -16.92 3.01 10.73
N ALA A 142 -16.03 3.68 11.46
CA ALA A 142 -15.03 2.98 12.32
C ALA A 142 -15.72 2.09 13.35
N ILE A 143 -16.69 2.64 14.10
CA ILE A 143 -17.39 1.87 15.15
C ILE A 143 -18.04 0.58 14.58
N HIS A 144 -18.72 0.72 13.43
CA HIS A 144 -19.39 -0.44 12.84
C HIS A 144 -18.45 -1.43 12.19
N MET A 145 -17.41 -0.93 11.51
CA MET A 145 -16.39 -1.84 10.94
C MET A 145 -15.69 -2.66 12.03
N ALA A 146 -15.42 -2.07 13.19
CA ALA A 146 -14.79 -2.81 14.29
C ALA A 146 -15.74 -3.89 14.87
N SER A 147 -17.04 -3.60 14.91
CA SER A 147 -18.05 -4.42 15.62
C SER A 147 -18.71 -5.54 14.83
N MET A 148 -18.75 -5.40 13.50
CA MET A 148 -19.34 -6.41 12.62
C MET A 148 -18.47 -7.69 12.55
N ALA A 149 -19.09 -8.86 12.47
CA ALA A 149 -18.35 -10.10 12.22
C ALA A 149 -17.67 -10.11 10.87
N PRO A 150 -16.39 -10.57 10.80
CA PRO A 150 -15.47 -10.93 11.90
C PRO A 150 -14.93 -9.66 12.59
N GLN A 151 -15.09 -9.53 13.90
CA GLN A 151 -14.64 -8.30 14.59
C GLN A 151 -13.13 -8.06 14.48
N GLY A 152 -12.69 -6.80 14.61
CA GLY A 152 -11.26 -6.50 14.53
C GLY A 152 -10.92 -5.03 14.67
N PRO A 153 -9.61 -4.70 14.74
CA PRO A 153 -9.16 -3.31 14.86
C PRO A 153 -9.34 -2.46 13.59
N VAL A 154 -9.60 -1.17 13.80
CA VAL A 154 -9.71 -0.17 12.71
C VAL A 154 -8.90 1.11 13.08
N TYR A 155 -8.63 1.99 12.10
CA TYR A 155 -7.78 3.20 12.34
C TYR A 155 -8.33 4.47 11.70
N LEU A 156 -8.38 5.54 12.47
CA LEU A 156 -8.87 6.84 11.97
C LEU A 156 -7.88 7.96 12.33
N SER A 157 -7.35 8.69 11.32
CA SER A 157 -6.41 9.83 11.53
C SER A 157 -7.14 11.18 11.39
N VAL A 158 -7.07 12.07 12.38
CA VAL A 158 -7.88 13.32 12.34
C VAL A 158 -7.02 14.61 12.54
N PRO A 159 -6.95 15.48 11.52
CA PRO A 159 -6.20 16.78 11.68
C PRO A 159 -6.69 17.58 12.89
N TYR A 160 -5.78 18.15 13.68
CA TYR A 160 -6.18 18.72 14.96
C TYR A 160 -7.09 19.93 14.88
N ASP A 161 -7.09 20.61 13.73
CA ASP A 161 -7.90 21.83 13.54
C ASP A 161 -9.38 21.48 13.22
N ASP A 162 -9.67 20.19 13.02
CA ASP A 162 -11.05 19.75 12.71
C ASP A 162 -12.07 19.85 13.86
N TRP A 163 -11.61 19.63 15.11
CA TRP A 163 -12.50 19.42 16.24
C TRP A 163 -13.32 20.68 16.56
N ASP A 164 -12.74 21.86 16.35
CA ASP A 164 -13.43 23.15 16.67
C ASP A 164 -14.35 23.62 15.52
N LYS A 165 -14.29 22.98 14.36
CA LYS A 165 -15.16 23.36 13.23
C LYS A 165 -16.61 22.90 13.45
N ASP A 166 -17.52 23.43 12.62
CA ASP A 166 -18.95 23.11 12.71
C ASP A 166 -19.28 21.75 12.10
N ALA A 167 -20.09 20.97 12.84
CA ALA A 167 -20.63 19.69 12.35
C ALA A 167 -21.88 19.94 11.50
N ASP A 168 -22.11 19.08 10.52
CA ASP A 168 -23.38 19.01 9.77
C ASP A 168 -24.56 18.53 10.65
N PRO A 169 -25.69 19.27 10.69
CA PRO A 169 -26.89 18.83 11.43
C PRO A 169 -27.42 17.44 11.06
N GLN A 170 -27.21 17.04 9.81
CA GLN A 170 -27.61 15.69 9.39
C GLN A 170 -26.78 14.56 10.04
N SER A 171 -25.69 14.87 10.75
CA SER A 171 -25.00 13.85 11.52
C SER A 171 -25.83 13.18 12.63
N HIS A 172 -26.91 13.82 13.08
CA HIS A 172 -27.81 13.20 14.07
C HIS A 172 -28.33 11.80 13.67
N HIS A 173 -28.50 11.55 12.37
CA HIS A 173 -28.93 10.22 11.89
C HIS A 173 -27.96 9.08 12.25
N LEU A 174 -26.70 9.42 12.58
CA LEU A 174 -25.66 8.45 12.90
C LEU A 174 -25.86 7.85 14.30
N PHE A 175 -26.43 8.64 15.20
CA PHE A 175 -26.33 8.32 16.63
C PHE A 175 -26.89 6.93 17.02
N ASP A 176 -28.08 6.62 16.52
CA ASP A 176 -28.79 5.40 16.94
C ASP A 176 -28.77 4.24 15.90
N ARG A 177 -27.86 4.27 14.94
CA ARG A 177 -27.78 3.16 13.94
C ARG A 177 -27.42 1.84 14.61
N HIS A 178 -28.21 0.79 14.33
CA HIS A 178 -27.92 -0.57 14.78
CA HIS A 178 -27.88 -0.56 14.78
C HIS A 178 -27.58 -1.42 13.56
N VAL A 179 -26.46 -2.14 13.61
CA VAL A 179 -26.05 -3.04 12.52
C VAL A 179 -25.89 -4.46 13.06
N SER A 180 -26.59 -5.43 12.47
CA SER A 180 -26.53 -6.84 12.94
C SER A 180 -25.82 -7.77 11.96
N SER A 181 -24.97 -8.65 12.51
CA SER A 181 -24.43 -9.77 11.72
C SER A 181 -24.74 -11.12 12.42
N SER A 182 -25.84 -11.15 13.21
CA SER A 182 -26.24 -12.36 13.95
CA SER A 182 -26.24 -12.37 13.95
C SER A 182 -27.03 -13.34 13.07
N VAL A 183 -26.28 -14.02 12.19
CA VAL A 183 -26.85 -14.83 11.11
C VAL A 183 -26.46 -16.32 11.21
N ARG A 184 -27.33 -17.20 10.69
CA ARG A 184 -27.03 -18.63 10.62
C ARG A 184 -27.45 -19.26 9.28
N LEU A 185 -26.95 -20.48 9.02
CA LEU A 185 -27.23 -21.21 7.78
C LEU A 185 -28.74 -21.41 7.54
N ASN A 186 -29.20 -21.26 6.29
CA ASN A 186 -30.59 -21.47 5.93
C ASN A 186 -31.09 -22.87 6.34
N ASP A 187 -32.39 -22.99 6.61
CA ASP A 187 -33.02 -24.22 7.14
C ASP A 187 -32.73 -25.48 6.33
N GLN A 188 -32.90 -25.42 5.02
CA GLN A 188 -32.65 -26.57 4.17
C GLN A 188 -31.23 -27.13 4.34
N ASP A 189 -30.22 -26.26 4.29
CA ASP A 189 -28.83 -26.70 4.40
C ASP A 189 -28.47 -27.03 5.85
N LEU A 190 -29.06 -26.33 6.82
CA LEU A 190 -28.85 -26.71 8.23
C LEU A 190 -29.38 -28.14 8.53
N ASP A 191 -30.50 -28.51 7.94
CA ASP A 191 -31.04 -29.84 8.14
CA ASP A 191 -31.06 -29.85 8.11
C ASP A 191 -30.11 -30.92 7.54
N ILE A 192 -29.45 -30.60 6.43
CA ILE A 192 -28.48 -31.53 5.85
C ILE A 192 -27.29 -31.74 6.83
N LEU A 193 -26.75 -30.64 7.35
CA LEU A 193 -25.69 -30.70 8.39
C LEU A 193 -26.11 -31.54 9.61
N VAL A 194 -27.31 -31.26 10.14
CA VAL A 194 -27.83 -31.97 11.32
C VAL A 194 -27.93 -33.49 11.05
N LYS A 195 -28.44 -33.87 9.89
CA LYS A 195 -28.48 -35.29 9.49
C LYS A 195 -27.11 -35.95 9.45
N ALA A 196 -26.09 -35.22 8.98
CA ALA A 196 -24.75 -35.76 8.88
C ALA A 196 -24.16 -35.98 10.29
N LEU A 197 -24.44 -35.07 11.22
CA LEU A 197 -23.97 -35.24 12.59
C LEU A 197 -24.68 -36.41 13.29
N ASN A 198 -26.00 -36.53 13.07
CA ASN A 198 -26.79 -37.63 13.65
C ASN A 198 -26.36 -39.02 13.13
N SER A 199 -25.92 -39.07 11.88
CA SER A 199 -25.51 -40.32 11.23
C SER A 199 -24.06 -40.76 11.52
N ALA A 200 -23.22 -39.85 12.02
CA ALA A 200 -21.82 -40.14 12.30
C ALA A 200 -21.70 -41.31 13.29
N SER A 201 -20.73 -42.21 13.05
CA SER A 201 -20.46 -43.36 13.91
CA SER A 201 -20.52 -43.34 13.96
C SER A 201 -19.56 -43.00 15.09
N ASN A 202 -18.70 -41.99 14.88
CA ASN A 202 -17.67 -41.62 15.87
C ASN A 202 -17.22 -40.13 15.74
N PRO A 203 -18.14 -39.19 15.99
CA PRO A 203 -17.83 -37.75 15.83
C PRO A 203 -16.88 -37.17 16.86
N ALA A 204 -16.16 -36.09 16.46
CA ALA A 204 -15.30 -35.31 17.36
C ALA A 204 -15.58 -33.83 17.11
N ILE A 205 -15.34 -33.03 18.14
CA ILE A 205 -15.55 -31.55 18.09
C ILE A 205 -14.24 -30.82 18.42
N VAL A 206 -13.93 -29.73 17.69
CA VAL A 206 -12.76 -28.87 17.96
C VAL A 206 -13.26 -27.43 18.08
N LEU A 207 -12.94 -26.78 19.22
CA LEU A 207 -13.43 -25.42 19.48
C LEU A 207 -12.30 -24.38 19.53
N GLY A 208 -12.56 -23.18 19.02
CA GLY A 208 -11.61 -22.04 19.03
C GLY A 208 -12.09 -20.78 19.74
N PRO A 209 -11.29 -19.67 19.66
CA PRO A 209 -11.52 -18.51 20.55
C PRO A 209 -12.83 -17.76 20.31
N ASP A 210 -13.35 -17.84 19.08
CA ASP A 210 -14.57 -17.13 18.78
C ASP A 210 -15.84 -17.73 19.48
N VAL A 211 -15.73 -18.97 19.98
CA VAL A 211 -16.78 -19.57 20.84
C VAL A 211 -16.83 -18.75 22.14
N ASP A 212 -15.68 -18.52 22.74
CA ASP A 212 -15.66 -17.80 24.03
C ASP A 212 -16.04 -16.35 23.80
N ALA A 213 -15.53 -15.73 22.73
CA ALA A 213 -15.94 -14.33 22.39
C ALA A 213 -17.46 -14.18 22.26
N ALA A 214 -18.11 -15.21 21.71
CA ALA A 214 -19.57 -15.25 21.53
C ALA A 214 -20.38 -15.69 22.72
N ASN A 215 -19.71 -16.13 23.80
CA ASN A 215 -20.36 -16.79 24.93
C ASN A 215 -21.20 -18.00 24.49
N ALA A 216 -20.64 -18.76 23.55
CA ALA A 216 -21.31 -19.98 23.05
C ALA A 216 -20.93 -21.27 23.81
N ASN A 217 -20.19 -21.11 24.91
CA ASN A 217 -19.60 -22.21 25.64
C ASN A 217 -20.67 -23.24 26.11
N ALA A 218 -21.73 -22.76 26.74
CA ALA A 218 -22.82 -23.65 27.23
C ALA A 218 -23.53 -24.41 26.11
N ASP A 219 -23.77 -23.73 24.99
CA ASP A 219 -24.33 -24.43 23.83
C ASP A 219 -23.43 -25.51 23.29
N CYS A 220 -22.12 -25.26 23.23
CA CYS A 220 -21.17 -26.29 22.83
C CYS A 220 -21.18 -27.51 23.82
N VAL A 221 -21.33 -27.24 25.12
CA VAL A 221 -21.45 -28.33 26.12
C VAL A 221 -22.67 -29.26 25.82
N MET A 222 -23.81 -28.65 25.52
CA MET A 222 -25.04 -29.37 25.16
CA MET A 222 -25.04 -29.36 25.15
C MET A 222 -24.83 -30.18 23.87
N LEU A 223 -24.19 -29.54 22.88
CA LEU A 223 -23.90 -30.23 21.61
C LEU A 223 -23.05 -31.49 21.83
N ALA A 224 -21.96 -31.37 22.58
CA ALA A 224 -21.06 -32.49 22.89
C ALA A 224 -21.77 -33.63 23.65
N GLU A 225 -22.61 -33.26 24.61
CA GLU A 225 -23.37 -34.26 25.39
C GLU A 225 -24.38 -35.04 24.53
N ARG A 226 -25.08 -34.33 23.66
CA ARG A 226 -26.00 -34.97 22.71
C ARG A 226 -25.32 -35.97 21.76
N LEU A 227 -24.18 -35.57 21.20
CA LEU A 227 -23.44 -36.40 20.20
C LEU A 227 -22.49 -37.40 20.86
N LYS A 228 -22.32 -37.30 22.18
CA LYS A 228 -21.42 -38.17 22.92
C LYS A 228 -20.00 -38.11 22.36
N ALA A 229 -19.54 -36.88 22.07
CA ALA A 229 -18.32 -36.60 21.29
C ALA A 229 -17.23 -36.02 22.15
N PRO A 230 -16.00 -36.49 21.94
CA PRO A 230 -14.84 -35.83 22.58
C PRO A 230 -14.62 -34.41 22.06
N VAL A 231 -14.08 -33.53 22.90
CA VAL A 231 -13.88 -32.08 22.56
C VAL A 231 -12.44 -31.66 22.81
N TRP A 232 -11.81 -31.05 21.80
CA TRP A 232 -10.45 -30.48 21.90
C TRP A 232 -10.53 -28.97 21.71
N VAL A 233 -9.55 -28.22 22.24
CA VAL A 233 -9.34 -26.80 21.92
CA VAL A 233 -9.38 -26.79 21.90
C VAL A 233 -8.30 -26.68 20.81
N ALA A 234 -8.59 -25.86 19.79
CA ALA A 234 -7.70 -25.69 18.65
C ALA A 234 -6.34 -25.11 19.09
N PRO A 235 -5.27 -25.38 18.31
CA PRO A 235 -3.90 -25.03 18.73
C PRO A 235 -3.62 -23.51 18.87
N SER A 236 -2.57 -23.18 19.62
CA SER A 236 -2.15 -21.79 19.81
C SER A 236 -3.27 -20.96 20.44
N ALA A 237 -4.03 -21.58 21.35
CA ALA A 237 -5.32 -21.07 21.79
C ALA A 237 -5.30 -19.68 22.44
N PRO A 238 -5.94 -18.65 21.84
CA PRO A 238 -6.02 -17.35 22.55
C PRO A 238 -7.03 -17.24 23.71
N ARG A 239 -8.01 -18.16 23.79
CA ARG A 239 -9.09 -18.14 24.83
C ARG A 239 -9.48 -19.59 25.22
N CYS A 240 -10.28 -19.75 26.28
CA CYS A 240 -10.78 -21.09 26.70
C CYS A 240 -12.30 -21.21 26.44
N PRO A 241 -12.69 -22.09 25.47
CA PRO A 241 -14.06 -22.24 25.02
C PRO A 241 -14.89 -23.37 25.66
N PHE A 242 -14.34 -24.08 26.66
CA PHE A 242 -15.03 -25.29 27.18
C PHE A 242 -14.58 -25.57 28.63
N PRO A 243 -15.50 -26.08 29.49
CA PRO A 243 -15.07 -26.44 30.86
C PRO A 243 -14.00 -27.55 30.86
N THR A 244 -12.86 -27.30 31.51
CA THR A 244 -11.67 -28.14 31.30
C THR A 244 -11.69 -29.48 32.07
N ARG A 245 -12.70 -29.67 32.93
CA ARG A 245 -12.93 -30.96 33.61
C ARG A 245 -14.26 -31.64 33.26
N HIS A 246 -14.95 -31.16 32.24
CA HIS A 246 -16.10 -31.87 31.68
C HIS A 246 -15.63 -33.23 31.14
N PRO A 247 -16.47 -34.29 31.28
CA PRO A 247 -15.97 -35.60 30.81
C PRO A 247 -15.61 -35.70 29.32
N CYS A 248 -16.19 -34.85 28.49
CA CYS A 248 -15.85 -34.89 27.06
C CYS A 248 -14.48 -34.23 26.71
N PHE A 249 -13.92 -33.45 27.65
CA PHE A 249 -12.77 -32.58 27.31
C PHE A 249 -11.50 -33.40 27.17
N ARG A 250 -10.81 -33.18 26.05
CA ARG A 250 -9.57 -33.86 25.76
C ARG A 250 -8.31 -32.95 25.69
N GLY A 251 -8.44 -31.65 25.97
CA GLY A 251 -7.28 -30.76 26.07
C GLY A 251 -6.92 -29.89 24.86
N LEU A 252 -5.77 -29.21 24.98
CA LEU A 252 -5.20 -28.37 23.94
C LEU A 252 -4.53 -29.23 22.88
N MET A 253 -4.89 -29.05 21.61
CA MET A 253 -4.17 -29.75 20.54
C MET A 253 -2.75 -29.17 20.34
N PRO A 254 -1.73 -30.03 20.19
CA PRO A 254 -0.40 -29.53 19.84
C PRO A 254 -0.42 -28.89 18.46
N ALA A 255 0.39 -27.84 18.25
CA ALA A 255 0.26 -26.97 17.07
C ALA A 255 1.12 -27.50 15.88
N GLY A 256 0.81 -28.73 15.47
CA GLY A 256 1.54 -29.42 14.40
C GLY A 256 0.64 -30.21 13.47
N ILE A 257 1.00 -30.23 12.18
CA ILE A 257 0.18 -30.85 11.16
C ILE A 257 -0.04 -32.37 11.46
N ALA A 258 1.05 -33.11 11.59
CA ALA A 258 0.96 -34.56 11.82
C ALA A 258 0.33 -34.92 13.18
N ALA A 259 0.69 -34.17 14.22
CA ALA A 259 0.11 -34.38 15.55
C ALA A 259 -1.42 -34.31 15.55
N ILE A 260 -1.97 -33.30 14.84
CA ILE A 260 -3.43 -33.11 14.79
C ILE A 260 -4.14 -34.20 13.96
N SER A 261 -3.56 -34.61 12.82
CA SER A 261 -4.18 -35.68 12.02
C SER A 261 -4.19 -37.03 12.78
N GLN A 262 -3.16 -37.27 13.59
CA GLN A 262 -3.12 -38.49 14.43
C GLN A 262 -4.19 -38.47 15.51
N LEU A 263 -4.39 -37.32 16.16
CA LEU A 263 -5.45 -37.18 17.15
C LEU A 263 -6.83 -37.44 16.58
N LEU A 264 -7.05 -36.99 15.35
CA LEU A 264 -8.37 -37.09 14.72
C LEU A 264 -8.62 -38.44 14.02
N GLU A 265 -7.63 -39.33 14.03
CA GLU A 265 -7.75 -40.67 13.39
C GLU A 265 -8.86 -41.50 14.01
N GLY A 266 -9.67 -42.09 13.15
CA GLY A 266 -10.78 -42.96 13.56
C GLY A 266 -12.10 -42.23 13.74
N HIS A 267 -12.05 -40.90 13.68
CA HIS A 267 -13.24 -40.10 13.78
C HIS A 267 -13.72 -39.77 12.38
N ASP A 268 -14.92 -40.22 12.08
CA ASP A 268 -15.47 -40.10 10.73
C ASP A 268 -15.96 -38.70 10.35
N VAL A 269 -16.45 -37.93 11.33
CA VAL A 269 -16.85 -36.52 11.14
C VAL A 269 -16.21 -35.70 12.27
N VAL A 270 -15.51 -34.62 11.90
CA VAL A 270 -14.91 -33.66 12.85
C VAL A 270 -15.55 -32.28 12.57
N LEU A 271 -16.21 -31.74 13.59
CA LEU A 271 -16.89 -30.47 13.51
C LEU A 271 -16.01 -29.45 14.22
N VAL A 272 -15.53 -28.45 13.47
CA VAL A 272 -14.73 -27.36 14.07
C VAL A 272 -15.59 -26.08 14.16
N ILE A 273 -15.60 -25.43 15.32
CA ILE A 273 -16.42 -24.23 15.56
C ILE A 273 -15.57 -23.08 16.10
N GLY A 274 -15.54 -21.94 15.40
CA GLY A 274 -14.89 -20.74 15.96
C GLY A 274 -13.36 -20.70 15.98
N ALA A 275 -12.73 -21.47 15.09
CA ALA A 275 -11.27 -21.52 14.98
C ALA A 275 -10.78 -21.45 13.53
N PRO A 276 -9.53 -20.96 13.31
CA PRO A 276 -8.89 -21.20 12.02
C PRO A 276 -8.55 -22.68 11.92
N VAL A 277 -8.45 -23.18 10.69
CA VAL A 277 -8.07 -24.57 10.41
C VAL A 277 -6.67 -24.57 9.75
N PHE A 278 -5.59 -24.78 10.50
CA PHE A 278 -5.48 -24.66 11.96
C PHE A 278 -4.29 -23.72 12.22
N ARG A 279 -4.24 -23.15 13.42
CA ARG A 279 -3.10 -22.26 13.79
C ARG A 279 -1.88 -23.06 14.26
N TYR A 280 -1.22 -23.73 13.32
CA TYR A 280 0.00 -24.47 13.59
C TYR A 280 1.16 -23.49 13.97
N HIS A 281 2.24 -24.02 14.54
CA HIS A 281 3.37 -23.18 14.99
C HIS A 281 4.68 -23.87 14.56
N GLN A 282 5.07 -24.91 15.30
CA GLN A 282 6.19 -25.76 14.87
C GLN A 282 5.89 -26.40 13.51
N TYR A 283 6.92 -26.67 12.72
CA TYR A 283 6.74 -27.40 11.46
C TYR A 283 6.87 -28.92 11.73
N ASP A 284 5.75 -29.63 11.56
CA ASP A 284 5.56 -31.04 11.93
C ASP A 284 4.87 -31.69 10.73
N PRO A 285 5.61 -31.85 9.62
CA PRO A 285 5.01 -32.19 8.34
C PRO A 285 4.36 -33.59 8.33
N GLY A 286 3.33 -33.72 7.52
CA GLY A 286 2.55 -34.96 7.41
C GLY A 286 1.23 -34.70 6.75
N GLN A 287 0.24 -35.54 7.05
CA GLN A 287 -1.10 -35.47 6.46
C GLN A 287 -1.99 -34.44 7.18
N TYR A 288 -2.74 -33.63 6.42
CA TYR A 288 -3.63 -32.64 7.07
C TYR A 288 -4.76 -33.38 7.82
N LEU A 289 -5.30 -34.41 7.18
CA LEU A 289 -6.26 -35.38 7.75
C LEU A 289 -5.98 -36.78 7.19
N LYS A 290 -6.24 -37.80 7.99
CA LYS A 290 -6.11 -39.18 7.52
C LYS A 290 -7.35 -39.62 6.74
N PRO A 291 -7.23 -40.69 5.93
CA PRO A 291 -8.37 -41.09 5.12
C PRO A 291 -9.57 -41.48 5.98
N GLY A 292 -10.76 -41.29 5.47
CA GLY A 292 -11.95 -41.61 6.27
C GLY A 292 -12.27 -40.67 7.44
N THR A 293 -11.58 -39.54 7.55
CA THR A 293 -12.06 -38.41 8.39
C THR A 293 -12.55 -37.28 7.47
N ARG A 294 -13.81 -36.83 7.64
CA ARG A 294 -14.37 -35.65 6.94
C ARG A 294 -14.39 -34.48 7.94
N LEU A 295 -13.99 -33.28 7.51
CA LEU A 295 -14.01 -32.10 8.38
C LEU A 295 -15.05 -31.08 7.91
N ILE A 296 -15.77 -30.48 8.87
CA ILE A 296 -16.73 -29.41 8.61
C ILE A 296 -16.41 -28.26 9.59
N SER A 297 -16.14 -27.06 9.04
CA SER A 297 -15.77 -25.87 9.85
C SER A 297 -16.86 -24.79 9.83
N VAL A 298 -17.22 -24.31 11.01
CA VAL A 298 -18.07 -23.14 11.15
C VAL A 298 -17.19 -21.99 11.66
N THR A 299 -17.12 -20.89 10.90
CA THR A 299 -16.20 -19.76 11.19
C THR A 299 -16.91 -18.43 10.92
N CYS A 300 -16.60 -17.39 11.69
CA CYS A 300 -17.14 -16.05 11.42
C CYS A 300 -16.32 -15.22 10.42
N ASP A 301 -15.24 -15.78 9.89
CA ASP A 301 -14.24 -14.99 9.12
C ASP A 301 -14.03 -15.59 7.71
N PRO A 302 -14.47 -14.88 6.64
CA PRO A 302 -14.21 -15.46 5.33
C PRO A 302 -12.74 -15.77 5.03
N LEU A 303 -11.79 -14.98 5.58
CA LEU A 303 -10.37 -15.22 5.35
C LEU A 303 -9.89 -16.60 5.90
N GLU A 304 -10.46 -17.02 7.03
CA GLU A 304 -10.22 -18.34 7.60
C GLU A 304 -10.81 -19.43 6.72
N ALA A 305 -12.07 -19.23 6.25
CA ALA A 305 -12.75 -20.24 5.40
C ALA A 305 -11.99 -20.46 4.09
N ALA A 306 -11.48 -19.38 3.49
CA ALA A 306 -10.75 -19.45 2.24
C ALA A 306 -9.42 -20.19 2.32
N ARG A 307 -8.66 -20.01 3.42
CA ARG A 307 -7.32 -20.55 3.52
C ARG A 307 -7.18 -21.97 4.12
N ALA A 308 -8.23 -22.51 4.74
CA ALA A 308 -8.20 -23.89 5.26
C ALA A 308 -7.79 -24.83 4.14
N PRO A 309 -6.79 -25.69 4.37
CA PRO A 309 -6.35 -26.62 3.29
C PRO A 309 -7.22 -27.88 3.10
N MET A 310 -8.27 -28.02 3.90
CA MET A 310 -9.15 -29.19 3.82
C MET A 310 -10.52 -28.88 4.42
N GLY A 311 -11.52 -29.68 4.03
CA GLY A 311 -12.86 -29.66 4.64
C GLY A 311 -13.85 -28.69 4.01
N ASP A 312 -15.13 -28.86 4.35
CA ASP A 312 -16.16 -27.89 4.03
C ASP A 312 -16.17 -26.78 5.10
N ALA A 313 -16.80 -25.67 4.77
CA ALA A 313 -16.90 -24.51 5.66
C ALA A 313 -18.22 -23.80 5.49
N ILE A 314 -18.65 -23.18 6.58
CA ILE A 314 -19.82 -22.31 6.63
C ILE A 314 -19.45 -21.00 7.33
N VAL A 315 -19.69 -19.86 6.68
CA VAL A 315 -19.35 -18.55 7.25
C VAL A 315 -20.60 -17.93 7.88
N ALA A 316 -20.60 -17.83 9.20
CA ALA A 316 -21.73 -17.32 9.95
C ALA A 316 -21.37 -16.92 11.38
N ASP A 317 -22.37 -16.42 12.13
CA ASP A 317 -22.16 -16.03 13.54
C ASP A 317 -22.04 -17.28 14.44
N ILE A 318 -21.03 -17.30 15.31
CA ILE A 318 -20.78 -18.49 16.12
C ILE A 318 -21.90 -18.68 17.16
N GLY A 319 -22.34 -17.60 17.78
CA GLY A 319 -23.44 -17.70 18.76
C GLY A 319 -24.70 -18.28 18.16
N ALA A 320 -25.09 -17.74 17.00
CA ALA A 320 -26.29 -18.23 16.32
C ALA A 320 -26.21 -19.70 15.89
N MET A 321 -25.08 -20.10 15.31
CA MET A 321 -24.92 -21.50 14.83
C MET A 321 -24.81 -22.53 15.96
N ALA A 322 -24.09 -22.17 17.03
CA ALA A 322 -23.97 -23.06 18.18
C ALA A 322 -25.33 -23.36 18.83
N SER A 323 -26.12 -22.32 19.02
CA SER A 323 -27.44 -22.48 19.61
C SER A 323 -28.34 -23.34 18.74
N ALA A 324 -28.36 -23.05 17.43
CA ALA A 324 -29.20 -23.82 16.51
C ALA A 324 -28.84 -25.32 16.48
N LEU A 325 -27.55 -25.61 16.33
CA LEU A 325 -27.13 -27.02 16.29
C LEU A 325 -27.42 -27.74 17.60
N ALA A 326 -27.12 -27.09 18.73
CA ALA A 326 -27.31 -27.73 20.04
C ALA A 326 -28.77 -28.17 20.26
N ASN A 327 -29.69 -27.39 19.70
CA ASN A 327 -31.12 -27.63 19.92
C ASN A 327 -31.76 -28.58 18.91
N LEU A 328 -31.09 -28.81 17.77
CA LEU A 328 -31.66 -29.63 16.68
C LEU A 328 -31.17 -31.08 16.62
N VAL A 329 -29.95 -31.35 17.09
CA VAL A 329 -29.38 -32.72 16.99
C VAL A 329 -30.07 -33.71 17.94
N GLU A 330 -30.16 -34.97 17.51
CA GLU A 330 -30.75 -36.02 18.33
CA GLU A 330 -30.74 -36.06 18.30
C GLU A 330 -29.80 -36.45 19.44
N GLU A 331 -30.38 -37.02 20.49
CA GLU A 331 -29.63 -37.63 21.58
C GLU A 331 -29.10 -39.00 21.09
N SER A 332 -27.77 -39.12 21.00
CA SER A 332 -27.14 -40.37 20.52
C SER A 332 -27.28 -41.52 21.53
N SER A 333 -27.36 -42.74 21.00
CA SER A 333 -27.39 -43.96 21.85
C SER A 333 -26.01 -44.50 22.24
N ARG A 334 -24.94 -43.82 21.83
CA ARG A 334 -23.59 -44.23 22.20
C ARG A 334 -23.27 -43.82 23.65
N GLN A 335 -22.11 -44.24 24.16
CA GLN A 335 -21.72 -43.96 25.56
C GLN A 335 -20.97 -42.63 25.65
N LEU A 336 -21.24 -41.86 26.71
CA LEU A 336 -20.52 -40.60 26.94
C LEU A 336 -19.03 -40.89 27.17
N PRO A 337 -18.11 -40.06 26.60
CA PRO A 337 -16.69 -40.20 26.91
C PRO A 337 -16.39 -40.21 28.42
N THR A 338 -15.37 -41.00 28.81
CA THR A 338 -14.92 -40.96 30.20
CA THR A 338 -14.80 -41.04 30.18
C THR A 338 -13.89 -39.84 30.41
N ALA A 339 -13.98 -39.19 31.58
CA ALA A 339 -13.15 -38.01 31.89
C ALA A 339 -11.67 -38.35 31.87
N ALA A 340 -10.85 -37.40 31.44
CA ALA A 340 -9.41 -37.55 31.51
C ALA A 340 -9.01 -37.72 32.98
N PRO A 341 -8.01 -38.56 33.26
CA PRO A 341 -7.53 -38.69 34.64
C PRO A 341 -6.82 -37.44 35.13
N GLU A 342 -6.72 -37.29 36.44
CA GLU A 342 -5.99 -36.17 37.03
C GLU A 342 -4.50 -36.28 36.67
N PRO A 343 -3.82 -35.14 36.39
CA PRO A 343 -2.39 -35.26 36.15
C PRO A 343 -1.62 -35.67 37.41
N ALA A 344 -0.46 -36.29 37.23
CA ALA A 344 0.34 -36.76 38.37
C ALA A 344 1.03 -35.59 39.07
N LYS A 345 1.30 -35.73 40.36
CA LYS A 345 2.04 -34.71 41.10
C LYS A 345 3.53 -34.97 40.93
N VAL A 346 4.29 -33.97 40.45
CA VAL A 346 5.72 -34.14 40.23
C VAL A 346 6.49 -33.91 41.53
N ASP A 347 7.63 -34.57 41.67
CA ASP A 347 8.43 -34.46 42.89
C ASP A 347 8.95 -33.00 43.02
N GLN A 348 8.94 -32.50 44.26
CA GLN A 348 9.34 -31.13 44.54
C GLN A 348 10.10 -31.07 45.86
N ASP A 349 11.35 -30.64 45.79
CA ASP A 349 12.17 -30.44 46.99
C ASP A 349 11.94 -29.04 47.58
N ALA A 350 12.74 -28.66 48.57
CA ALA A 350 12.57 -27.38 49.27
C ALA A 350 13.24 -26.17 48.58
N GLY A 351 13.64 -26.31 47.32
CA GLY A 351 14.30 -25.22 46.57
C GLY A 351 13.43 -24.64 45.46
N ARG A 352 14.04 -24.33 44.32
CA ARG A 352 13.31 -23.62 43.22
C ARG A 352 12.10 -24.44 42.75
N LEU A 353 11.06 -23.72 42.32
CA LEU A 353 9.76 -24.31 42.02
C LEU A 353 9.69 -24.90 40.61
N HIS A 354 9.16 -26.12 40.46
CA HIS A 354 8.82 -26.63 39.13
C HIS A 354 7.55 -25.89 38.72
N PRO A 355 7.42 -25.53 37.44
CA PRO A 355 6.16 -24.97 36.96
C PRO A 355 4.90 -25.77 37.35
N GLU A 356 4.97 -27.11 37.21
CA GLU A 356 3.87 -27.97 37.62
C GLU A 356 3.39 -27.71 39.05
N THR A 357 4.34 -27.52 39.97
CA THR A 357 3.94 -27.16 41.34
C THR A 357 3.20 -25.83 41.43
N VAL A 358 3.66 -24.83 40.67
CA VAL A 358 3.01 -23.52 40.68
C VAL A 358 1.54 -23.67 40.23
N PHE A 359 1.30 -24.40 39.13
CA PHE A 359 -0.06 -24.56 38.63
C PHE A 359 -0.95 -25.38 39.57
N ASP A 360 -0.41 -26.42 40.19
CA ASP A 360 -1.20 -27.22 41.15
C ASP A 360 -1.59 -26.34 42.36
N THR A 361 -0.64 -25.55 42.85
CA THR A 361 -0.91 -24.62 43.96
C THR A 361 -1.96 -23.54 43.61
N LEU A 362 -1.83 -22.87 42.45
CA LEU A 362 -2.88 -21.96 41.99
C LEU A 362 -4.26 -22.67 41.93
N ASN A 363 -4.30 -23.88 41.37
CA ASN A 363 -5.58 -24.60 41.25
C ASN A 363 -6.23 -24.90 42.62
N ASP A 364 -5.42 -25.24 43.60
CA ASP A 364 -5.90 -25.50 44.95
C ASP A 364 -6.40 -24.26 45.69
N MET A 365 -5.79 -23.08 45.42
CA MET A 365 -6.04 -21.87 46.22
C MET A 365 -6.93 -20.79 45.59
N ALA A 366 -6.93 -20.72 44.26
CA ALA A 366 -7.63 -19.65 43.56
C ALA A 366 -9.15 -19.85 43.57
N PRO A 367 -9.92 -18.74 43.49
CA PRO A 367 -11.38 -18.89 43.39
C PRO A 367 -11.80 -19.66 42.13
N GLU A 368 -12.95 -20.34 42.19
CA GLU A 368 -13.41 -21.11 41.03
CA GLU A 368 -13.45 -21.10 41.02
C GLU A 368 -13.75 -20.23 39.82
N ASN A 369 -13.95 -18.93 40.05
CA ASN A 369 -14.20 -17.96 38.99
C ASN A 369 -13.00 -17.03 38.70
N ALA A 370 -11.79 -17.43 39.08
CA ALA A 370 -10.58 -16.71 38.64
C ALA A 370 -10.49 -16.59 37.11
N ILE A 371 -9.75 -15.59 36.66
CA ILE A 371 -9.42 -15.40 35.24
C ILE A 371 -7.89 -15.40 35.13
N TYR A 372 -7.37 -16.28 34.27
CA TYR A 372 -5.93 -16.46 34.08
C TYR A 372 -5.49 -15.82 32.75
N LEU A 373 -4.29 -15.22 32.74
CA LEU A 373 -3.57 -14.89 31.50
C LEU A 373 -2.21 -15.61 31.47
N ASN A 374 -1.82 -16.05 30.27
CA ASN A 374 -0.60 -16.81 30.04
C ASN A 374 0.39 -16.10 29.12
N GLU A 375 1.56 -15.76 29.64
CA GLU A 375 2.72 -15.38 28.78
C GLU A 375 4.03 -15.97 29.36
N SER A 376 3.92 -17.22 29.79
CA SER A 376 5.02 -18.07 30.28
C SER A 376 5.19 -19.15 29.22
N THR A 377 6.03 -18.87 28.24
CA THR A 377 5.93 -19.54 26.95
C THR A 377 6.38 -21.03 26.97
N SER A 378 7.20 -21.42 27.94
CA SER A 378 7.69 -22.83 28.00
C SER A 378 6.81 -23.75 28.82
N THR A 379 5.77 -23.19 29.44
CA THR A 379 4.92 -23.95 30.43
C THR A 379 3.43 -24.10 30.07
N THR A 380 3.06 -23.72 28.83
CA THR A 380 1.68 -23.70 28.43
C THR A 380 0.94 -25.06 28.50
N ALA A 381 1.56 -26.13 28.01
CA ALA A 381 0.90 -27.47 28.02
C ALA A 381 0.56 -27.88 29.46
N GLN A 382 1.50 -27.66 30.36
CA GLN A 382 1.22 -28.00 31.78
C GLN A 382 0.15 -27.12 32.42
N MET A 383 0.13 -25.81 32.10
CA MET A 383 -0.95 -24.92 32.54
C MET A 383 -2.34 -25.47 32.14
N TRP A 384 -2.50 -25.84 30.87
CA TRP A 384 -3.79 -26.33 30.40
C TRP A 384 -4.22 -27.63 31.11
N GLN A 385 -3.27 -28.47 31.48
CA GLN A 385 -3.59 -29.75 32.17
C GLN A 385 -3.97 -29.57 33.64
N ARG A 386 -3.45 -28.53 34.28
CA ARG A 386 -3.48 -28.41 35.75
C ARG A 386 -4.46 -27.37 36.30
N LEU A 387 -5.01 -26.49 35.45
CA LEU A 387 -6.03 -25.54 35.92
C LEU A 387 -7.44 -26.00 35.52
N ASN A 388 -8.32 -26.17 36.51
CA ASN A 388 -9.75 -26.39 36.30
C ASN A 388 -10.46 -25.05 36.05
N MET A 389 -10.82 -24.80 34.79
CA MET A 389 -11.50 -23.57 34.39
C MET A 389 -12.94 -23.93 33.97
N ARG A 390 -13.87 -23.71 34.89
CA ARG A 390 -15.29 -24.16 34.72
C ARG A 390 -16.17 -23.19 33.90
N ASN A 391 -15.76 -21.92 33.84
CA ASN A 391 -16.65 -20.83 33.40
C ASN A 391 -16.11 -20.14 32.14
N PRO A 392 -16.98 -19.46 31.38
CA PRO A 392 -16.49 -18.65 30.24
C PRO A 392 -15.55 -17.50 30.69
N GLY A 393 -14.80 -16.95 29.74
CA GLY A 393 -13.94 -15.80 29.99
C GLY A 393 -12.82 -16.02 30.99
N SER A 394 -12.28 -17.25 31.04
CA SER A 394 -11.32 -17.63 32.10
C SER A 394 -9.82 -17.69 31.71
N TYR A 395 -9.49 -17.48 30.44
CA TYR A 395 -8.12 -17.63 29.92
C TYR A 395 -7.84 -16.71 28.73
N TYR A 396 -6.67 -16.05 28.72
CA TYR A 396 -6.19 -15.23 27.56
C TYR A 396 -4.68 -15.43 27.31
N PHE A 397 -4.30 -15.59 26.04
CA PHE A 397 -2.91 -15.78 25.54
C PHE A 397 -2.74 -15.01 24.24
N CYS A 398 -1.56 -14.38 24.05
CA CYS A 398 -1.30 -13.55 22.86
C CYS A 398 -1.65 -14.24 21.55
N ALA A 399 -2.61 -13.68 20.84
CA ALA A 399 -3.24 -14.41 19.73
C ALA A 399 -2.35 -14.55 18.50
N ALA A 400 -1.39 -13.61 18.33
CA ALA A 400 -0.42 -13.63 17.25
C ALA A 400 0.98 -14.01 17.77
N GLY A 401 1.04 -14.48 19.02
CA GLY A 401 2.31 -14.82 19.63
C GLY A 401 3.24 -13.65 19.91
N GLY A 402 2.70 -12.41 19.90
CA GLY A 402 3.50 -11.18 20.18
C GLY A 402 3.61 -10.89 21.67
N LEU A 403 4.82 -10.94 22.19
CA LEU A 403 5.02 -10.73 23.61
C LEU A 403 4.84 -9.26 23.94
N GLY A 404 4.44 -9.00 25.20
CA GLY A 404 3.99 -7.67 25.64
C GLY A 404 2.48 -7.50 25.78
N PHE A 405 1.74 -8.60 25.56
CA PHE A 405 0.26 -8.64 25.67
C PHE A 405 -0.27 -8.83 27.08
N ALA A 406 0.18 -9.89 27.79
CA ALA A 406 -0.52 -10.37 28.99
C ALA A 406 -0.46 -9.38 30.15
N LEU A 407 0.67 -8.68 30.29
CA LEU A 407 0.84 -7.74 31.40
C LEU A 407 -0.20 -6.60 31.31
N PRO A 408 -0.19 -5.80 30.22
CA PRO A 408 -1.26 -4.78 30.08
C PRO A 408 -2.68 -5.37 29.93
N ALA A 409 -2.83 -6.44 29.17
CA ALA A 409 -4.19 -7.01 28.99
C ALA A 409 -4.83 -7.44 30.32
N ALA A 410 -4.02 -7.94 31.27
CA ALA A 410 -4.54 -8.39 32.58
C ALA A 410 -5.17 -7.22 33.35
N ILE A 411 -4.59 -6.02 33.16
CA ILE A 411 -5.13 -4.79 33.76
C ILE A 411 -6.49 -4.40 33.14
N GLY A 412 -6.62 -4.52 31.82
CA GLY A 412 -7.88 -4.26 31.17
C GLY A 412 -8.97 -5.27 31.46
N VAL A 413 -8.60 -6.56 31.52
CA VAL A 413 -9.55 -7.61 31.93
C VAL A 413 -10.05 -7.31 33.35
N GLN A 414 -9.13 -6.98 34.27
CA GLN A 414 -9.53 -6.72 35.66
C GLN A 414 -10.44 -5.48 35.77
N LEU A 415 -10.20 -4.45 34.93
CA LEU A 415 -11.04 -3.25 34.87
C LEU A 415 -12.47 -3.67 34.38
N ALA A 416 -12.54 -4.60 33.43
CA ALA A 416 -13.82 -5.04 32.88
C ALA A 416 -14.63 -5.96 33.81
N GLU A 417 -13.92 -6.70 34.68
CA GLU A 417 -14.50 -7.77 35.53
C GLU A 417 -14.06 -7.55 36.98
N PRO A 418 -14.56 -6.47 37.59
CA PRO A 418 -14.13 -6.17 38.96
C PRO A 418 -14.42 -7.22 40.01
N GLU A 419 -15.41 -8.09 39.80
CA GLU A 419 -15.76 -9.14 40.78
C GLU A 419 -15.11 -10.52 40.56
N ARG A 420 -14.23 -10.64 39.55
CA ARG A 420 -13.47 -11.87 39.28
C ARG A 420 -11.96 -11.58 39.44
N GLN A 421 -11.25 -12.37 40.26
CA GLN A 421 -9.81 -12.16 40.45
C GLN A 421 -8.99 -12.58 39.23
N VAL A 422 -8.27 -11.60 38.66
CA VAL A 422 -7.35 -11.83 37.55
C VAL A 422 -5.95 -12.17 38.05
N ILE A 423 -5.38 -13.25 37.48
CA ILE A 423 -4.06 -13.76 37.84
C ILE A 423 -3.26 -13.97 36.53
N ALA A 424 -2.25 -13.14 36.33
CA ALA A 424 -1.43 -13.19 35.11
C ALA A 424 -0.10 -13.91 35.37
N VAL A 425 0.11 -15.04 34.67
CA VAL A 425 1.32 -15.85 34.81
C VAL A 425 2.25 -15.55 33.63
N ILE A 426 3.36 -14.87 33.90
CA ILE A 426 4.19 -14.19 32.88
C ILE A 426 5.67 -14.56 33.08
N GLY A 427 6.35 -14.95 32.01
CA GLY A 427 7.78 -15.22 32.11
C GLY A 427 8.67 -14.00 32.31
N ASP A 428 9.88 -14.25 32.81
CA ASP A 428 10.85 -13.15 33.06
C ASP A 428 11.22 -12.40 31.77
N GLY A 429 11.36 -13.09 30.67
CA GLY A 429 11.65 -12.37 29.41
C GLY A 429 10.48 -11.54 28.93
N SER A 430 9.28 -12.17 28.93
CA SER A 430 8.05 -11.56 28.43
C SER A 430 7.63 -10.31 29.24
N ALA A 431 7.99 -10.29 30.52
CA ALA A 431 7.61 -9.17 31.39
C ALA A 431 8.14 -7.79 30.94
N ASN A 432 9.31 -7.78 30.27
CA ASN A 432 9.96 -6.51 29.96
C ASN A 432 9.35 -5.77 28.78
N TYR A 433 8.70 -6.49 27.85
CA TYR A 433 8.24 -5.82 26.62
C TYR A 433 7.29 -4.63 26.93
N SER A 434 6.37 -4.83 27.90
CA SER A 434 5.39 -3.84 28.28
C SER A 434 5.42 -3.57 29.82
N ILE A 435 6.63 -3.50 30.38
CA ILE A 435 6.82 -3.35 31.83
C ILE A 435 6.14 -2.08 32.41
N SER A 436 6.16 -0.95 31.67
CA SER A 436 5.60 0.32 32.18
C SER A 436 4.07 0.28 32.42
N ALA A 437 3.37 -0.74 31.89
CA ALA A 437 1.94 -0.92 32.17
C ALA A 437 1.61 -1.05 33.67
N LEU A 438 2.57 -1.56 34.45
CA LEU A 438 2.40 -1.65 35.88
C LEU A 438 1.92 -0.33 36.50
N TRP A 439 2.46 0.80 36.00
CA TRP A 439 2.09 2.11 36.54
C TRP A 439 0.55 2.37 36.51
N THR A 440 -0.10 1.94 35.43
CA THR A 440 -1.50 2.14 35.27
C THR A 440 -2.30 1.34 36.31
N ALA A 441 -1.88 0.12 36.61
CA ALA A 441 -2.55 -0.64 37.69
C ALA A 441 -2.40 0.10 39.05
N ALA A 442 -1.22 0.66 39.30
CA ALA A 442 -0.99 1.46 40.53
C ALA A 442 -1.83 2.73 40.59
N GLN A 443 -1.77 3.54 39.52
CA GLN A 443 -2.47 4.83 39.57
C GLN A 443 -3.99 4.72 39.68
N TYR A 444 -4.59 3.72 39.02
CA TYR A 444 -6.05 3.52 39.06
C TYR A 444 -6.52 2.44 40.08
N ASN A 445 -5.57 1.91 40.86
CA ASN A 445 -5.82 0.86 41.86
C ASN A 445 -6.62 -0.33 41.32
N ILE A 446 -6.14 -0.86 40.19
CA ILE A 446 -6.71 -2.05 39.56
C ILE A 446 -5.98 -3.30 40.09
N PRO A 447 -6.69 -4.17 40.86
CA PRO A 447 -6.01 -5.18 41.73
C PRO A 447 -5.62 -6.51 41.06
N THR A 448 -5.06 -6.39 39.87
CA THR A 448 -4.47 -7.55 39.18
C THR A 448 -3.33 -8.16 40.00
N ILE A 449 -3.23 -9.50 39.97
CA ILE A 449 -2.08 -10.21 40.54
C ILE A 449 -1.17 -10.65 39.39
N PHE A 450 0.13 -10.27 39.44
CA PHE A 450 1.15 -10.65 38.45
C PHE A 450 2.13 -11.69 39.03
N VAL A 451 2.18 -12.88 38.42
CA VAL A 451 3.04 -13.95 38.92
C VAL A 451 4.19 -14.09 37.92
N ILE A 452 5.38 -13.57 38.27
CA ILE A 452 6.52 -13.66 37.36
C ILE A 452 7.29 -15.00 37.52
N MET A 453 7.36 -15.75 36.43
CA MET A 453 8.07 -17.03 36.44
C MET A 453 9.56 -16.79 36.07
N ASN A 454 10.43 -16.65 37.09
CA ASN A 454 11.83 -16.28 36.81
C ASN A 454 12.77 -17.49 36.70
N ASN A 455 13.00 -17.93 35.47
CA ASN A 455 13.95 -19.01 35.15
C ASN A 455 15.29 -18.49 34.57
N GLY A 456 15.42 -17.16 34.46
CA GLY A 456 16.65 -16.52 33.98
C GLY A 456 16.91 -16.53 32.47
N THR A 457 15.93 -16.98 31.67
CA THR A 457 16.20 -17.27 30.26
C THR A 457 14.96 -17.17 29.42
N TYR A 458 15.17 -17.10 28.10
CA TYR A 458 14.12 -17.26 27.12
C TYR A 458 13.93 -18.78 26.90
N GLY A 459 13.23 -19.44 27.83
CA GLY A 459 13.18 -20.92 27.91
C GLY A 459 12.68 -21.65 26.65
N ALA A 460 11.58 -21.12 26.11
CA ALA A 460 10.92 -21.67 24.90
C ALA A 460 11.86 -21.65 23.72
N LEU A 461 12.69 -20.59 23.64
CA LEU A 461 13.69 -20.46 22.58
C LEU A 461 14.81 -21.48 22.70
N ARG A 462 15.33 -21.66 23.92
CA ARG A 462 16.31 -22.70 24.17
C ARG A 462 15.77 -24.08 23.77
N TRP A 463 14.51 -24.36 24.10
CA TRP A 463 13.91 -25.64 23.72
CA TRP A 463 13.90 -25.63 23.73
C TRP A 463 13.84 -25.81 22.20
N PHE A 464 13.40 -24.76 21.50
CA PHE A 464 13.33 -24.78 20.03
C PHE A 464 14.73 -25.01 19.42
N ALA A 465 15.73 -24.32 19.94
CA ALA A 465 17.10 -24.43 19.41
C ALA A 465 17.61 -25.86 19.56
N GLY A 466 17.36 -26.46 20.73
CA GLY A 466 17.74 -27.87 21.01
C GLY A 466 17.10 -28.87 20.05
N VAL A 467 15.83 -28.66 19.72
CA VAL A 467 15.14 -29.50 18.76
C VAL A 467 15.79 -29.42 17.37
N LEU A 468 16.16 -28.22 16.96
CA LEU A 468 16.83 -28.01 15.67
C LEU A 468 18.34 -28.28 15.76
N GLU A 469 18.83 -28.57 16.96
CA GLU A 469 20.25 -28.66 17.25
C GLU A 469 21.02 -27.44 16.70
N ALA A 470 20.38 -26.27 16.79
CA ALA A 470 21.03 -25.00 16.48
C ALA A 470 21.97 -24.64 17.63
N GLU A 471 23.27 -24.58 17.35
CA GLU A 471 24.33 -24.34 18.34
C GLU A 471 24.89 -22.93 18.18
N ASN A 472 25.54 -22.40 19.22
CA ASN A 472 26.20 -21.07 19.16
C ASN A 472 25.26 -19.90 18.80
N VAL A 473 24.02 -19.97 19.29
CA VAL A 473 23.04 -18.90 19.12
C VAL A 473 23.20 -17.87 20.25
N PRO A 474 23.38 -16.58 19.90
CA PRO A 474 23.45 -15.53 20.93
C PRO A 474 22.08 -15.06 21.43
N GLY A 475 22.07 -14.41 22.60
CA GLY A 475 20.93 -13.68 23.08
C GLY A 475 19.80 -14.43 23.73
N LEU A 476 20.06 -15.66 24.19
CA LEU A 476 19.00 -16.51 24.76
C LEU A 476 18.77 -16.35 26.27
N ASP A 477 19.69 -15.71 26.98
CA ASP A 477 19.58 -15.54 28.42
C ASP A 477 19.40 -14.09 28.85
N VAL A 478 18.63 -13.89 29.91
CA VAL A 478 18.28 -12.56 30.43
C VAL A 478 18.57 -12.43 31.95
N PRO A 479 19.84 -12.60 32.35
CA PRO A 479 20.19 -12.51 33.76
C PRO A 479 20.15 -11.08 34.27
N GLY A 480 20.08 -10.93 35.60
CA GLY A 480 20.27 -9.64 36.21
C GLY A 480 19.13 -8.64 36.19
N ILE A 481 17.90 -9.15 36.19
CA ILE A 481 16.68 -8.35 36.32
C ILE A 481 16.05 -8.59 37.69
N ASP A 482 15.82 -7.49 38.39
CA ASP A 482 15.25 -7.49 39.76
C ASP A 482 13.80 -7.03 39.64
N PHE A 483 12.87 -8.00 39.56
CA PHE A 483 11.44 -7.68 39.33
C PHE A 483 10.76 -6.97 40.49
N ARG A 484 11.20 -7.25 41.71
CA ARG A 484 10.68 -6.50 42.85
C ARG A 484 11.03 -5.00 42.79
N ALA A 485 12.25 -4.67 42.33
CA ALA A 485 12.62 -3.27 42.11
C ALA A 485 11.83 -2.61 40.99
N LEU A 486 11.60 -3.32 39.88
CA LEU A 486 10.77 -2.77 38.80
C LEU A 486 9.35 -2.42 39.31
N ALA A 487 8.75 -3.35 40.06
CA ALA A 487 7.44 -3.13 40.66
C ALA A 487 7.44 -1.86 41.55
N LYS A 488 8.42 -1.75 42.45
CA LYS A 488 8.58 -0.54 43.28
C LYS A 488 8.73 0.74 42.43
N GLY A 489 9.51 0.65 41.34
CA GLY A 489 9.67 1.77 40.41
C GLY A 489 8.33 2.34 39.91
N TYR A 490 7.33 1.48 39.74
CA TYR A 490 6.03 1.91 39.25
C TYR A 490 4.89 1.90 40.31
N GLY A 491 5.23 1.68 41.60
CA GLY A 491 4.28 1.82 42.71
C GLY A 491 3.41 0.60 43.05
N VAL A 492 3.85 -0.58 42.58
CA VAL A 492 3.15 -1.85 42.82
C VAL A 492 3.86 -2.67 43.90
N GLN A 493 3.07 -3.17 44.86
CA GLN A 493 3.55 -4.01 45.96
C GLN A 493 4.29 -5.21 45.42
N ALA A 494 5.40 -5.60 46.06
CA ALA A 494 6.33 -6.60 45.49
C ALA A 494 6.63 -7.68 46.51
N LEU A 495 6.25 -8.93 46.21
CA LEU A 495 6.51 -10.10 47.07
C LEU A 495 7.43 -11.09 46.36
N LYS A 496 8.05 -12.00 47.12
CA LYS A 496 8.90 -13.06 46.52
C LYS A 496 8.42 -14.47 46.86
N ALA A 497 8.78 -15.44 46.02
CA ALA A 497 8.55 -16.85 46.34
C ALA A 497 9.74 -17.69 45.86
N ASP A 498 10.61 -18.05 46.80
CA ASP A 498 11.82 -18.82 46.48
C ASP A 498 11.69 -20.32 46.74
N ASN A 499 10.60 -20.73 47.40
CA ASN A 499 10.28 -22.14 47.66
C ASN A 499 8.75 -22.29 47.80
N LEU A 500 8.29 -23.53 47.97
CA LEU A 500 6.83 -23.84 48.02
C LEU A 500 6.09 -23.17 49.19
N GLU A 501 6.65 -23.21 50.39
CA GLU A 501 6.01 -22.52 51.50
C GLU A 501 5.88 -20.99 51.30
N GLN A 502 6.91 -20.34 50.74
CA GLN A 502 6.82 -18.92 50.40
C GLN A 502 5.77 -18.66 49.33
N LEU A 503 5.68 -19.55 48.35
CA LEU A 503 4.65 -19.42 47.30
C LEU A 503 3.24 -19.48 47.89
N LYS A 504 3.00 -20.46 48.75
CA LYS A 504 1.68 -20.58 49.40
C LYS A 504 1.37 -19.31 50.24
N GLY A 505 2.36 -18.80 50.95
CA GLY A 505 2.13 -17.58 51.77
C GLY A 505 1.87 -16.35 50.92
N SER A 506 2.72 -16.12 49.92
CA SER A 506 2.58 -14.95 49.04
C SER A 506 1.24 -14.97 48.25
N LEU A 507 0.81 -16.14 47.80
CA LEU A 507 -0.49 -16.27 47.12
C LEU A 507 -1.68 -15.95 48.02
N GLN A 508 -1.61 -16.43 49.28
CA GLN A 508 -2.68 -16.15 50.24
C GLN A 508 -2.77 -14.64 50.47
N GLU A 509 -1.61 -13.98 50.61
CA GLU A 509 -1.60 -12.54 50.80
C GLU A 509 -2.17 -11.81 49.58
N ALA A 510 -1.70 -12.20 48.40
CA ALA A 510 -2.13 -11.52 47.18
C ALA A 510 -3.64 -11.63 46.99
N LEU A 511 -4.20 -12.80 47.29
CA LEU A 511 -5.63 -12.98 47.21
C LEU A 511 -6.40 -12.06 48.18
N SER A 512 -5.81 -11.75 49.35
CA SER A 512 -6.39 -10.85 50.35
CA SER A 512 -6.45 -10.84 50.30
C SER A 512 -6.16 -9.34 50.08
N ALA A 513 -5.28 -9.01 49.12
CA ALA A 513 -4.88 -7.63 48.90
C ALA A 513 -5.93 -6.74 48.23
N LYS A 514 -5.83 -5.43 48.50
CA LYS A 514 -6.75 -4.45 47.92
C LYS A 514 -6.21 -3.70 46.71
N GLY A 515 -4.91 -3.78 46.47
CA GLY A 515 -4.29 -3.19 45.28
C GLY A 515 -3.60 -4.27 44.44
N PRO A 516 -2.96 -3.84 43.35
CA PRO A 516 -2.17 -4.78 42.51
C PRO A 516 -0.98 -5.34 43.32
N VAL A 517 -0.61 -6.59 43.03
CA VAL A 517 0.51 -7.28 43.68
C VAL A 517 1.31 -8.04 42.61
N LEU A 518 2.64 -7.86 42.60
CA LEU A 518 3.55 -8.67 41.80
C LEU A 518 4.29 -9.68 42.72
N ILE A 519 4.32 -10.96 42.32
CA ILE A 519 5.08 -12.00 43.06
C ILE A 519 6.20 -12.52 42.14
N GLU A 520 7.47 -12.35 42.53
CA GLU A 520 8.60 -12.88 41.72
C GLU A 520 8.88 -14.31 42.17
N VAL A 521 8.58 -15.28 41.31
CA VAL A 521 8.79 -16.72 41.63
C VAL A 521 10.08 -17.29 41.05
N SER A 522 10.91 -17.90 41.90
CA SER A 522 12.15 -18.52 41.42
CA SER A 522 12.14 -18.54 41.44
C SER A 522 11.84 -19.92 40.86
N THR A 523 11.89 -20.08 39.52
CA THR A 523 11.52 -21.36 38.93
C THR A 523 12.73 -22.13 38.38
N VAL A 524 12.56 -23.45 38.22
CA VAL A 524 13.69 -24.30 37.79
C VAL A 524 14.20 -24.00 36.39
N ALA B 2 28.40 -23.09 -1.20
CA ALA B 2 28.12 -22.50 0.16
C ALA B 2 26.64 -22.29 0.41
N SER B 3 26.28 -22.17 1.69
CA SER B 3 24.89 -21.95 2.07
C SER B 3 24.53 -20.47 1.94
N VAL B 4 23.23 -20.19 1.91
CA VAL B 4 22.78 -18.77 1.98
C VAL B 4 23.30 -18.08 3.26
N HIS B 5 23.29 -18.81 4.38
CA HIS B 5 23.84 -18.32 5.66
C HIS B 5 25.31 -17.85 5.46
N GLY B 6 26.17 -18.74 4.97
CA GLY B 6 27.61 -18.42 4.77
C GLY B 6 27.83 -17.24 3.84
N THR B 7 27.16 -17.28 2.68
CA THR B 7 27.32 -16.22 1.68
C THR B 7 26.86 -14.85 2.20
N THR B 8 25.78 -14.84 2.96
CA THR B 8 25.23 -13.58 3.52
C THR B 8 26.17 -12.94 4.56
N TYR B 9 26.70 -13.73 5.50
CA TYR B 9 27.69 -13.17 6.45
C TYR B 9 28.99 -12.70 5.74
N GLU B 10 29.39 -13.39 4.66
CA GLU B 10 30.56 -12.89 3.89
C GLU B 10 30.25 -11.54 3.24
N LEU B 11 29.07 -11.40 2.64
CA LEU B 11 28.67 -10.08 2.06
C LEU B 11 28.69 -8.98 3.13
N LEU B 12 28.12 -9.28 4.29
CA LEU B 12 28.07 -8.28 5.36
C LEU B 12 29.50 -7.83 5.74
N ARG B 13 30.42 -8.77 6.05
CA ARG B 13 31.78 -8.38 6.48
C ARG B 13 32.55 -7.63 5.39
N ARG B 14 32.35 -8.03 4.13
CA ARG B 14 33.03 -7.36 2.99
C ARG B 14 32.54 -5.92 2.77
N GLN B 15 31.29 -5.67 3.15
CA GLN B 15 30.68 -4.34 3.13
C GLN B 15 30.86 -3.56 4.46
N GLY B 16 31.67 -4.11 5.37
CA GLY B 16 32.06 -3.43 6.62
C GLY B 16 31.17 -3.52 7.85
N ILE B 17 30.23 -4.45 7.85
CA ILE B 17 29.28 -4.67 8.93
C ILE B 17 29.84 -5.77 9.86
N ASP B 18 29.89 -5.48 11.15
CA ASP B 18 30.42 -6.47 12.12
C ASP B 18 29.61 -6.57 13.43
N THR B 19 28.44 -5.92 13.49
CA THR B 19 27.59 -5.91 14.69
C THR B 19 26.14 -6.15 14.29
N VAL B 20 25.42 -7.00 15.03
CA VAL B 20 23.98 -7.26 14.87
C VAL B 20 23.27 -6.79 16.15
N PHE B 21 22.38 -5.81 16.02
CA PHE B 21 21.49 -5.37 17.11
C PHE B 21 20.16 -6.16 17.00
N GLY B 22 19.75 -6.84 18.07
CA GLY B 22 18.57 -7.73 17.97
C GLY B 22 17.81 -8.13 19.23
N ASN B 23 16.62 -8.69 19.00
CA ASN B 23 15.81 -9.44 19.99
C ASN B 23 15.34 -10.72 19.25
N PRO B 24 15.75 -11.91 19.71
CA PRO B 24 15.63 -13.16 18.93
C PRO B 24 14.27 -13.87 19.01
N GLY B 25 14.04 -14.78 18.06
CA GLY B 25 12.87 -15.67 18.07
C GLY B 25 13.11 -16.87 17.16
N SER B 26 12.12 -17.78 17.09
CA SER B 26 12.27 -19.02 16.34
C SER B 26 12.55 -18.82 14.86
N ASN B 27 11.88 -17.85 14.23
CA ASN B 27 12.08 -17.59 12.79
C ASN B 27 13.50 -17.06 12.46
N GLU B 28 14.26 -16.66 13.49
CA GLU B 28 15.62 -16.11 13.33
C GLU B 28 16.72 -17.11 13.75
N LEU B 29 16.35 -18.25 14.36
CA LEU B 29 17.36 -19.21 14.84
C LEU B 29 18.29 -19.76 13.74
N PRO B 30 17.74 -20.08 12.55
CA PRO B 30 18.63 -20.51 11.47
C PRO B 30 19.58 -19.46 10.89
N PHE B 31 19.29 -18.18 11.16
CA PHE B 31 20.21 -17.07 10.80
C PHE B 31 21.30 -16.85 11.85
N LEU B 32 20.87 -16.89 13.12
CA LEU B 32 21.74 -16.62 14.27
C LEU B 32 22.61 -17.81 14.70
N LYS B 33 22.26 -19.04 14.34
CA LYS B 33 23.09 -20.20 14.72
C LYS B 33 24.49 -20.10 14.09
N ASP B 34 25.46 -20.78 14.70
CA ASP B 34 26.83 -20.78 14.20
C ASP B 34 27.32 -19.33 14.01
N PHE B 35 26.95 -18.46 14.95
CA PHE B 35 27.23 -17.03 14.83
C PHE B 35 28.74 -16.77 14.68
N PRO B 36 29.18 -16.05 13.62
CA PRO B 36 30.62 -15.93 13.37
C PRO B 36 31.45 -15.21 14.43
N GLU B 37 32.70 -15.67 14.58
CA GLU B 37 33.61 -15.14 15.59
C GLU B 37 34.02 -13.67 15.40
N ASP B 38 33.90 -13.14 14.18
CA ASP B 38 34.26 -11.73 13.90
C ASP B 38 33.07 -10.77 14.02
N PHE B 39 31.89 -11.31 14.36
CA PHE B 39 30.71 -10.48 14.67
C PHE B 39 30.42 -10.40 16.17
N ARG B 40 29.69 -9.36 16.56
CA ARG B 40 29.14 -9.24 17.92
C ARG B 40 27.62 -9.03 17.86
N TYR B 41 26.89 -9.62 18.82
CA TYR B 41 25.44 -9.47 18.97
C TYR B 41 25.14 -8.62 20.17
N ILE B 42 24.36 -7.56 19.97
CA ILE B 42 23.93 -6.68 21.07
C ILE B 42 22.43 -6.90 21.33
N LEU B 43 22.09 -7.52 22.46
CA LEU B 43 20.70 -7.84 22.83
C LEU B 43 20.06 -6.68 23.56
N ALA B 44 18.82 -6.39 23.21
CA ALA B 44 17.96 -5.50 23.99
C ALA B 44 16.60 -6.19 24.22
N LEU B 45 15.88 -5.78 25.27
CA LEU B 45 14.70 -6.51 25.78
C LEU B 45 13.38 -6.20 25.07
N GLN B 46 13.35 -5.18 24.21
CA GLN B 46 12.13 -4.80 23.44
C GLN B 46 12.61 -4.11 22.19
N GLU B 47 11.83 -4.22 21.13
CA GLU B 47 12.34 -3.82 19.82
C GLU B 47 12.48 -2.30 19.54
N ALA B 48 11.69 -1.46 20.22
CA ALA B 48 11.96 -0.01 20.21
C ALA B 48 13.38 0.34 20.70
N CYS B 49 13.82 -0.36 21.74
CA CYS B 49 15.16 -0.23 22.24
C CYS B 49 16.25 -0.74 21.26
N VAL B 50 16.05 -1.92 20.66
CA VAL B 50 16.96 -2.45 19.64
C VAL B 50 17.22 -1.39 18.55
N VAL B 51 16.15 -0.90 17.94
CA VAL B 51 16.30 0.07 16.87
C VAL B 51 16.88 1.42 17.35
N GLY B 52 16.47 1.94 18.52
CA GLY B 52 17.10 3.20 19.00
C GLY B 52 18.60 3.09 19.24
N ILE B 53 19.02 1.94 19.81
CA ILE B 53 20.46 1.68 20.04
C ILE B 53 21.21 1.68 18.70
N ALA B 54 20.69 0.94 17.73
CA ALA B 54 21.31 0.88 16.40
C ALA B 54 21.38 2.26 15.72
N ASP B 55 20.34 3.05 15.92
CA ASP B 55 20.20 4.41 15.32
C ASP B 55 21.29 5.33 15.88
N GLY B 56 21.44 5.39 17.21
CA GLY B 56 22.53 6.22 17.78
C GLY B 56 23.92 5.80 17.28
N TYR B 57 24.11 4.48 17.17
CA TYR B 57 25.36 3.91 16.69
C TYR B 57 25.62 4.35 15.27
N ALA B 58 24.62 4.20 14.39
CA ALA B 58 24.78 4.64 12.99
C ALA B 58 25.08 6.15 12.84
N GLN B 59 24.35 6.96 13.60
CA GLN B 59 24.48 8.43 13.51
C GLN B 59 25.88 8.89 13.96
N ALA B 60 26.37 8.35 15.08
CA ALA B 60 27.67 8.75 15.58
C ALA B 60 28.85 8.22 14.72
N SER B 61 28.75 6.96 14.27
CA SER B 61 29.77 6.28 13.45
CA SER B 61 29.78 6.31 13.46
C SER B 61 29.79 6.75 12.00
N ARG B 62 28.70 7.38 11.56
CA ARG B 62 28.53 7.82 10.17
C ARG B 62 28.67 6.63 9.19
N LYS B 63 28.05 5.50 9.56
CA LYS B 63 28.08 4.26 8.80
C LYS B 63 26.81 3.45 9.09
N PRO B 64 26.43 2.55 8.18
CA PRO B 64 25.20 1.75 8.40
C PRO B 64 25.21 0.87 9.67
N ALA B 65 24.02 0.60 10.20
CA ALA B 65 23.86 -0.35 11.31
C ALA B 65 22.87 -1.46 10.90
N PHE B 66 23.13 -2.68 11.38
CA PHE B 66 22.35 -3.91 11.03
C PHE B 66 21.48 -4.42 12.20
N ILE B 67 20.21 -4.69 11.93
CA ILE B 67 19.20 -5.01 12.94
C ILE B 67 18.52 -6.34 12.57
N ASN B 68 18.23 -7.17 13.56
CA ASN B 68 17.48 -8.45 13.35
C ASN B 68 16.31 -8.57 14.36
N LEU B 69 15.07 -8.58 13.83
CA LEU B 69 13.82 -8.63 14.60
C LEU B 69 12.96 -9.87 14.31
N HIS B 70 11.95 -10.10 15.16
CA HIS B 70 11.07 -11.32 15.07
C HIS B 70 9.73 -11.09 14.40
N SER B 71 9.64 -11.43 13.12
CA SER B 71 8.38 -11.40 12.37
C SER B 71 7.60 -10.07 12.56
N ALA B 72 6.27 -10.13 12.48
CA ALA B 72 5.43 -8.91 12.55
C ALA B 72 5.38 -8.32 13.94
N ALA B 73 5.36 -9.17 14.97
CA ALA B 73 5.31 -8.67 16.36
C ALA B 73 6.54 -7.82 16.69
N GLY B 74 7.71 -8.31 16.35
CA GLY B 74 8.96 -7.56 16.57
C GLY B 74 9.09 -6.32 15.72
N THR B 75 8.75 -6.44 14.44
CA THR B 75 8.77 -5.30 13.55
C THR B 75 7.81 -4.21 14.04
N GLY B 76 6.58 -4.61 14.36
CA GLY B 76 5.57 -3.66 14.84
C GLY B 76 5.98 -2.90 16.08
N ASN B 77 6.57 -3.61 17.05
CA ASN B 77 7.06 -2.96 18.28
C ASN B 77 8.10 -1.83 17.98
N ALA B 78 8.78 -1.90 16.83
CA ALA B 78 9.84 -0.95 16.46
C ALA B 78 9.42 0.23 15.55
N MET B 79 8.15 0.30 15.16
CA MET B 79 7.80 1.25 14.10
CA MET B 79 7.73 1.25 14.13
C MET B 79 7.79 2.73 14.55
N GLY B 80 7.62 3.01 15.85
CA GLY B 80 7.83 4.42 16.32
C GLY B 80 9.31 4.85 16.19
N ALA B 81 10.21 3.94 16.55
CA ALA B 81 11.64 4.13 16.35
C ALA B 81 12.00 4.37 14.88
N LEU B 82 11.35 3.62 13.97
CA LEU B 82 11.57 3.82 12.54
C LEU B 82 11.13 5.20 12.09
N SER B 83 10.09 5.78 12.71
CA SER B 83 9.65 7.15 12.38
CA SER B 83 9.66 7.15 12.35
C SER B 83 10.79 8.15 12.57
N ASN B 84 11.48 8.08 13.70
CA ASN B 84 12.61 8.98 13.92
C ASN B 84 13.74 8.77 12.91
N ALA B 85 14.07 7.50 12.64
CA ALA B 85 15.18 7.15 11.75
C ALA B 85 14.96 7.71 10.32
N TRP B 86 13.71 7.68 9.87
CA TRP B 86 13.36 8.30 8.57
C TRP B 86 13.71 9.77 8.54
N ASN B 87 13.30 10.52 9.56
CA ASN B 87 13.56 11.98 9.62
C ASN B 87 15.04 12.36 9.79
N SER B 88 15.83 11.50 10.45
CA SER B 88 17.28 11.75 10.59
C SER B 88 18.15 11.20 9.45
N HIS B 89 17.51 10.64 8.43
CA HIS B 89 18.25 9.99 7.33
C HIS B 89 19.27 8.94 7.86
N SER B 90 18.85 8.10 8.82
CA SER B 90 19.77 7.14 9.42
C SER B 90 19.87 5.85 8.60
N PRO B 91 21.10 5.45 8.25
CA PRO B 91 21.30 4.26 7.41
C PRO B 91 21.12 2.94 8.19
N LEU B 92 19.88 2.46 8.29
CA LEU B 92 19.57 1.24 9.08
C LEU B 92 19.09 0.10 8.18
N ILE B 93 19.68 -1.08 8.32
CA ILE B 93 19.32 -2.24 7.53
C ILE B 93 18.48 -3.15 8.48
N VAL B 94 17.17 -3.14 8.33
CA VAL B 94 16.28 -3.87 9.26
C VAL B 94 15.83 -5.22 8.64
N THR B 95 16.24 -6.32 9.25
CA THR B 95 15.85 -7.67 8.80
C THR B 95 14.86 -8.27 9.80
N ALA B 96 13.88 -9.03 9.31
CA ALA B 96 12.90 -9.74 10.17
C ALA B 96 12.64 -11.16 9.69
N GLY B 97 12.65 -12.13 10.59
CA GLY B 97 12.43 -13.53 10.14
C GLY B 97 10.95 -13.87 9.93
N GLN B 98 10.70 -14.69 8.91
CA GLN B 98 9.38 -15.09 8.44
C GLN B 98 9.22 -16.62 8.63
N GLN B 99 7.96 -17.13 8.65
CA GLN B 99 7.70 -18.57 8.74
C GLN B 99 8.31 -19.31 7.57
N THR B 100 8.42 -20.64 7.71
CA THR B 100 8.90 -21.51 6.64
C THR B 100 7.99 -21.36 5.43
N ARG B 101 8.53 -21.43 4.21
CA ARG B 101 7.71 -21.19 3.01
C ARG B 101 6.45 -22.12 2.96
N ALA B 102 6.59 -23.36 3.43
CA ALA B 102 5.50 -24.34 3.35
C ALA B 102 4.30 -24.05 4.25
N MET B 103 4.46 -23.13 5.22
CA MET B 103 3.34 -22.77 6.09
CA MET B 103 3.40 -22.75 6.16
C MET B 103 2.90 -21.30 6.01
N ILE B 104 3.49 -20.51 5.10
CA ILE B 104 3.03 -19.11 4.89
C ILE B 104 1.56 -19.02 4.42
N GLY B 105 1.19 -19.89 3.50
CA GLY B 105 -0.17 -19.87 2.93
C GLY B 105 -1.27 -20.19 3.92
N VAL B 106 -1.01 -21.11 4.86
CA VAL B 106 -2.02 -21.49 5.85
C VAL B 106 -2.06 -20.48 7.01
N GLU B 107 -1.10 -19.55 7.04
CA GLU B 107 -1.03 -18.51 8.07
C GLU B 107 -0.86 -19.13 9.47
N ALA B 108 0.14 -20.00 9.55
CA ALA B 108 0.56 -20.49 10.87
C ALA B 108 0.90 -19.31 11.80
N LEU B 109 0.91 -19.59 13.11
CA LEU B 109 1.40 -18.61 14.07
C LEU B 109 2.80 -18.14 13.66
N LEU B 110 3.06 -16.85 13.86
CA LEU B 110 4.31 -16.15 13.50
C LEU B 110 4.53 -15.92 11.99
N THR B 111 3.51 -16.14 11.17
CA THR B 111 3.54 -15.71 9.77
C THR B 111 3.37 -14.18 9.68
N ASN B 112 4.34 -13.51 9.04
CA ASN B 112 4.27 -12.03 8.74
C ASN B 112 3.45 -11.80 7.47
N VAL B 113 2.18 -11.54 7.65
CA VAL B 113 1.25 -11.42 6.49
C VAL B 113 1.54 -10.13 5.67
N ASP B 114 1.63 -10.26 4.34
CA ASP B 114 1.85 -9.09 3.47
C ASP B 114 3.06 -8.28 3.98
N ALA B 115 4.14 -9.00 4.29
CA ALA B 115 5.27 -8.49 5.09
C ALA B 115 5.88 -7.18 4.56
N ALA B 116 5.99 -7.05 3.25
CA ALA B 116 6.72 -5.88 2.71
C ALA B 116 5.93 -4.58 2.97
N ASN B 117 4.61 -4.70 3.19
CA ASN B 117 3.77 -3.53 3.43
CA ASN B 117 3.77 -3.53 3.43
C ASN B 117 3.78 -3.06 4.88
N LEU B 118 4.20 -3.93 5.79
CA LEU B 118 4.14 -3.62 7.23
C LEU B 118 4.85 -2.29 7.62
N PRO B 119 6.13 -2.10 7.23
CA PRO B 119 6.84 -0.88 7.70
C PRO B 119 6.60 0.41 6.89
N ARG B 120 5.91 0.29 5.76
CA ARG B 120 5.62 1.47 4.98
C ARG B 120 4.65 2.44 5.72
N PRO B 121 4.82 3.78 5.57
CA PRO B 121 5.75 4.56 4.70
C PRO B 121 7.10 5.02 5.29
N LEU B 122 7.59 4.29 6.27
CA LEU B 122 8.75 4.72 7.03
C LEU B 122 10.10 4.21 6.58
N VAL B 123 10.16 3.57 5.40
CA VAL B 123 11.40 3.02 4.88
C VAL B 123 11.60 3.39 3.40
N LYS B 124 12.85 3.48 2.94
CA LYS B 124 13.19 3.77 1.55
C LYS B 124 12.88 2.63 0.59
N TRP B 125 12.91 1.39 1.10
CA TRP B 125 12.78 0.17 0.30
C TRP B 125 12.35 -0.94 1.23
N SER B 126 11.43 -1.80 0.78
CA SER B 126 10.90 -2.91 1.61
C SER B 126 10.62 -4.13 0.71
N TYR B 127 11.04 -5.34 1.10
CA TYR B 127 11.07 -6.52 0.19
C TYR B 127 11.07 -7.90 0.89
N GLU B 128 10.45 -8.89 0.25
CA GLU B 128 10.55 -10.31 0.64
C GLU B 128 10.99 -11.11 -0.61
N PRO B 129 12.12 -11.82 -0.53
CA PRO B 129 12.61 -12.54 -1.72
C PRO B 129 11.73 -13.69 -2.20
N ALA B 130 11.69 -13.90 -3.54
CA ALA B 130 10.87 -14.98 -4.13
C ALA B 130 11.46 -16.41 -4.06
N SER B 131 12.73 -16.51 -3.66
CA SER B 131 13.39 -17.80 -3.49
C SER B 131 14.58 -17.66 -2.52
N ALA B 132 14.99 -18.77 -1.92
CA ALA B 132 16.14 -18.75 -1.03
C ALA B 132 17.46 -18.24 -1.67
N ALA B 133 17.72 -18.61 -2.94
CA ALA B 133 18.96 -18.20 -3.63
C ALA B 133 19.02 -16.70 -3.93
N GLU B 134 17.88 -16.02 -3.91
CA GLU B 134 17.82 -14.56 -4.10
C GLU B 134 18.22 -13.78 -2.84
N VAL B 135 18.30 -14.46 -1.69
CA VAL B 135 18.53 -13.73 -0.43
C VAL B 135 19.84 -12.86 -0.42
N PRO B 136 20.98 -13.41 -0.84
CA PRO B 136 22.18 -12.54 -0.88
C PRO B 136 22.05 -11.29 -1.79
N HIS B 137 21.46 -11.44 -2.99
CA HIS B 137 21.24 -10.26 -3.83
C HIS B 137 20.31 -9.22 -3.16
N ALA B 138 19.23 -9.72 -2.53
CA ALA B 138 18.30 -8.82 -1.81
C ALA B 138 19.00 -8.09 -0.65
N MET B 139 19.90 -8.79 0.05
CA MET B 139 20.69 -8.15 1.12
C MET B 139 21.64 -7.05 0.57
N SER B 140 22.30 -7.34 -0.56
CA SER B 140 23.12 -6.32 -1.24
C SER B 140 22.31 -5.06 -1.62
N ARG B 141 21.08 -5.26 -2.17
CA ARG B 141 20.20 -4.12 -2.46
C ARG B 141 19.89 -3.32 -1.19
N ALA B 142 19.62 -4.02 -0.09
CA ALA B 142 19.27 -3.36 1.19
C ALA B 142 20.47 -2.49 1.65
N ILE B 143 21.67 -3.05 1.65
CA ILE B 143 22.86 -2.33 2.11
C ILE B 143 23.06 -1.03 1.33
N HIS B 144 22.95 -1.11 0.02
CA HIS B 144 23.17 0.08 -0.83
C HIS B 144 22.02 1.09 -0.77
N MET B 145 20.77 0.63 -0.72
CA MET B 145 19.64 1.53 -0.53
C MET B 145 19.72 2.33 0.76
N ALA B 146 20.23 1.71 1.84
CA ALA B 146 20.35 2.41 3.11
C ALA B 146 21.45 3.49 3.08
N SER B 147 22.53 3.21 2.33
CA SER B 147 23.79 4.01 2.30
C SER B 147 23.84 5.15 1.27
N MET B 148 23.10 5.03 0.18
CA MET B 148 23.02 6.09 -0.83
C MET B 148 22.29 7.34 -0.32
N ALA B 149 22.74 8.52 -0.73
CA ALA B 149 22.06 9.78 -0.40
C ALA B 149 20.72 9.84 -1.12
N PRO B 150 19.65 10.28 -0.41
CA PRO B 150 19.58 10.61 1.01
C PRO B 150 19.53 9.32 1.82
N GLN B 151 20.42 9.13 2.78
CA GLN B 151 20.42 7.84 3.51
C GLN B 151 19.13 7.62 4.30
N GLY B 152 18.86 6.37 4.67
CA GLY B 152 17.62 6.08 5.40
C GLY B 152 17.42 4.60 5.72
N PRO B 153 16.38 4.27 6.51
CA PRO B 153 16.06 2.85 6.85
C PRO B 153 15.44 2.03 5.70
N VAL B 154 15.75 0.72 5.69
CA VAL B 154 15.26 -0.24 4.69
C VAL B 154 14.82 -1.56 5.40
N TYR B 155 14.00 -2.39 4.74
CA TYR B 155 13.41 -3.61 5.40
C TYR B 155 13.47 -4.84 4.52
N LEU B 156 13.95 -5.95 5.08
CA LEU B 156 14.02 -7.24 4.37
C LEU B 156 13.44 -8.37 5.23
N SER B 157 12.45 -9.11 4.70
CA SER B 157 11.80 -10.26 5.42
C SER B 157 12.29 -11.57 4.83
N VAL B 158 12.83 -12.50 5.64
CA VAL B 158 13.39 -13.75 5.10
C VAL B 158 12.78 -15.03 5.73
N PRO B 159 12.11 -15.86 4.91
CA PRO B 159 11.60 -17.18 5.43
C PRO B 159 12.70 -18.02 6.07
N TYR B 160 12.44 -18.60 7.23
CA TYR B 160 13.53 -19.20 8.02
C TYR B 160 14.17 -20.41 7.39
N ASP B 161 13.45 -21.09 6.50
CA ASP B 161 14.00 -22.26 5.78
C ASP B 161 15.00 -21.90 4.66
N ASP B 162 15.13 -20.60 4.32
CA ASP B 162 16.08 -20.19 3.26
C ASP B 162 17.56 -20.33 3.61
N TRP B 163 17.91 -20.17 4.90
CA TRP B 163 19.29 -19.98 5.29
C TRP B 163 20.16 -21.21 5.00
N ASP B 164 19.60 -22.40 5.23
CA ASP B 164 20.32 -23.67 5.03
C ASP B 164 20.39 -24.09 3.57
N LYS B 165 19.67 -23.40 2.68
CA LYS B 165 19.69 -23.73 1.25
C LYS B 165 21.00 -23.30 0.57
N ASP B 166 21.21 -23.77 -0.67
CA ASP B 166 22.45 -23.48 -1.38
C ASP B 166 22.41 -22.12 -2.06
N ALA B 167 23.50 -21.35 -1.94
CA ALA B 167 23.63 -20.05 -2.62
C ALA B 167 24.18 -20.24 -4.03
N ASP B 168 23.86 -19.31 -4.92
CA ASP B 168 24.44 -19.25 -6.25
C ASP B 168 25.92 -18.79 -6.15
N PRO B 169 26.87 -19.54 -6.75
CA PRO B 169 28.26 -19.09 -6.84
C PRO B 169 28.45 -17.69 -7.45
N GLN B 170 27.58 -17.28 -8.37
CA GLN B 170 27.68 -15.93 -8.94
C GLN B 170 27.37 -14.81 -7.95
N SER B 171 26.88 -15.15 -6.76
CA SER B 171 26.73 -14.14 -5.70
C SER B 171 28.07 -13.49 -5.25
N HIS B 172 29.21 -14.09 -5.64
CA HIS B 172 30.53 -13.53 -5.31
C HIS B 172 30.75 -12.12 -5.87
N HIS B 173 30.14 -11.81 -7.02
CA HIS B 173 30.20 -10.47 -7.60
C HIS B 173 29.62 -9.37 -6.69
N LEU B 174 28.75 -9.75 -5.75
CA LEU B 174 28.14 -8.76 -4.82
C LEU B 174 29.14 -8.22 -3.77
N PHE B 175 30.12 -9.04 -3.39
CA PHE B 175 30.88 -8.76 -2.15
C PHE B 175 31.62 -7.38 -2.14
N ASP B 176 32.28 -7.00 -3.23
CA ASP B 176 33.11 -5.79 -3.21
C ASP B 176 32.53 -4.60 -4.00
N ARG B 177 31.21 -4.60 -4.24
CA ARG B 177 30.58 -3.49 -5.01
C ARG B 177 30.73 -2.20 -4.23
N HIS B 178 31.19 -1.14 -4.92
CA HIS B 178 31.28 0.23 -4.37
C HIS B 178 30.27 1.11 -5.11
N VAL B 179 29.38 1.78 -4.36
CA VAL B 179 28.38 2.69 -4.95
C VAL B 179 28.59 4.10 -4.36
N SER B 180 28.81 5.09 -5.23
CA SER B 180 29.03 6.48 -4.79
C SER B 180 27.89 7.44 -5.13
N SER B 181 27.52 8.27 -4.16
CA SER B 181 26.63 9.42 -4.40
C SER B 181 27.34 10.74 -3.98
N SER B 182 28.68 10.76 -4.00
CA SER B 182 29.46 11.95 -3.58
CA SER B 182 29.46 11.94 -3.60
C SER B 182 29.61 12.95 -4.74
N VAL B 183 28.50 13.62 -5.04
CA VAL B 183 28.38 14.53 -6.20
C VAL B 183 28.16 16.00 -5.80
N ARG B 184 28.52 16.92 -6.70
CA ARG B 184 28.24 18.34 -6.51
C ARG B 184 27.87 19.07 -7.83
N LEU B 185 27.35 20.29 -7.70
CA LEU B 185 26.86 21.06 -8.85
C LEU B 185 27.95 21.27 -9.92
N ASN B 186 27.58 21.14 -11.20
CA ASN B 186 28.51 21.39 -12.30
C ASN B 186 29.20 22.77 -12.20
N ASP B 187 30.40 22.89 -12.78
CA ASP B 187 31.27 24.09 -12.62
C ASP B 187 30.58 25.39 -13.06
N GLN B 188 29.91 25.36 -14.20
CA GLN B 188 29.25 26.55 -14.74
C GLN B 188 28.18 27.10 -13.78
N ASP B 189 27.27 26.23 -13.32
CA ASP B 189 26.22 26.67 -12.42
C ASP B 189 26.76 26.98 -11.01
N LEU B 190 27.81 26.26 -10.60
CA LEU B 190 28.46 26.55 -9.31
C LEU B 190 29.10 27.96 -9.30
N ASP B 191 29.68 28.36 -10.45
CA ASP B 191 30.26 29.71 -10.57
CA ASP B 191 30.25 29.72 -10.60
C ASP B 191 29.17 30.79 -10.48
N ILE B 192 27.97 30.50 -11.01
CA ILE B 192 26.84 31.44 -10.89
C ILE B 192 26.46 31.61 -9.41
N LEU B 193 26.34 30.50 -8.68
CA LEU B 193 26.02 30.52 -7.24
C LEU B 193 27.08 31.30 -6.44
N VAL B 194 28.35 31.02 -6.68
CA VAL B 194 29.46 31.72 -6.01
C VAL B 194 29.40 33.24 -6.26
N LYS B 195 29.17 33.66 -7.50
CA LYS B 195 29.06 35.12 -7.80
C LYS B 195 27.91 35.79 -7.03
N ALA B 196 26.77 35.08 -6.92
CA ALA B 196 25.63 35.55 -6.12
C ALA B 196 25.95 35.74 -4.64
N LEU B 197 26.68 34.78 -4.08
CA LEU B 197 27.16 34.89 -2.68
C LEU B 197 28.15 36.07 -2.53
N ASN B 198 29.09 36.20 -3.46
CA ASN B 198 30.09 37.30 -3.41
C ASN B 198 29.47 38.70 -3.55
N SER B 199 28.35 38.79 -4.28
CA SER B 199 27.69 40.07 -4.57
CA SER B 199 27.72 40.08 -4.56
C SER B 199 26.66 40.47 -3.52
N ALA B 200 26.30 39.55 -2.62
CA ALA B 200 25.32 39.83 -1.59
C ALA B 200 25.78 40.94 -0.64
N SER B 201 24.87 41.84 -0.24
CA SER B 201 25.22 42.93 0.68
CA SER B 201 25.23 42.93 0.69
C SER B 201 25.10 42.56 2.16
N ASN B 202 24.25 41.58 2.48
CA ASN B 202 23.98 41.16 3.88
C ASN B 202 23.51 39.68 3.94
N PRO B 203 24.40 38.74 3.52
CA PRO B 203 24.04 37.30 3.49
C PRO B 203 23.83 36.68 4.89
N ALA B 204 22.98 35.63 4.97
CA ALA B 204 22.84 34.82 6.20
C ALA B 204 22.91 33.35 5.80
N ILE B 205 23.29 32.51 6.77
CA ILE B 205 23.39 31.04 6.54
C ILE B 205 22.54 30.27 7.54
N VAL B 206 21.84 29.22 7.09
CA VAL B 206 21.06 28.33 7.96
C VAL B 206 21.51 26.88 7.73
N LEU B 207 21.93 26.21 8.79
CA LEU B 207 22.46 24.81 8.73
C LEU B 207 21.55 23.74 9.42
N GLY B 208 21.46 22.56 8.81
CA GLY B 208 20.64 21.45 9.32
C GLY B 208 21.45 20.18 9.61
N PRO B 209 20.76 19.07 9.97
CA PRO B 209 21.47 17.91 10.56
C PRO B 209 22.37 17.19 9.57
N ASP B 210 22.07 17.27 8.28
CA ASP B 210 22.89 16.55 7.32
C ASP B 210 24.32 17.15 7.19
N VAL B 211 24.51 18.39 7.70
CA VAL B 211 25.88 19.00 7.78
C VAL B 211 26.70 18.17 8.78
N ASP B 212 26.13 17.91 9.96
CA ASP B 212 26.83 17.12 10.98
C ASP B 212 27.01 15.66 10.52
N ALA B 213 25.98 15.07 9.90
CA ALA B 213 26.10 13.70 9.38
C ALA B 213 27.26 13.58 8.39
N ALA B 214 27.52 14.65 7.61
CA ALA B 214 28.55 14.68 6.59
C ALA B 214 29.91 15.10 7.09
N ASN B 215 29.97 15.46 8.37
CA ASN B 215 31.15 16.13 8.94
C ASN B 215 31.60 17.34 8.11
N ALA B 216 30.60 18.09 7.64
CA ALA B 216 30.84 19.34 6.88
C ALA B 216 30.98 20.58 7.77
N ASN B 217 31.04 20.38 9.08
CA ASN B 217 30.99 21.47 10.06
C ASN B 217 32.11 22.51 9.85
N ALA B 218 33.35 22.04 9.75
CA ALA B 218 34.51 22.96 9.61
C ALA B 218 34.48 23.75 8.30
N ASP B 219 34.03 23.12 7.19
CA ASP B 219 33.84 23.82 5.90
C ASP B 219 32.79 24.94 6.01
N CYS B 220 31.70 24.67 6.76
CA CYS B 220 30.70 25.70 7.05
C CYS B 220 31.27 26.89 7.90
N VAL B 221 32.13 26.60 8.87
CA VAL B 221 32.84 27.67 9.59
C VAL B 221 33.67 28.58 8.64
N MET B 222 34.40 27.97 7.70
CA MET B 222 35.19 28.72 6.72
CA MET B 222 35.19 28.72 6.72
C MET B 222 34.29 29.59 5.85
N LEU B 223 33.20 29.00 5.37
CA LEU B 223 32.24 29.72 4.54
C LEU B 223 31.69 30.96 5.26
N ALA B 224 31.29 30.78 6.52
CA ALA B 224 30.70 31.86 7.32
C ALA B 224 31.72 32.99 7.54
N GLU B 225 32.96 32.61 7.84
CA GLU B 225 34.05 33.59 8.06
C GLU B 225 34.35 34.40 6.81
N ARG B 226 34.40 33.74 5.66
CA ARG B 226 34.61 34.47 4.39
C ARG B 226 33.51 35.47 4.04
N LEU B 227 32.25 35.06 4.21
CA LEU B 227 31.10 35.89 3.84
C LEU B 227 30.74 36.87 4.97
N LYS B 228 31.38 36.73 6.13
CA LYS B 228 31.06 37.56 7.28
C LYS B 228 29.58 37.48 7.68
N ALA B 229 29.04 36.25 7.65
CA ALA B 229 27.58 35.99 7.74
C ALA B 229 27.15 35.39 9.07
N PRO B 230 26.06 35.88 9.66
CA PRO B 230 25.45 35.18 10.81
C PRO B 230 24.97 33.78 10.42
N VAL B 231 25.06 32.84 11.36
CA VAL B 231 24.68 31.41 11.15
C VAL B 231 23.63 30.97 12.18
N TRP B 232 22.50 30.41 11.71
CA TRP B 232 21.46 29.81 12.56
C TRP B 232 21.41 28.29 12.33
N VAL B 233 20.92 27.54 13.33
CA VAL B 233 20.54 26.11 13.16
C VAL B 233 19.03 26.01 12.86
N ALA B 234 18.71 25.23 11.84
CA ALA B 234 17.33 25.07 11.40
C ALA B 234 16.46 24.50 12.52
N PRO B 235 15.12 24.78 12.52
CA PRO B 235 14.27 24.39 13.65
C PRO B 235 14.08 22.86 13.88
N SER B 236 13.67 22.50 15.09
CA SER B 236 13.44 21.10 15.50
C SER B 236 14.69 20.26 15.32
N ALA B 237 15.84 20.85 15.67
CA ALA B 237 17.15 20.35 15.25
C ALA B 237 17.51 18.93 15.75
N PRO B 238 17.68 17.93 14.85
CA PRO B 238 18.15 16.60 15.31
C PRO B 238 19.64 16.47 15.72
N ARG B 239 20.49 17.39 15.25
CA ARG B 239 21.96 17.37 15.46
C ARG B 239 22.52 18.81 15.58
N CYS B 240 23.76 18.96 16.01
CA CYS B 240 24.44 20.29 16.05
C CYS B 240 25.51 20.43 14.95
N PRO B 241 25.30 21.36 13.98
CA PRO B 241 26.18 21.50 12.81
C PRO B 241 27.24 22.64 12.86
N PHE B 242 27.39 23.30 14.02
CA PHE B 242 28.26 24.51 14.11
C PHE B 242 28.72 24.72 15.56
N PRO B 243 29.94 25.24 15.75
CA PRO B 243 30.38 25.54 17.12
C PRO B 243 29.52 26.63 17.80
N THR B 244 28.93 26.31 18.94
CA THR B 244 27.88 27.18 19.52
C THR B 244 28.38 28.50 20.13
N ARG B 245 29.71 28.70 20.22
CA ARG B 245 30.25 29.96 20.74
CA ARG B 245 30.24 29.96 20.73
CA ARG B 245 30.28 29.93 20.76
C ARG B 245 31.17 30.63 19.72
N HIS B 246 31.08 30.21 18.46
CA HIS B 246 31.75 30.92 17.37
C HIS B 246 31.06 32.31 17.22
N PRO B 247 31.83 33.38 16.91
CA PRO B 247 31.20 34.71 16.79
C PRO B 247 30.03 34.82 15.82
N CYS B 248 29.99 34.00 14.76
CA CYS B 248 28.89 34.09 13.81
C CYS B 248 27.60 33.42 14.30
N PHE B 249 27.71 32.55 15.33
CA PHE B 249 26.54 31.71 15.72
C PHE B 249 25.43 32.52 16.36
N ARG B 250 24.20 32.30 15.89
CA ARG B 250 23.01 33.00 16.39
C ARG B 250 21.95 32.10 17.03
N GLY B 251 22.16 30.79 17.06
CA GLY B 251 21.37 29.86 17.87
C GLY B 251 20.33 29.11 17.09
N LEU B 252 19.45 28.42 17.84
CA LEU B 252 18.36 27.60 17.27
C LEU B 252 17.20 28.47 16.84
N MET B 253 16.72 28.31 15.59
CA MET B 253 15.57 29.05 15.15
C MET B 253 14.29 28.47 15.79
N PRO B 254 13.40 29.33 16.27
CA PRO B 254 12.09 28.88 16.72
C PRO B 254 11.31 28.26 15.56
N ALA B 255 10.54 27.21 15.84
CA ALA B 255 9.91 26.41 14.79
C ALA B 255 8.55 26.94 14.31
N GLY B 256 8.57 28.20 13.86
CA GLY B 256 7.37 28.90 13.39
C GLY B 256 7.57 29.71 12.11
N ILE B 257 6.53 29.74 11.28
CA ILE B 257 6.59 30.38 9.98
C ILE B 257 6.93 31.90 10.09
N ALA B 258 6.17 32.63 10.89
CA ALA B 258 6.34 34.08 11.01
C ALA B 258 7.64 34.42 11.78
N ALA B 259 7.95 33.65 12.82
CA ALA B 259 9.20 33.85 13.56
C ALA B 259 10.43 33.80 12.64
N ILE B 260 10.46 32.79 11.77
CA ILE B 260 11.61 32.66 10.86
C ILE B 260 11.71 33.78 9.79
N SER B 261 10.60 34.18 9.17
CA SER B 261 10.66 35.27 8.18
C SER B 261 11.10 36.60 8.82
N GLN B 262 10.75 36.80 10.09
CA GLN B 262 11.22 38.01 10.82
C GLN B 262 12.74 37.98 11.11
N LEU B 263 13.25 36.83 11.55
CA LEU B 263 14.72 36.67 11.75
C LEU B 263 15.53 36.94 10.47
N LEU B 264 15.00 36.50 9.33
CA LEU B 264 15.70 36.66 8.07
C LEU B 264 15.50 38.04 7.39
N GLU B 265 14.64 38.89 7.96
CA GLU B 265 14.37 40.22 7.37
C GLU B 265 15.65 41.05 7.26
N GLY B 266 15.82 41.71 6.12
CA GLY B 266 17.00 42.53 5.87
C GLY B 266 18.21 41.80 5.29
N HIS B 267 18.15 40.46 5.26
CA HIS B 267 19.16 39.66 4.62
C HIS B 267 18.76 39.41 3.17
N ASP B 268 19.57 39.88 2.24
CA ASP B 268 19.23 39.81 0.81
C ASP B 268 19.34 38.41 0.20
N VAL B 269 20.29 37.62 0.68
CA VAL B 269 20.47 36.21 0.27
C VAL B 269 20.60 35.35 1.54
N VAL B 270 19.78 34.28 1.66
CA VAL B 270 19.89 33.30 2.73
C VAL B 270 20.26 31.92 2.12
N LEU B 271 21.38 31.36 2.55
CA LEU B 271 21.87 30.06 2.06
C LEU B 271 21.55 29.01 3.11
N VAL B 272 20.66 28.07 2.77
CA VAL B 272 20.31 26.94 3.66
C VAL B 272 21.10 25.70 3.20
N ILE B 273 21.78 25.03 4.15
CA ILE B 273 22.58 23.83 3.81
C ILE B 273 22.16 22.64 4.69
N GLY B 274 21.71 21.55 4.09
CA GLY B 274 21.53 20.30 4.89
C GLY B 274 20.30 20.23 5.82
N ALA B 275 19.26 21.02 5.50
CA ALA B 275 18.01 21.06 6.28
C ALA B 275 16.79 21.00 5.38
N PRO B 276 15.65 20.51 5.91
CA PRO B 276 14.39 20.76 5.23
C PRO B 276 14.05 22.24 5.35
N VAL B 277 13.26 22.77 4.41
CA VAL B 277 12.83 24.19 4.46
C VAL B 277 11.30 24.22 4.74
N PHE B 278 10.87 24.41 5.99
CA PHE B 278 11.60 24.21 7.25
C PHE B 278 10.75 23.26 8.10
N ARG B 279 11.37 22.64 9.12
CA ARG B 279 10.67 21.72 10.01
C ARG B 279 9.97 22.53 11.14
N TYR B 280 8.93 23.23 10.75
CA TYR B 280 8.08 23.96 11.70
C TYR B 280 7.36 22.95 12.66
N HIS B 281 6.80 23.45 13.77
CA HIS B 281 6.14 22.60 14.79
C HIS B 281 4.83 23.29 15.20
N GLN B 282 4.94 24.34 15.99
CA GLN B 282 3.77 25.14 16.36
C GLN B 282 3.24 25.83 15.10
N TYR B 283 1.94 26.11 15.07
CA TYR B 283 1.34 26.87 13.96
C TYR B 283 1.45 28.38 14.27
N ASP B 284 2.24 29.09 13.46
CA ASP B 284 2.65 30.49 13.68
C ASP B 284 2.52 31.18 12.32
N PRO B 285 1.27 31.35 11.84
CA PRO B 285 1.00 31.72 10.45
C PRO B 285 1.54 33.13 10.09
N GLY B 286 1.91 33.28 8.82
CA GLY B 286 2.53 34.51 8.34
C GLY B 286 3.15 34.32 6.97
N GLN B 287 4.13 35.18 6.69
CA GLN B 287 4.93 35.15 5.47
C GLN B 287 6.04 34.09 5.56
N TYR B 288 6.21 33.32 4.51
CA TYR B 288 7.31 32.35 4.46
C TYR B 288 8.67 33.10 4.43
N LEU B 289 8.74 34.19 3.64
CA LEU B 289 9.89 35.15 3.59
C LEU B 289 9.35 36.56 3.36
N LYS B 290 10.09 37.58 3.84
CA LYS B 290 9.78 38.99 3.55
C LYS B 290 10.28 39.36 2.15
N PRO B 291 9.74 40.46 1.57
CA PRO B 291 9.98 40.77 0.14
C PRO B 291 11.45 40.99 -0.31
N GLY B 292 12.32 41.46 0.57
CA GLY B 292 13.73 41.70 0.15
C GLY B 292 14.70 40.51 0.28
N THR B 293 14.17 39.32 0.59
CA THR B 293 15.00 38.12 0.87
C THR B 293 14.83 37.01 -0.19
N ARG B 294 15.94 36.57 -0.79
CA ARG B 294 16.02 35.42 -1.73
C ARG B 294 16.60 34.24 -0.95
N LEU B 295 16.07 33.03 -1.11
CA LEU B 295 16.58 31.84 -0.41
C LEU B 295 17.09 30.83 -1.44
N ILE B 296 18.23 30.21 -1.12
CA ILE B 296 18.83 29.12 -1.91
C ILE B 296 19.16 27.95 -0.99
N SER B 297 18.57 26.78 -1.28
CA SER B 297 18.74 25.56 -0.45
C SER B 297 19.62 24.52 -1.15
N VAL B 298 20.57 23.98 -0.40
CA VAL B 298 21.35 22.81 -0.82
C VAL B 298 20.91 21.65 0.09
N THR B 299 20.38 20.58 -0.52
CA THR B 299 19.83 19.42 0.24
C THR B 299 20.22 18.10 -0.44
N CYS B 300 20.39 17.03 0.35
CA CYS B 300 20.69 15.73 -0.23
C CYS B 300 19.42 14.91 -0.59
N ASP B 301 18.25 15.46 -0.29
CA ASP B 301 16.96 14.72 -0.40
C ASP B 301 15.97 15.38 -1.41
N PRO B 302 15.70 14.70 -2.54
CA PRO B 302 14.71 15.26 -3.48
C PRO B 302 13.32 15.58 -2.85
N LEU B 303 12.91 14.80 -1.84
CA LEU B 303 11.62 15.00 -1.17
C LEU B 303 11.58 16.36 -0.43
N GLU B 304 12.74 16.79 0.12
CA GLU B 304 12.87 18.09 0.76
C GLU B 304 12.85 19.23 -0.27
N ALA B 305 13.61 19.07 -1.37
CA ALA B 305 13.65 20.10 -2.44
C ALA B 305 12.28 20.33 -3.06
N ALA B 306 11.48 19.26 -3.19
CA ALA B 306 10.17 19.34 -3.85
C ALA B 306 9.15 20.08 -3.00
N ARG B 307 9.16 19.83 -1.69
CA ARG B 307 8.15 20.37 -0.79
C ARG B 307 8.42 21.77 -0.19
N ALA B 308 9.63 22.32 -0.34
CA ALA B 308 9.90 23.70 0.12
C ALA B 308 8.87 24.63 -0.48
N PRO B 309 8.20 25.46 0.33
CA PRO B 309 7.25 26.43 -0.25
C PRO B 309 7.88 27.70 -0.88
N MET B 310 9.20 27.86 -0.78
CA MET B 310 9.90 29.02 -1.35
C MET B 310 11.37 28.70 -1.68
N GLY B 311 11.97 29.52 -2.53
CA GLY B 311 13.41 29.49 -2.81
C GLY B 311 13.83 28.54 -3.94
N ASP B 312 15.07 28.72 -4.41
CA ASP B 312 15.69 27.79 -5.36
C ASP B 312 16.27 26.60 -4.56
N ALA B 313 16.54 25.47 -5.23
CA ALA B 313 17.18 24.32 -4.57
C ALA B 313 18.18 23.61 -5.49
N ILE B 314 19.17 22.98 -4.86
CA ILE B 314 20.14 22.12 -5.50
C ILE B 314 20.19 20.81 -4.71
N VAL B 315 19.97 19.67 -5.40
CA VAL B 315 20.06 18.33 -4.79
C VAL B 315 21.44 17.72 -5.04
N ALA B 316 22.22 17.56 -3.96
CA ALA B 316 23.60 17.11 -4.05
C ALA B 316 24.13 16.63 -2.67
N ASP B 317 25.35 16.08 -2.66
CA ASP B 317 25.99 15.62 -1.42
C ASP B 317 26.45 16.82 -0.58
N ILE B 318 26.12 16.83 0.71
CA ILE B 318 26.40 18.00 1.54
C ILE B 318 27.92 18.19 1.78
N GLY B 319 28.66 17.10 2.00
CA GLY B 319 30.12 17.20 2.18
C GLY B 319 30.78 17.82 0.95
N ALA B 320 30.42 17.27 -0.20
CA ALA B 320 31.01 17.75 -1.46
C ALA B 320 30.68 19.22 -1.77
N MET B 321 29.43 19.63 -1.57
CA MET B 321 29.03 21.04 -1.81
C MET B 321 29.65 22.04 -0.81
N ALA B 322 29.65 21.70 0.47
CA ALA B 322 30.22 22.60 1.50
C ALA B 322 31.71 22.88 1.26
N SER B 323 32.44 21.84 0.88
CA SER B 323 33.89 21.98 0.63
C SER B 323 34.15 22.89 -0.57
N ALA B 324 33.38 22.69 -1.64
CA ALA B 324 33.52 23.49 -2.86
C ALA B 324 33.25 24.99 -2.64
N LEU B 325 32.12 25.27 -2.02
CA LEU B 325 31.74 26.65 -1.70
C LEU B 325 32.76 27.34 -0.79
N ALA B 326 33.19 26.64 0.27
CA ALA B 326 34.11 27.20 1.25
C ALA B 326 35.45 27.63 0.60
N ASN B 327 35.90 26.85 -0.36
CA ASN B 327 37.17 27.16 -1.04
C ASN B 327 37.06 28.12 -2.23
N LEU B 328 35.85 28.38 -2.74
CA LEU B 328 35.69 29.27 -3.92
C LEU B 328 35.27 30.71 -3.60
N VAL B 329 34.53 30.94 -2.52
CA VAL B 329 34.01 32.30 -2.24
C VAL B 329 35.15 33.29 -1.90
N GLU B 330 34.96 34.56 -2.24
CA GLU B 330 35.95 35.59 -1.88
CA GLU B 330 35.94 35.62 -1.88
C GLU B 330 35.88 35.95 -0.38
N GLU B 331 36.97 36.51 0.13
CA GLU B 331 36.98 37.10 1.46
C GLU B 331 36.31 38.49 1.40
N SER B 332 35.18 38.65 2.08
CA SER B 332 34.49 39.93 2.15
C SER B 332 35.20 40.97 3.01
N SER B 333 35.03 42.25 2.67
CA SER B 333 35.60 43.35 3.46
C SER B 333 34.65 43.88 4.56
N ARG B 334 33.50 43.22 4.74
CA ARG B 334 32.56 43.59 5.81
C ARG B 334 33.09 43.14 7.19
N GLN B 335 32.42 43.57 8.26
CA GLN B 335 32.85 43.26 9.63
C GLN B 335 32.35 41.88 10.05
N LEU B 336 33.19 41.09 10.69
CA LEU B 336 32.71 39.82 11.24
C LEU B 336 31.62 40.10 12.32
N PRO B 337 30.53 39.30 12.35
CA PRO B 337 29.54 39.42 13.41
C PRO B 337 30.15 39.35 14.83
N THR B 338 29.55 40.10 15.77
CA THR B 338 30.00 40.03 17.15
CA THR B 338 29.91 40.09 17.18
C THR B 338 29.30 38.86 17.86
N ALA B 339 30.05 38.19 18.74
CA ALA B 339 29.53 36.99 19.41
C ALA B 339 28.34 37.31 20.31
N ALA B 340 27.39 36.37 20.41
CA ALA B 340 26.28 36.51 21.35
C ALA B 340 26.84 36.65 22.77
N PRO B 341 26.22 37.52 23.60
CA PRO B 341 26.70 37.58 24.99
C PRO B 341 26.37 36.32 25.80
N GLU B 342 27.07 36.13 26.91
CA GLU B 342 26.82 34.99 27.80
C GLU B 342 25.40 35.06 28.35
N PRO B 343 24.71 33.90 28.45
CA PRO B 343 23.41 33.95 29.13
C PRO B 343 23.52 34.39 30.59
N ALA B 344 22.49 35.04 31.12
CA ALA B 344 22.47 35.45 32.53
C ALA B 344 22.28 34.24 33.46
N LYS B 345 22.76 34.37 34.69
CA LYS B 345 22.57 33.34 35.69
C LYS B 345 21.22 33.54 36.37
N VAL B 346 20.36 32.52 36.36
CA VAL B 346 19.04 32.65 37.02
C VAL B 346 19.18 32.44 38.52
N ASP B 347 18.35 33.13 39.31
CA ASP B 347 18.37 32.97 40.76
C ASP B 347 18.02 31.51 41.13
N GLN B 348 18.72 30.97 42.13
CA GLN B 348 18.56 29.57 42.54
C GLN B 348 18.70 29.43 44.07
N ASP B 349 17.64 28.98 44.73
CA ASP B 349 17.68 28.76 46.19
C ASP B 349 18.21 27.35 46.51
N ALA B 350 18.12 26.91 47.77
CA ALA B 350 18.66 25.61 48.19
C ALA B 350 17.69 24.43 47.98
N GLY B 351 16.68 24.63 47.14
CA GLY B 351 15.64 23.62 46.90
C GLY B 351 15.70 23.03 45.48
N ARG B 352 14.55 22.68 44.92
CA ARG B 352 14.49 22.03 43.58
C ARG B 352 15.22 22.86 42.51
N LEU B 353 15.83 22.15 41.55
CA LEU B 353 16.67 22.77 40.54
C LEU B 353 15.92 23.42 39.37
N HIS B 354 16.26 24.66 39.03
CA HIS B 354 15.81 25.23 37.75
C HIS B 354 16.58 24.53 36.59
N PRO B 355 15.89 24.21 35.47
CA PRO B 355 16.68 23.66 34.36
C PRO B 355 17.92 24.48 33.95
N GLU B 356 17.81 25.81 33.94
CA GLU B 356 18.96 26.67 33.65
C GLU B 356 20.18 26.36 34.53
N THR B 357 19.93 26.13 35.81
CA THR B 357 21.01 25.78 36.73
C THR B 357 21.68 24.45 36.33
N VAL B 358 20.85 23.44 35.97
CA VAL B 358 21.40 22.16 35.51
C VAL B 358 22.33 22.34 34.29
N PHE B 359 21.89 23.08 33.27
CA PHE B 359 22.72 23.24 32.10
C PHE B 359 23.97 24.04 32.40
N ASP B 360 23.88 25.05 33.26
CA ASP B 360 25.08 25.86 33.58
C ASP B 360 26.13 24.98 34.28
N THR B 361 25.65 24.11 35.17
CA THR B 361 26.49 23.18 35.92
C THR B 361 27.15 22.13 35.01
N LEU B 362 26.36 21.54 34.11
CA LEU B 362 26.94 20.63 33.13
C LEU B 362 28.05 21.31 32.30
N ASN B 363 27.77 22.53 31.82
CA ASN B 363 28.73 23.25 30.99
C ASN B 363 30.05 23.51 31.76
N ASP B 364 29.93 23.85 33.04
CA ASP B 364 31.10 24.08 33.88
C ASP B 364 31.94 22.83 34.15
N MET B 365 31.30 21.66 34.25
CA MET B 365 31.95 20.43 34.72
C MET B 365 32.28 19.36 33.66
N ALA B 366 31.47 19.28 32.60
CA ALA B 366 31.64 18.26 31.57
C ALA B 366 32.90 18.48 30.72
N PRO B 367 33.48 17.39 30.16
CA PRO B 367 34.63 17.60 29.27
C PRO B 367 34.30 18.41 28.02
N GLU B 368 35.28 19.12 27.43
CA GLU B 368 35.00 19.90 26.21
C GLU B 368 34.54 19.06 25.00
N ASN B 369 34.80 17.74 25.04
CA ASN B 369 34.37 16.81 23.96
C ASN B 369 33.22 15.85 24.38
N ALA B 370 32.41 16.24 25.36
CA ALA B 370 31.21 15.49 25.73
C ALA B 370 30.25 15.43 24.56
N ILE B 371 29.35 14.45 24.60
CA ILE B 371 28.28 14.32 23.61
C ILE B 371 26.97 14.31 24.43
N TYR B 372 26.05 15.19 24.07
CA TYR B 372 24.76 15.37 24.78
C TYR B 372 23.61 14.78 23.96
N LEU B 373 22.64 14.15 24.62
CA LEU B 373 21.34 13.83 23.98
C LEU B 373 20.21 14.53 24.76
N ASN B 374 19.18 14.99 24.03
CA ASN B 374 18.08 15.78 24.60
C ASN B 374 16.74 15.10 24.39
N GLU B 375 16.07 14.74 25.48
CA GLU B 375 14.64 14.36 25.42
C GLU B 375 13.92 14.90 26.67
N SER B 376 14.28 16.16 26.96
CA SER B 376 13.69 16.97 28.04
C SER B 376 12.93 18.10 27.31
N THR B 377 11.67 17.85 26.98
CA THR B 377 11.01 18.58 25.89
C THR B 377 10.63 20.03 26.23
N SER B 378 10.51 20.39 27.52
CA SER B 378 10.20 21.78 27.88
C SER B 378 11.43 22.68 28.08
N THR B 379 12.63 22.12 27.95
CA THR B 379 13.88 22.83 28.23
C THR B 379 14.88 23.03 27.08
N THR B 380 14.48 22.69 25.86
CA THR B 380 15.36 22.70 24.72
C THR B 380 16.00 24.06 24.40
N ALA B 381 15.23 25.14 24.50
CA ALA B 381 15.77 26.48 24.16
C ALA B 381 16.89 26.89 25.12
N GLN B 382 16.70 26.64 26.40
CA GLN B 382 17.74 26.91 27.38
C GLN B 382 18.97 26.02 27.22
N MET B 383 18.78 24.73 26.88
CA MET B 383 19.89 23.84 26.62
C MET B 383 20.80 24.39 25.51
N TRP B 384 20.20 24.81 24.40
CA TRP B 384 20.99 25.33 23.28
C TRP B 384 21.74 26.62 23.63
N GLN B 385 21.17 27.43 24.51
CA GLN B 385 21.86 28.67 24.95
C GLN B 385 23.04 28.48 25.89
N ARG B 386 22.98 27.42 26.69
CA ARG B 386 23.85 27.28 27.86
C ARG B 386 24.97 26.23 27.76
N LEU B 387 24.94 25.41 26.70
CA LEU B 387 25.99 24.42 26.46
C LEU B 387 26.91 24.87 25.31
N ASN B 388 28.21 25.03 25.61
CA ASN B 388 29.26 25.25 24.61
C ASN B 388 29.65 23.93 23.97
N MET B 389 29.20 23.73 22.71
CA MET B 389 29.52 22.53 21.95
C MET B 389 30.44 22.89 20.78
N ARG B 390 31.73 22.68 20.99
CA ARG B 390 32.79 23.13 20.05
C ARG B 390 33.04 22.22 18.86
N ASN B 391 32.70 20.93 19.02
CA ASN B 391 33.15 19.85 18.11
C ASN B 391 31.95 19.21 17.37
N PRO B 392 32.22 18.52 16.24
CA PRO B 392 31.13 17.77 15.60
C PRO B 392 30.59 16.60 16.43
N GLY B 393 29.41 16.08 16.07
CA GLY B 393 28.84 14.90 16.74
C GLY B 393 28.59 15.09 18.22
N SER B 394 28.16 16.29 18.62
CA SER B 394 28.02 16.62 20.07
C SER B 394 26.57 16.70 20.59
N TYR B 395 25.57 16.56 19.69
CA TYR B 395 24.15 16.69 20.08
C TYR B 395 23.20 15.81 19.26
N TYR B 396 22.25 15.14 19.92
CA TYR B 396 21.17 14.37 19.25
C TYR B 396 19.81 14.56 19.94
N PHE B 397 18.75 14.70 19.11
CA PHE B 397 17.35 14.93 19.53
C PHE B 397 16.46 14.19 18.55
N CYS B 398 15.41 13.53 19.06
CA CYS B 398 14.46 12.75 18.25
C CYS B 398 13.97 13.47 16.98
N ALA B 399 14.37 12.96 15.81
CA ALA B 399 14.19 13.70 14.56
C ALA B 399 12.75 13.89 14.12
N ALA B 400 11.89 12.93 14.49
CA ALA B 400 10.45 12.97 14.18
C ALA B 400 9.61 13.34 15.41
N GLY B 401 10.29 13.71 16.50
CA GLY B 401 9.57 14.06 17.72
C GLY B 401 8.99 12.87 18.48
N GLY B 402 9.41 11.64 18.14
CA GLY B 402 8.90 10.43 18.79
C GLY B 402 9.71 10.06 20.03
N LEU B 403 9.05 10.11 21.18
CA LEU B 403 9.72 9.86 22.44
C LEU B 403 10.07 8.37 22.55
N GLY B 404 11.09 8.07 23.37
CA GLY B 404 11.71 6.74 23.40
C GLY B 404 13.01 6.59 22.59
N PHE B 405 13.53 7.69 22.05
CA PHE B 405 14.79 7.73 21.25
C PHE B 405 16.05 7.87 22.13
N ALA B 406 16.09 8.90 22.99
CA ALA B 406 17.38 9.36 23.54
C ALA B 406 18.00 8.34 24.51
N LEU B 407 17.15 7.61 25.25
CA LEU B 407 17.67 6.67 26.27
C LEU B 407 18.43 5.50 25.57
N PRO B 408 17.75 4.75 24.67
CA PRO B 408 18.52 3.77 23.87
C PRO B 408 19.61 4.38 22.97
N ALA B 409 19.31 5.49 22.28
CA ALA B 409 20.30 6.07 21.37
C ALA B 409 21.63 6.47 22.07
N ALA B 410 21.53 6.95 23.31
CA ALA B 410 22.70 7.33 24.12
C ALA B 410 23.64 6.13 24.35
N ILE B 411 23.06 4.94 24.49
CA ILE B 411 23.81 3.71 24.62
C ILE B 411 24.54 3.35 23.32
N GLY B 412 23.86 3.50 22.18
CA GLY B 412 24.51 3.28 20.89
C GLY B 412 25.58 4.29 20.52
N VAL B 413 25.33 5.57 20.81
CA VAL B 413 26.37 6.62 20.64
C VAL B 413 27.61 6.28 21.51
N GLN B 414 27.40 5.90 22.78
CA GLN B 414 28.54 5.61 23.68
C GLN B 414 29.34 4.37 23.22
N LEU B 415 28.64 3.37 22.70
CA LEU B 415 29.28 2.20 22.06
C LEU B 415 30.16 2.65 20.84
N ALA B 416 29.67 3.62 20.04
CA ALA B 416 30.39 4.11 18.87
C ALA B 416 31.58 5.02 19.17
N GLU B 417 31.52 5.76 20.30
CA GLU B 417 32.51 6.75 20.69
C GLU B 417 33.00 6.49 22.13
N PRO B 418 33.77 5.41 22.32
CA PRO B 418 34.18 5.07 23.69
C PRO B 418 35.07 6.09 24.41
N GLU B 419 35.72 6.98 23.65
CA GLU B 419 36.62 7.98 24.23
C GLU B 419 35.98 9.36 24.48
N ARG B 420 34.68 9.49 24.21
CA ARG B 420 33.92 10.71 24.51
C ARG B 420 32.79 10.42 25.50
N GLN B 421 32.68 11.19 26.59
CA GLN B 421 31.61 10.95 27.55
C GLN B 421 30.22 11.40 27.02
N VAL B 422 29.29 10.44 26.99
CA VAL B 422 27.89 10.68 26.60
C VAL B 422 27.05 10.98 27.86
N ILE B 423 26.30 12.06 27.76
CA ILE B 423 25.40 12.55 28.81
C ILE B 423 24.00 12.81 28.20
N ALA B 424 23.04 11.96 28.56
CA ALA B 424 21.65 12.01 28.05
C ALA B 424 20.77 12.72 29.09
N VAL B 425 20.25 13.89 28.70
CA VAL B 425 19.30 14.68 29.50
C VAL B 425 17.83 14.39 29.10
N ILE B 426 17.12 13.65 29.94
CA ILE B 426 15.84 13.02 29.57
C ILE B 426 14.75 13.35 30.61
N GLY B 427 13.57 13.74 30.15
CA GLY B 427 12.50 14.06 31.08
C GLY B 427 11.87 12.82 31.71
N ASP B 428 11.14 13.03 32.82
CA ASP B 428 10.51 11.92 33.56
C ASP B 428 9.45 11.20 32.73
N GLY B 429 8.70 11.95 31.93
CA GLY B 429 7.73 11.30 31.03
C GLY B 429 8.37 10.47 29.93
N SER B 430 9.34 11.10 29.26
CA SER B 430 10.09 10.48 28.16
C SER B 430 10.84 9.20 28.54
N ALA B 431 11.39 9.16 29.75
CA ALA B 431 12.15 8.00 30.22
C ALA B 431 11.42 6.64 30.13
N ASN B 432 10.09 6.63 30.31
CA ASN B 432 9.34 5.39 30.37
C ASN B 432 9.17 4.65 29.03
N TYR B 433 9.18 5.39 27.91
CA TYR B 433 8.82 4.79 26.64
C TYR B 433 9.77 3.61 26.28
N SER B 434 11.08 3.80 26.49
CA SER B 434 12.09 2.78 26.22
C SER B 434 12.97 2.47 27.48
N ILE B 435 12.32 2.38 28.63
CA ILE B 435 13.01 2.19 29.93
C ILE B 435 13.87 0.92 29.99
N SER B 436 13.39 -0.17 29.38
CA SER B 436 14.13 -1.47 29.42
C SER B 436 15.51 -1.44 28.72
N ALA B 437 15.79 -0.39 27.90
CA ALA B 437 17.12 -0.20 27.31
C ALA B 437 18.25 -0.13 28.34
N LEU B 438 17.93 0.35 29.55
CA LEU B 438 18.94 0.42 30.61
C LEU B 438 19.67 -0.92 30.78
N TRP B 439 18.95 -2.03 30.68
CA TRP B 439 19.55 -3.35 30.84
C TRP B 439 20.76 -3.61 29.89
N THR B 440 20.67 -3.11 28.66
CA THR B 440 21.74 -3.33 27.70
C THR B 440 22.98 -2.57 28.16
N ALA B 441 22.82 -1.38 28.75
CA ALA B 441 23.99 -0.63 29.19
C ALA B 441 24.67 -1.40 30.34
N ALA B 442 23.86 -2.00 31.19
CA ALA B 442 24.38 -2.77 32.36
C ALA B 442 25.12 -4.03 31.90
N GLN B 443 24.48 -4.81 31.06
CA GLN B 443 25.02 -6.09 30.63
C GLN B 443 26.31 -6.00 29.82
N TYR B 444 26.44 -4.98 28.97
CA TYR B 444 27.62 -4.77 28.12
C TYR B 444 28.61 -3.71 28.68
N ASN B 445 28.32 -3.23 29.90
CA ASN B 445 29.10 -2.19 30.60
C ASN B 445 29.41 -0.96 29.76
N ILE B 446 28.35 -0.39 29.17
CA ILE B 446 28.48 0.79 28.29
C ILE B 446 28.22 2.04 29.16
N PRO B 447 29.26 2.88 29.40
CA PRO B 447 29.19 3.86 30.53
C PRO B 447 28.50 5.21 30.26
N THR B 448 27.31 5.13 29.66
CA THR B 448 26.48 6.31 29.50
C THR B 448 26.00 6.86 30.84
N ILE B 449 25.92 8.19 30.93
CA ILE B 449 25.33 8.91 32.08
C ILE B 449 23.93 9.37 31.69
N PHE B 450 22.90 8.94 32.44
CA PHE B 450 21.51 9.33 32.22
C PHE B 450 21.05 10.34 33.30
N VAL B 451 20.72 11.57 32.90
CA VAL B 451 20.27 12.63 33.83
C VAL B 451 18.74 12.78 33.68
N ILE B 452 17.98 12.27 34.65
CA ILE B 452 16.53 12.33 34.58
C ILE B 452 15.99 13.64 35.19
N MET B 453 15.31 14.43 34.36
CA MET B 453 14.76 15.74 34.79
C MET B 453 13.34 15.48 35.35
N ASN B 454 13.23 15.29 36.67
CA ASN B 454 11.94 14.91 37.26
C ASN B 454 11.13 16.11 37.75
N ASN B 455 10.26 16.61 36.88
CA ASN B 455 9.28 17.66 37.23
C ASN B 455 7.85 17.13 37.47
N GLY B 456 7.66 15.82 37.39
CA GLY B 456 6.39 15.18 37.74
C GLY B 456 5.28 15.26 36.71
N THR B 457 5.61 15.76 35.53
CA THR B 457 4.58 16.10 34.53
C THR B 457 5.09 16.01 33.11
N TYR B 458 4.15 15.93 32.16
CA TYR B 458 4.41 16.16 30.75
C TYR B 458 4.42 17.71 30.52
N GLY B 459 5.54 18.34 30.84
CA GLY B 459 5.61 19.82 30.97
C GLY B 459 5.30 20.61 29.70
N ALA B 460 5.85 20.10 28.60
CA ALA B 460 5.73 20.72 27.28
C ALA B 460 4.27 20.69 26.83
N LEU B 461 3.56 19.63 27.21
CA LEU B 461 2.12 19.50 26.93
C LEU B 461 1.29 20.49 27.75
N ARG B 462 1.62 20.65 29.02
CA ARG B 462 0.96 21.67 29.83
C ARG B 462 1.18 23.06 29.23
N TRP B 463 2.39 23.34 28.74
CA TRP B 463 2.67 24.63 28.13
CA TRP B 463 2.68 24.62 28.11
C TRP B 463 1.83 24.83 26.86
N PHE B 464 1.81 23.82 25.99
CA PHE B 464 1.04 23.88 24.75
C PHE B 464 -0.47 24.07 25.06
N ALA B 465 -0.97 23.40 26.09
CA ALA B 465 -2.39 23.51 26.46
C ALA B 465 -2.74 24.93 26.94
N GLY B 466 -1.86 25.51 27.77
CA GLY B 466 -2.01 26.91 28.25
C GLY B 466 -2.05 27.92 27.13
N VAL B 467 -1.24 27.71 26.10
CA VAL B 467 -1.22 28.57 24.91
C VAL B 467 -2.52 28.46 24.12
N LEU B 468 -3.09 27.26 24.06
CA LEU B 468 -4.40 27.02 23.42
C LEU B 468 -5.58 27.41 24.31
N GLU B 469 -5.31 27.77 25.56
CA GLU B 469 -6.35 28.01 26.54
C GLU B 469 -7.27 26.77 26.64
N ALA B 470 -6.68 25.58 26.42
CA ALA B 470 -7.42 24.31 26.48
C ALA B 470 -7.46 23.85 27.92
N GLU B 471 -8.66 23.70 28.45
CA GLU B 471 -8.83 23.31 29.84
C GLU B 471 -9.50 21.93 29.96
N ASN B 472 -9.45 21.38 31.17
CA ASN B 472 -10.03 20.07 31.48
C ASN B 472 -9.48 18.93 30.57
N VAL B 473 -8.18 18.99 30.32
CA VAL B 473 -7.45 17.96 29.57
C VAL B 473 -6.93 16.88 30.52
N PRO B 474 -7.30 15.60 30.30
CA PRO B 474 -6.81 14.52 31.14
C PRO B 474 -5.40 14.04 30.75
N GLY B 475 -4.71 13.39 31.68
CA GLY B 475 -3.50 12.62 31.39
C GLY B 475 -2.19 13.38 31.30
N LEU B 476 -2.13 14.59 31.85
CA LEU B 476 -0.94 15.43 31.69
C LEU B 476 0.14 15.26 32.78
N ASP B 477 -0.22 14.58 33.87
CA ASP B 477 0.74 14.37 34.98
C ASP B 477 1.13 12.90 35.18
N VAL B 478 2.37 12.67 35.61
CA VAL B 478 2.92 11.32 35.78
C VAL B 478 3.58 11.17 37.17
N PRO B 479 2.77 11.33 38.24
CA PRO B 479 3.31 11.17 39.59
C PRO B 479 3.69 9.74 39.90
N GLY B 480 4.49 9.54 40.95
CA GLY B 480 4.63 8.20 41.50
C GLY B 480 5.53 7.22 40.78
N ILE B 481 6.57 7.76 40.10
CA ILE B 481 7.61 6.94 39.49
C ILE B 481 8.94 7.13 40.24
N ASP B 482 9.52 6.02 40.69
CA ASP B 482 10.78 6.01 41.45
C ASP B 482 11.89 5.55 40.49
N PHE B 483 12.58 6.51 39.88
CA PHE B 483 13.58 6.19 38.86
C PHE B 483 14.82 5.49 39.40
N ARG B 484 15.18 5.72 40.67
CA ARG B 484 16.29 4.97 41.23
C ARG B 484 15.96 3.48 41.32
N ALA B 485 14.70 3.16 41.63
CA ALA B 485 14.26 1.75 41.68
C ALA B 485 14.21 1.12 40.29
N LEU B 486 13.79 1.89 39.28
CA LEU B 486 13.82 1.34 37.92
C LEU B 486 15.25 1.02 37.47
N ALA B 487 16.19 1.90 37.80
CA ALA B 487 17.61 1.69 37.53
C ALA B 487 18.15 0.42 38.19
N LYS B 488 17.87 0.27 39.49
CA LYS B 488 18.19 -0.96 40.20
C LYS B 488 17.56 -2.19 39.55
N GLY B 489 16.30 -2.09 39.12
CA GLY B 489 15.63 -3.20 38.41
C GLY B 489 16.42 -3.75 37.22
N TYR B 490 17.10 -2.86 36.48
CA TYR B 490 17.88 -3.29 35.30
C TYR B 490 19.42 -3.27 35.50
N GLY B 491 19.85 -3.09 36.76
CA GLY B 491 21.26 -3.26 37.13
C GLY B 491 22.17 -2.05 36.95
N VAL B 492 21.57 -0.84 36.91
CA VAL B 492 22.32 0.41 36.64
C VAL B 492 22.38 1.19 37.96
N GLN B 493 23.59 1.70 38.30
CA GLN B 493 23.83 2.48 39.50
C GLN B 493 22.92 3.69 39.54
N ALA B 494 22.35 4.00 40.71
CA ALA B 494 21.36 5.05 40.88
C ALA B 494 21.74 6.09 41.92
N LEU B 495 21.90 7.34 41.47
CA LEU B 495 22.17 8.50 42.35
C LEU B 495 21.00 9.51 42.31
N LYS B 496 20.91 10.37 43.33
CA LYS B 496 19.88 11.42 43.39
C LYS B 496 20.50 12.81 43.45
N ALA B 497 19.77 13.80 42.94
CA ALA B 497 20.14 15.22 43.13
C ALA B 497 18.91 16.08 43.43
N ASP B 498 18.73 16.41 44.72
CA ASP B 498 17.57 17.16 45.19
C ASP B 498 17.85 18.66 45.36
N ASN B 499 19.12 19.06 45.27
CA ASN B 499 19.54 20.46 45.32
C ASN B 499 20.88 20.65 44.59
N LEU B 500 21.35 21.90 44.45
CA LEU B 500 22.60 22.21 43.71
C LEU B 500 23.85 21.51 44.26
N GLU B 501 24.02 21.49 45.58
CA GLU B 501 25.19 20.81 46.13
C GLU B 501 25.19 19.30 45.79
N GLN B 502 24.02 18.66 45.86
CA GLN B 502 23.90 17.24 45.48
C GLN B 502 24.10 17.01 43.99
N LEU B 503 23.67 17.97 43.15
CA LEU B 503 23.89 17.86 41.72
C LEU B 503 25.38 17.91 41.39
N LYS B 504 26.10 18.86 41.98
CA LYS B 504 27.56 18.95 41.74
C LYS B 504 28.28 17.66 42.17
N GLY B 505 27.93 17.13 43.34
CA GLY B 505 28.52 15.89 43.80
C GLY B 505 28.24 14.67 42.94
N SER B 506 26.96 14.43 42.64
CA SER B 506 26.58 13.29 41.81
CA SER B 506 26.55 13.30 41.80
C SER B 506 27.19 13.36 40.40
N LEU B 507 27.23 14.56 39.80
CA LEU B 507 27.91 14.70 38.49
C LEU B 507 29.42 14.38 38.53
N GLN B 508 30.11 14.85 39.58
CA GLN B 508 31.52 14.51 39.75
C GLN B 508 31.72 13.00 39.87
N GLU B 509 30.85 12.36 40.64
CA GLU B 509 30.87 10.91 40.76
C GLU B 509 30.62 10.21 39.41
N ALA B 510 29.58 10.64 38.70
CA ALA B 510 29.26 10.00 37.42
C ALA B 510 30.41 10.13 36.43
N LEU B 511 31.00 11.32 36.36
CA LEU B 511 32.13 11.54 35.47
C LEU B 511 33.32 10.59 35.77
N SER B 512 33.48 10.21 37.04
CA SER B 512 34.55 9.30 37.48
CA SER B 512 34.57 9.30 37.41
C SER B 512 34.20 7.80 37.37
N ALA B 513 32.92 7.48 37.17
CA ALA B 513 32.45 6.10 37.15
C ALA B 513 32.97 5.24 35.99
N LYS B 514 32.98 3.93 36.21
CA LYS B 514 33.43 2.99 35.17
C LYS B 514 32.28 2.24 34.47
N GLY B 515 31.08 2.30 35.03
CA GLY B 515 29.86 1.76 34.38
C GLY B 515 28.83 2.86 34.15
N PRO B 516 27.65 2.48 33.63
CA PRO B 516 26.55 3.44 33.46
C PRO B 516 26.02 3.95 34.82
N VAL B 517 25.53 5.18 34.83
CA VAL B 517 25.02 5.83 36.04
C VAL B 517 23.76 6.61 35.68
N LEU B 518 22.68 6.46 36.48
CA LEU B 518 21.46 7.27 36.35
C LEU B 518 21.41 8.21 37.54
N ILE B 519 21.18 9.50 37.27
CA ILE B 519 20.96 10.52 38.32
C ILE B 519 19.54 11.08 38.22
N GLU B 520 18.76 10.93 39.31
CA GLU B 520 17.39 11.44 39.34
C GLU B 520 17.40 12.83 39.93
N VAL B 521 17.13 13.83 39.08
CA VAL B 521 17.19 15.24 39.49
C VAL B 521 15.79 15.80 39.80
N SER B 522 15.60 16.37 40.98
CA SER B 522 14.33 17.03 41.32
CA SER B 522 14.35 17.03 41.32
C SER B 522 14.30 18.45 40.74
N THR B 523 13.52 18.65 39.67
CA THR B 523 13.47 19.95 38.96
C THR B 523 12.18 20.72 39.24
N VAL B 524 12.22 22.05 39.05
CA VAL B 524 11.07 22.91 39.37
C VAL B 524 9.97 22.70 38.32
N ALA C 2 -6.66 35.52 -5.06
CA ALA C 2 -7.03 34.78 -6.32
C ALA C 2 -7.56 33.39 -6.01
N SER C 3 -8.26 32.80 -6.99
CA SER C 3 -8.81 31.45 -6.83
C SER C 3 -7.71 30.40 -6.96
N VAL C 4 -8.00 29.19 -6.48
CA VAL C 4 -7.10 28.07 -6.69
C VAL C 4 -6.88 27.83 -8.19
N HIS C 5 -7.95 27.88 -8.96
CA HIS C 5 -7.91 27.81 -10.43
C HIS C 5 -6.89 28.81 -11.01
N GLY C 6 -7.01 30.09 -10.64
CA GLY C 6 -6.12 31.12 -11.20
C GLY C 6 -4.68 30.97 -10.79
N THR C 7 -4.47 30.71 -9.50
CA THR C 7 -3.12 30.51 -8.97
C THR C 7 -2.42 29.28 -9.61
N THR C 8 -3.18 28.21 -9.81
CA THR C 8 -2.63 26.99 -10.40
C THR C 8 -2.19 27.18 -11.85
N TYR C 9 -3.03 27.79 -12.70
CA TYR C 9 -2.61 28.05 -14.09
C TYR C 9 -1.43 29.08 -14.17
N GLU C 10 -1.36 30.02 -13.25
CA GLU C 10 -0.16 30.89 -13.17
C GLU C 10 1.11 30.10 -12.81
N LEU C 11 1.03 29.20 -11.82
CA LEU C 11 2.16 28.31 -11.52
C LEU C 11 2.58 27.49 -12.73
N LEU C 12 1.61 26.88 -13.41
CA LEU C 12 1.90 26.10 -14.62
C LEU C 12 2.64 26.95 -15.70
N ARG C 13 2.12 28.13 -16.07
CA ARG C 13 2.81 28.92 -17.11
C ARG C 13 4.18 29.41 -16.68
N ARG C 14 4.33 29.77 -15.40
CA ARG C 14 5.63 30.27 -14.87
C ARG C 14 6.72 29.17 -14.83
N GLN C 15 6.27 27.90 -14.73
CA GLN C 15 7.09 26.71 -14.75
C GLN C 15 7.23 26.12 -16.16
N GLY C 16 6.72 26.85 -17.16
CA GLY C 16 6.91 26.47 -18.58
C GLY C 16 5.88 25.56 -19.25
N ILE C 17 4.79 25.24 -18.58
CA ILE C 17 3.74 24.35 -19.11
C ILE C 17 2.72 25.15 -19.94
N ASP C 18 2.43 24.65 -21.14
CA ASP C 18 1.42 25.29 -22.00
C ASP C 18 0.44 24.34 -22.72
N THR C 19 0.46 23.03 -22.40
CA THR C 19 -0.34 22.00 -23.08
C THR C 19 -0.92 21.05 -22.04
N VAL C 20 -2.19 20.70 -22.14
CA VAL C 20 -2.87 19.71 -21.28
C VAL C 20 -3.34 18.56 -22.16
N PHE C 21 -2.87 17.33 -21.89
CA PHE C 21 -3.37 16.10 -22.55
C PHE C 21 -4.48 15.47 -21.70
N GLY C 22 -5.63 15.19 -22.28
CA GLY C 22 -6.75 14.68 -21.43
C GLY C 22 -7.92 13.97 -22.11
N ASN C 23 -8.72 13.33 -21.26
CA ASN C 23 -10.09 12.80 -21.56
C ASN C 23 -10.99 13.28 -20.39
N PRO C 24 -11.97 14.14 -20.68
CA PRO C 24 -12.73 14.92 -19.68
C PRO C 24 -13.84 14.14 -18.98
N GLY C 25 -14.29 14.68 -17.86
CA GLY C 25 -15.40 14.16 -17.05
C GLY C 25 -15.88 15.23 -16.09
N SER C 26 -16.97 14.92 -15.37
CA SER C 26 -17.64 15.87 -14.48
C SER C 26 -16.67 16.39 -13.41
N ASN C 27 -15.87 15.51 -12.82
CA ASN C 27 -14.97 15.89 -11.71
C ASN C 27 -13.83 16.85 -12.18
N GLU C 28 -13.66 16.99 -13.50
CA GLU C 28 -12.61 17.86 -14.07
C GLU C 28 -13.18 19.19 -14.66
N LEU C 29 -14.50 19.30 -14.82
CA LEU C 29 -15.11 20.51 -15.40
C LEU C 29 -14.70 21.82 -14.71
N PRO C 30 -14.65 21.85 -13.35
CA PRO C 30 -14.21 23.07 -12.68
C PRO C 30 -12.74 23.46 -12.84
N PHE C 31 -11.91 22.51 -13.27
CA PHE C 31 -10.52 22.78 -13.64
C PHE C 31 -10.43 23.33 -15.07
N LEU C 32 -11.17 22.69 -15.97
CA LEU C 32 -11.09 22.94 -17.41
C LEU C 32 -11.86 24.19 -17.87
N LYS C 33 -12.83 24.67 -17.07
CA LYS C 33 -13.60 25.86 -17.46
C LYS C 33 -12.70 27.09 -17.54
N ASP C 34 -13.12 28.08 -18.31
CA ASP C 34 -12.35 29.33 -18.44
C ASP C 34 -10.90 29.00 -18.85
N PHE C 35 -10.76 28.01 -19.74
CA PHE C 35 -9.45 27.51 -20.17
C PHE C 35 -8.61 28.68 -20.74
N PRO C 36 -7.40 28.91 -20.20
CA PRO C 36 -6.71 30.14 -20.66
C PRO C 36 -6.24 30.13 -22.10
N GLU C 37 -6.18 31.33 -22.67
CA GLU C 37 -5.82 31.55 -24.08
C GLU C 37 -4.39 31.17 -24.45
N ASP C 38 -3.47 31.17 -23.48
CA ASP C 38 -2.07 30.76 -23.72
C ASP C 38 -1.79 29.25 -23.51
N PHE C 39 -2.85 28.46 -23.25
CA PHE C 39 -2.78 26.99 -23.16
C PHE C 39 -3.52 26.34 -24.33
N ARG C 40 -3.12 25.10 -24.67
CA ARG C 40 -3.86 24.27 -25.62
C ARG C 40 -4.23 22.92 -24.98
N TYR C 41 -5.38 22.37 -25.37
CA TYR C 41 -5.88 21.05 -24.92
C TYR C 41 -5.80 20.03 -26.07
N ILE C 42 -5.27 18.84 -25.78
CA ILE C 42 -5.18 17.74 -26.73
C ILE C 42 -6.04 16.55 -26.23
N LEU C 43 -7.20 16.36 -26.85
CA LEU C 43 -8.17 15.26 -26.52
C LEU C 43 -7.78 13.95 -27.17
N ALA C 44 -7.85 12.86 -26.41
CA ALA C 44 -7.78 11.48 -26.94
C ALA C 44 -8.98 10.65 -26.38
N LEU C 45 -9.37 9.60 -27.08
CA LEU C 45 -10.65 8.87 -26.82
C LEU C 45 -10.63 7.77 -25.75
N GLN C 46 -9.44 7.42 -25.27
CA GLN C 46 -9.25 6.44 -24.18
C GLN C 46 -7.98 6.82 -23.45
N GLU C 47 -7.91 6.52 -22.15
CA GLU C 47 -6.83 7.03 -21.31
C GLU C 47 -5.44 6.41 -21.53
N ALA C 48 -5.38 5.15 -21.97
CA ALA C 48 -4.10 4.61 -22.45
C ALA C 48 -3.51 5.50 -23.58
N CYS C 49 -4.39 5.96 -24.48
CA CYS C 49 -3.99 6.89 -25.54
C CYS C 49 -3.55 8.27 -25.04
N VAL C 50 -4.30 8.87 -24.13
CA VAL C 50 -3.91 10.17 -23.53
C VAL C 50 -2.47 10.13 -22.95
N VAL C 51 -2.20 9.12 -22.12
CA VAL C 51 -0.91 9.04 -21.48
C VAL C 51 0.20 8.71 -22.48
N GLY C 52 -0.07 7.80 -23.42
CA GLY C 52 0.92 7.49 -24.47
C GLY C 52 1.31 8.71 -25.28
N ILE C 53 0.32 9.53 -25.67
CA ILE C 53 0.61 10.79 -26.44
C ILE C 53 1.51 11.73 -25.62
N ALA C 54 1.08 11.96 -24.38
CA ALA C 54 1.87 12.80 -23.44
C ALA C 54 3.32 12.31 -23.23
N ASP C 55 3.47 10.99 -23.17
CA ASP C 55 4.76 10.33 -22.96
C ASP C 55 5.69 10.59 -24.14
N GLY C 56 5.22 10.36 -25.38
CA GLY C 56 6.05 10.73 -26.54
C GLY C 56 6.44 12.20 -26.60
N TYR C 57 5.51 13.06 -26.22
CA TYR C 57 5.74 14.52 -26.21
C TYR C 57 6.84 14.89 -25.20
N ALA C 58 6.73 14.34 -23.99
CA ALA C 58 7.75 14.59 -22.95
C ALA C 58 9.17 14.10 -23.34
N GLN C 59 9.21 12.86 -23.88
CA GLN C 59 10.47 12.23 -24.24
C GLN C 59 11.16 13.04 -25.35
N ALA C 60 10.40 13.45 -26.37
CA ALA C 60 11.01 14.21 -27.47
C ALA C 60 11.37 15.66 -27.07
N SER C 61 10.55 16.31 -26.24
CA SER C 61 10.77 17.71 -25.82
CA SER C 61 10.80 17.72 -25.85
C SER C 61 11.82 17.86 -24.72
N ARG C 62 12.07 16.76 -24.02
CA ARG C 62 12.97 16.74 -22.86
C ARG C 62 12.49 17.74 -21.79
N LYS C 63 11.18 17.78 -21.57
CA LYS C 63 10.53 18.65 -20.59
C LYS C 63 9.26 17.94 -20.09
N PRO C 64 8.76 18.30 -18.89
CA PRO C 64 7.56 17.65 -18.37
C PRO C 64 6.33 17.80 -19.27
N ALA C 65 5.45 16.80 -19.23
CA ALA C 65 4.12 16.86 -19.88
C ALA C 65 2.99 16.73 -18.80
N PHE C 66 1.91 17.49 -18.99
CA PHE C 66 0.78 17.63 -18.03
C PHE C 66 -0.47 16.87 -18.56
N ILE C 67 -1.05 16.03 -17.71
CA ILE C 67 -2.18 15.14 -18.07
C ILE C 67 -3.36 15.37 -17.11
N ASN C 68 -4.58 15.24 -17.63
CA ASN C 68 -5.81 15.36 -16.82
C ASN C 68 -6.77 14.21 -17.16
N LEU C 69 -7.01 13.33 -16.17
CA LEU C 69 -7.89 12.12 -16.29
C LEU C 69 -9.10 12.14 -15.34
N HIS C 70 -10.05 11.22 -15.56
CA HIS C 70 -11.31 11.16 -14.81
C HIS C 70 -11.33 10.09 -13.73
N SER C 71 -11.10 10.51 -12.48
CA SER C 71 -11.22 9.63 -11.30
C SER C 71 -10.53 8.26 -11.48
N ALA C 72 -11.08 7.23 -10.84
CA ALA C 72 -10.49 5.89 -10.83
C ALA C 72 -10.60 5.20 -12.17
N ALA C 73 -11.74 5.36 -12.84
CA ALA C 73 -11.92 4.70 -14.13
C ALA C 73 -10.89 5.19 -15.15
N GLY C 74 -10.71 6.49 -15.26
CA GLY C 74 -9.72 7.03 -16.17
C GLY C 74 -8.27 6.71 -15.82
N THR C 75 -7.94 6.86 -14.55
CA THR C 75 -6.63 6.49 -14.06
C THR C 75 -6.37 4.99 -14.34
N GLY C 76 -7.35 4.14 -14.00
CA GLY C 76 -7.19 2.73 -14.20
C GLY C 76 -6.96 2.32 -15.65
N ASN C 77 -7.69 2.93 -16.57
CA ASN C 77 -7.53 2.64 -18.00
C ASN C 77 -6.11 2.97 -18.51
N ALA C 78 -5.41 3.86 -17.80
CA ALA C 78 -4.07 4.31 -18.18
C ALA C 78 -2.89 3.63 -17.44
N MET C 79 -3.14 2.61 -16.63
CA MET C 79 -2.08 2.07 -15.78
CA MET C 79 -2.11 2.02 -15.77
C MET C 79 -1.06 1.19 -16.52
N GLY C 80 -1.46 0.60 -17.66
CA GLY C 80 -0.49 -0.07 -18.52
C GLY C 80 0.47 0.94 -19.13
N ALA C 81 -0.07 2.07 -19.60
CA ALA C 81 0.75 3.20 -20.04
C ALA C 81 1.72 3.72 -18.99
N LEU C 82 1.25 3.83 -17.74
CA LEU C 82 2.16 4.24 -16.65
C LEU C 82 3.30 3.26 -16.40
N SER C 83 3.07 1.95 -16.63
CA SER C 83 4.14 0.97 -16.51
CA SER C 83 4.15 0.98 -16.48
C SER C 83 5.31 1.31 -17.45
N ASN C 84 5.01 1.66 -18.71
CA ASN C 84 6.08 2.04 -19.63
C ASN C 84 6.81 3.32 -19.17
N ALA C 85 6.03 4.32 -18.73
CA ALA C 85 6.56 5.64 -18.39
C ALA C 85 7.52 5.56 -17.20
N TRP C 86 7.22 4.64 -16.28
CA TRP C 86 8.13 4.37 -15.16
C TRP C 86 9.49 3.90 -15.64
N ASN C 87 9.48 2.87 -16.50
CA ASN C 87 10.71 2.32 -17.08
C ASN C 87 11.52 3.30 -17.95
N SER C 88 10.84 4.25 -18.61
CA SER C 88 11.53 5.26 -19.45
C SER C 88 11.93 6.54 -18.71
N HIS C 89 11.68 6.59 -17.40
CA HIS C 89 11.94 7.81 -16.62
C HIS C 89 11.26 9.04 -17.26
N SER C 90 10.00 8.90 -17.67
CA SER C 90 9.33 10.02 -18.36
C SER C 90 8.70 10.99 -17.36
N PRO C 91 9.02 12.32 -17.47
CA PRO C 91 8.49 13.33 -16.53
C PRO C 91 7.02 13.68 -16.80
N LEU C 92 6.10 12.84 -16.29
CA LEU C 92 4.66 13.02 -16.51
C LEU C 92 3.95 13.49 -15.23
N ILE C 93 3.21 14.59 -15.33
CA ILE C 93 2.42 15.13 -14.21
C ILE C 93 0.93 14.68 -14.43
N VAL C 94 0.54 13.58 -13.79
CA VAL C 94 -0.81 12.99 -13.97
C VAL C 94 -1.77 13.49 -12.88
N THR C 95 -2.74 14.30 -13.27
CA THR C 95 -3.79 14.81 -12.38
C THR C 95 -5.10 14.06 -12.68
N ALA C 96 -5.88 13.78 -11.64
CA ALA C 96 -7.21 13.16 -11.80
C ALA C 96 -8.26 13.81 -10.91
N GLY C 97 -9.46 14.05 -11.46
CA GLY C 97 -10.49 14.69 -10.67
C GLY C 97 -11.18 13.73 -9.71
N GLN C 98 -11.45 14.20 -8.49
CA GLN C 98 -12.11 13.46 -7.43
C GLN C 98 -13.51 14.08 -7.13
N GLN C 99 -14.38 13.31 -6.48
CA GLN C 99 -15.70 13.80 -6.08
C GLN C 99 -15.56 15.01 -5.14
N THR C 100 -16.67 15.73 -4.94
CA THR C 100 -16.69 16.84 -4.00
CA THR C 100 -16.69 16.84 -3.98
C THR C 100 -16.37 16.34 -2.59
N ARG C 101 -15.62 17.12 -1.82
CA ARG C 101 -15.25 16.67 -0.47
C ARG C 101 -16.45 16.21 0.36
N ALA C 102 -17.62 16.83 0.16
CA ALA C 102 -18.86 16.46 0.89
C ALA C 102 -19.44 15.07 0.57
N MET C 103 -19.10 14.50 -0.59
CA MET C 103 -19.64 13.19 -0.96
CA MET C 103 -19.64 13.20 -1.03
C MET C 103 -18.63 12.04 -1.00
N ILE C 104 -17.35 12.32 -0.68
CA ILE C 104 -16.34 11.25 -0.62
C ILE C 104 -16.65 10.13 0.40
N GLY C 105 -17.12 10.51 1.58
CA GLY C 105 -17.38 9.54 2.66
C GLY C 105 -18.44 8.50 2.35
N VAL C 106 -19.51 8.95 1.70
CA VAL C 106 -20.62 8.04 1.33
C VAL C 106 -20.29 7.19 0.10
N GLU C 107 -19.16 7.49 -0.55
CA GLU C 107 -18.72 6.77 -1.75
C GLU C 107 -19.78 6.86 -2.86
N ALA C 108 -20.11 8.11 -3.19
CA ALA C 108 -20.94 8.41 -4.35
C ALA C 108 -20.30 7.85 -5.61
N LEU C 109 -21.09 7.66 -6.67
CA LEU C 109 -20.53 7.31 -7.95
C LEU C 109 -19.41 8.29 -8.31
N LEU C 110 -18.36 7.77 -8.92
CA LEU C 110 -17.15 8.53 -9.30
C LEU C 110 -16.21 8.96 -8.16
N THR C 111 -16.45 8.47 -6.96
CA THR C 111 -15.48 8.60 -5.87
C THR C 111 -14.30 7.68 -6.15
N ASN C 112 -13.08 8.25 -6.08
CA ASN C 112 -11.83 7.49 -6.24
C ASN C 112 -11.41 7.02 -4.86
N VAL C 113 -11.76 5.79 -4.48
CA VAL C 113 -11.52 5.30 -3.10
C VAL C 113 -10.02 5.06 -2.87
N ASP C 114 -9.48 5.57 -1.74
CA ASP C 114 -8.08 5.35 -1.37
C ASP C 114 -7.19 5.76 -2.57
N ALA C 115 -7.48 6.96 -3.11
CA ALA C 115 -6.96 7.43 -4.39
C ALA C 115 -5.44 7.35 -4.55
N ALA C 116 -4.71 7.73 -3.50
CA ALA C 116 -3.26 7.84 -3.62
C ALA C 116 -2.62 6.45 -3.80
N ASN C 117 -3.33 5.37 -3.40
CA ASN C 117 -2.81 4.00 -3.57
CA ASN C 117 -2.79 4.01 -3.56
C ASN C 117 -3.07 3.41 -4.95
N LEU C 118 -4.01 3.99 -5.70
CA LEU C 118 -4.40 3.42 -6.98
C LEU C 118 -3.25 3.19 -7.99
N PRO C 119 -2.42 4.23 -8.30
CA PRO C 119 -1.34 4.05 -9.29
C PRO C 119 -0.04 3.40 -8.81
N ARG C 120 0.07 3.14 -7.50
CA ARG C 120 1.26 2.52 -6.98
C ARG C 120 1.33 1.05 -7.45
N PRO C 121 2.53 0.53 -7.72
CA PRO C 121 3.88 1.10 -7.55
C PRO C 121 4.52 1.81 -8.73
N LEU C 122 3.70 2.33 -9.65
CA LEU C 122 4.19 2.87 -10.92
C LEU C 122 4.48 4.39 -10.97
N VAL C 123 4.53 5.06 -9.80
CA VAL C 123 4.76 6.51 -9.72
C VAL C 123 5.76 6.85 -8.60
N LYS C 124 6.50 7.97 -8.77
CA LYS C 124 7.50 8.42 -7.80
C LYS C 124 6.88 9.02 -6.54
N TRP C 125 5.68 9.57 -6.70
CA TRP C 125 4.96 10.32 -5.67
C TRP C 125 3.48 10.31 -6.04
N SER C 126 2.63 10.18 -5.03
CA SER C 126 1.17 10.05 -5.24
C SER C 126 0.46 10.66 -4.03
N TYR C 127 -0.52 11.54 -4.27
CA TYR C 127 -1.04 12.45 -3.23
C TYR C 127 -2.46 12.98 -3.48
N GLU C 128 -3.21 13.15 -2.39
CA GLU C 128 -4.46 13.90 -2.40
C GLU C 128 -4.39 14.97 -1.30
N PRO C 129 -4.46 16.29 -1.67
CA PRO C 129 -4.33 17.35 -0.66
C PRO C 129 -5.41 17.35 0.40
N ALA C 130 -5.05 17.77 1.61
CA ALA C 130 -5.98 17.80 2.73
C ALA C 130 -6.90 19.05 2.77
N SER C 131 -6.67 20.01 1.87
CA SER C 131 -7.50 21.20 1.79
C SER C 131 -7.36 21.87 0.44
N ALA C 132 -8.37 22.66 0.05
CA ALA C 132 -8.33 23.38 -1.22
C ALA C 132 -7.13 24.34 -1.35
N ALA C 133 -6.82 25.08 -0.29
CA ALA C 133 -5.71 26.05 -0.33
C ALA C 133 -4.32 25.43 -0.54
N GLU C 134 -4.17 24.14 -0.22
CA GLU C 134 -2.94 23.37 -0.41
C GLU C 134 -2.72 22.94 -1.86
N VAL C 135 -3.76 23.04 -2.70
CA VAL C 135 -3.64 22.51 -4.07
C VAL C 135 -2.45 23.11 -4.88
N PRO C 136 -2.26 24.44 -4.87
CA PRO C 136 -1.09 24.95 -5.60
C PRO C 136 0.27 24.41 -5.07
N HIS C 137 0.47 24.35 -3.76
CA HIS C 137 1.68 23.72 -3.21
C HIS C 137 1.87 22.26 -3.66
N ALA C 138 0.81 21.45 -3.60
CA ALA C 138 0.86 20.06 -4.03
C ALA C 138 1.20 19.96 -5.53
N MET C 139 0.64 20.86 -6.33
CA MET C 139 1.01 20.93 -7.76
C MET C 139 2.49 21.29 -7.97
N SER C 140 3.00 22.23 -7.17
CA SER C 140 4.45 22.57 -7.22
C SER C 140 5.32 21.33 -6.89
N ARG C 141 4.94 20.58 -5.85
CA ARG C 141 5.60 19.36 -5.49
C ARG C 141 5.59 18.33 -6.60
N ALA C 142 4.43 18.16 -7.25
CA ALA C 142 4.32 17.25 -8.40
C ALA C 142 5.25 17.65 -9.53
N ILE C 143 5.25 18.93 -9.92
CA ILE C 143 6.11 19.43 -11.00
C ILE C 143 7.58 19.10 -10.75
N HIS C 144 8.04 19.41 -9.55
CA HIS C 144 9.44 19.15 -9.21
C HIS C 144 9.78 17.67 -9.01
N MET C 145 8.90 16.90 -8.36
CA MET C 145 9.16 15.45 -8.29
C MET C 145 9.26 14.78 -9.65
N ALA C 146 8.45 15.21 -10.63
CA ALA C 146 8.53 14.60 -11.95
C ALA C 146 9.85 14.94 -12.69
N SER C 147 10.31 16.18 -12.46
CA SER C 147 11.43 16.78 -13.18
C SER C 147 12.84 16.51 -12.62
N MET C 148 12.96 16.28 -11.31
CA MET C 148 14.22 15.91 -10.68
C MET C 148 14.73 14.50 -11.08
N ALA C 149 16.04 14.34 -11.24
CA ALA C 149 16.65 13.03 -11.54
C ALA C 149 16.46 12.08 -10.36
N PRO C 150 16.09 10.81 -10.64
CA PRO C 150 15.67 10.19 -11.90
C PRO C 150 14.22 10.60 -12.24
N GLN C 151 14.01 11.16 -13.43
CA GLN C 151 12.70 11.67 -13.81
C GLN C 151 11.68 10.53 -13.84
N GLY C 152 10.41 10.87 -13.68
CA GLY C 152 9.35 9.84 -13.74
C GLY C 152 7.96 10.36 -13.48
N PRO C 153 6.94 9.49 -13.64
CA PRO C 153 5.57 9.90 -13.43
C PRO C 153 5.18 10.12 -11.98
N VAL C 154 4.27 11.09 -11.77
CA VAL C 154 3.70 11.42 -10.45
C VAL C 154 2.16 11.54 -10.56
N TYR C 155 1.42 11.47 -9.43
CA TYR C 155 -0.07 11.44 -9.43
C TYR C 155 -0.61 12.40 -8.39
N LEU C 156 -1.52 13.26 -8.82
CA LEU C 156 -2.24 14.21 -7.91
C LEU C 156 -3.77 14.10 -8.10
N SER C 157 -4.50 13.77 -7.02
CA SER C 157 -5.98 13.67 -7.08
C SER C 157 -6.59 14.93 -6.44
N VAL C 158 -7.47 15.62 -7.14
CA VAL C 158 -8.02 16.90 -6.61
C VAL C 158 -9.58 16.90 -6.54
N PRO C 159 -10.17 16.98 -5.33
CA PRO C 159 -11.65 17.13 -5.21
C PRO C 159 -12.21 18.32 -6.04
N TYR C 160 -13.29 18.13 -6.76
CA TYR C 160 -13.66 19.13 -7.77
C TYR C 160 -14.11 20.48 -7.22
N ASP C 161 -14.53 20.48 -5.96
CA ASP C 161 -14.94 21.72 -5.27
C ASP C 161 -13.76 22.62 -4.86
N ASP C 162 -12.54 22.14 -5.02
CA ASP C 162 -11.36 22.95 -4.59
C ASP C 162 -11.07 24.18 -5.49
N TRP C 163 -11.36 24.07 -6.80
CA TRP C 163 -10.85 25.03 -7.75
C TRP C 163 -11.39 26.45 -7.58
N ASP C 164 -12.66 26.58 -7.18
CA ASP C 164 -13.32 27.90 -7.02
C ASP C 164 -12.98 28.54 -5.66
N LYS C 165 -12.30 27.81 -4.77
CA LYS C 165 -11.94 28.36 -3.44
C LYS C 165 -10.77 29.37 -3.53
N ASP C 166 -10.62 30.19 -2.49
CA ASP C 166 -9.50 31.13 -2.39
C ASP C 166 -8.17 30.40 -2.16
N ALA C 167 -7.14 30.82 -2.88
CA ALA C 167 -5.78 30.30 -2.72
C ALA C 167 -5.08 30.97 -1.54
N ASP C 168 -4.11 30.28 -0.95
CA ASP C 168 -3.23 30.90 0.05
C ASP C 168 -2.44 32.03 -0.65
N PRO C 169 -2.45 33.26 -0.09
CA PRO C 169 -1.71 34.35 -0.72
C PRO C 169 -0.19 34.17 -0.76
N GLN C 170 0.34 33.28 0.10
CA GLN C 170 1.77 32.97 0.06
C GLN C 170 2.13 32.01 -1.07
N SER C 171 1.15 31.53 -1.84
CA SER C 171 1.44 30.68 -3.03
C SER C 171 2.33 31.35 -4.08
N HIS C 172 2.35 32.69 -4.16
CA HIS C 172 3.23 33.36 -5.12
C HIS C 172 4.72 32.98 -5.03
N HIS C 173 5.21 32.57 -3.85
CA HIS C 173 6.59 32.10 -3.71
C HIS C 173 6.88 30.82 -4.51
N LEU C 174 5.85 30.10 -4.92
CA LEU C 174 6.04 28.87 -5.72
C LEU C 174 6.40 29.15 -7.20
N PHE C 175 5.97 30.29 -7.73
CA PHE C 175 5.90 30.47 -9.20
C PHE C 175 7.28 30.31 -9.88
N ASP C 176 8.29 30.97 -9.32
CA ASP C 176 9.61 31.01 -9.94
C ASP C 176 10.70 30.14 -9.26
N ARG C 177 10.30 29.12 -8.48
CA ARG C 177 11.28 28.18 -7.89
C ARG C 177 12.03 27.41 -9.00
N HIS C 178 13.36 27.38 -8.87
CA HIS C 178 14.26 26.63 -9.75
C HIS C 178 14.91 25.53 -8.89
N VAL C 179 14.81 24.27 -9.32
CA VAL C 179 15.42 23.12 -8.64
C VAL C 179 16.35 22.37 -9.60
N SER C 180 17.62 22.25 -9.21
CA SER C 180 18.64 21.64 -10.05
C SER C 180 19.10 20.29 -9.52
N SER C 181 19.19 19.29 -10.40
CA SER C 181 19.93 18.07 -10.07
C SER C 181 21.08 17.83 -11.08
N SER C 182 21.64 18.92 -11.65
CA SER C 182 22.72 18.83 -12.63
CA SER C 182 22.72 18.86 -12.63
C SER C 182 24.07 18.74 -11.93
N VAL C 183 24.30 17.55 -11.35
CA VAL C 183 25.46 17.28 -10.49
C VAL C 183 26.38 16.19 -11.08
N ARG C 184 27.68 16.27 -10.74
CA ARG C 184 28.63 15.23 -11.14
C ARG C 184 29.59 14.86 -9.99
N LEU C 185 30.32 13.76 -10.16
CA LEU C 185 31.26 13.24 -9.16
C LEU C 185 32.32 14.30 -8.77
N ASN C 186 32.62 14.40 -7.47
CA ASN C 186 33.64 15.33 -6.96
C ASN C 186 35.00 15.16 -7.71
N ASP C 187 35.77 16.25 -7.80
CA ASP C 187 37.08 16.28 -8.51
C ASP C 187 38.05 15.13 -8.15
N GLN C 188 38.26 14.88 -6.86
CA GLN C 188 39.20 13.85 -6.42
CA GLN C 188 39.21 13.85 -6.45
C GLN C 188 38.82 12.46 -6.94
N ASP C 189 37.55 12.06 -6.77
CA ASP C 189 37.11 10.73 -7.21
C ASP C 189 36.92 10.66 -8.75
N LEU C 190 36.57 11.78 -9.37
CA LEU C 190 36.50 11.85 -10.83
C LEU C 190 37.89 11.63 -11.45
N ASP C 191 38.93 12.18 -10.81
CA ASP C 191 40.30 11.99 -11.30
CA ASP C 191 40.31 11.98 -11.28
C ASP C 191 40.68 10.49 -11.25
N ILE C 192 40.26 9.79 -10.20
CA ILE C 192 40.52 8.33 -10.09
C ILE C 192 39.83 7.57 -11.21
N LEU C 193 38.58 7.89 -11.50
CA LEU C 193 37.85 7.26 -12.61
C LEU C 193 38.55 7.51 -13.95
N VAL C 194 38.88 8.77 -14.24
CA VAL C 194 39.59 9.14 -15.48
C VAL C 194 40.92 8.37 -15.65
N LYS C 195 41.70 8.27 -14.57
CA LYS C 195 42.89 7.43 -14.56
C LYS C 195 42.63 5.95 -14.89
N ALA C 196 41.54 5.37 -14.36
CA ALA C 196 41.21 3.97 -14.68
C ALA C 196 40.85 3.81 -16.16
N LEU C 197 40.17 4.79 -16.73
CA LEU C 197 39.83 4.74 -18.17
C LEU C 197 41.08 4.92 -19.04
N ASN C 198 41.94 5.88 -18.68
CA ASN C 198 43.20 6.09 -19.41
C ASN C 198 44.11 4.83 -19.41
N SER C 199 44.09 4.08 -18.30
CA SER C 199 44.95 2.90 -18.11
C SER C 199 44.41 1.59 -18.71
N ALA C 200 43.13 1.54 -19.06
CA ALA C 200 42.55 0.33 -19.67
C ALA C 200 43.21 0.01 -21.03
N SER C 201 43.39 -1.29 -21.29
CA SER C 201 44.03 -1.78 -22.52
CA SER C 201 44.03 -1.79 -22.52
C SER C 201 43.03 -2.09 -23.64
N ASN C 202 41.80 -2.45 -23.27
CA ASN C 202 40.76 -2.81 -24.22
C ASN C 202 39.35 -2.45 -23.69
N PRO C 203 39.09 -1.12 -23.49
CA PRO C 203 37.80 -0.70 -22.90
C PRO C 203 36.65 -0.91 -23.87
N ALA C 204 35.44 -1.08 -23.30
CA ALA C 204 34.18 -1.11 -24.02
C ALA C 204 33.20 -0.13 -23.35
N ILE C 205 32.29 0.42 -24.15
CA ILE C 205 31.22 1.29 -23.64
C ILE C 205 29.84 0.69 -23.93
N VAL C 206 28.93 0.75 -22.95
CA VAL C 206 27.52 0.34 -23.12
C VAL C 206 26.65 1.54 -22.72
N LEU C 207 25.76 1.97 -23.63
CA LEU C 207 24.91 3.16 -23.40
C LEU C 207 23.41 2.79 -23.32
N GLY C 208 22.69 3.45 -22.42
CA GLY C 208 21.23 3.29 -22.28
C GLY C 208 20.39 4.56 -22.56
N PRO C 209 19.08 4.46 -22.30
CA PRO C 209 18.17 5.50 -22.78
C PRO C 209 18.36 6.86 -22.12
N ASP C 210 18.89 6.90 -20.88
CA ASP C 210 19.07 8.19 -20.22
C ASP C 210 20.17 9.07 -20.86
N VAL C 211 21.01 8.48 -21.72
CA VAL C 211 21.97 9.27 -22.56
C VAL C 211 21.17 10.13 -23.55
N ASP C 212 20.22 9.49 -24.24
CA ASP C 212 19.39 10.22 -25.23
C ASP C 212 18.50 11.28 -24.54
N ALA C 213 17.91 10.91 -23.39
CA ALA C 213 17.09 11.83 -22.60
C ALA C 213 17.89 13.09 -22.24
N ALA C 214 19.17 12.93 -21.92
CA ALA C 214 20.02 14.05 -21.52
C ALA C 214 20.64 14.83 -22.67
N ASN C 215 20.41 14.35 -23.90
CA ASN C 215 21.17 14.86 -25.07
C ASN C 215 22.69 14.77 -24.86
N ALA C 216 23.13 13.67 -24.24
CA ALA C 216 24.57 13.44 -24.04
C ALA C 216 25.22 12.64 -25.20
N ASN C 217 24.46 12.45 -26.30
CA ASN C 217 24.91 11.61 -27.38
C ASN C 217 26.27 12.11 -27.95
N ALA C 218 26.37 13.40 -28.24
CA ALA C 218 27.62 13.93 -28.84
C ALA C 218 28.84 13.80 -27.94
N ASP C 219 28.65 14.07 -26.65
CA ASP C 219 29.71 13.87 -25.66
C ASP C 219 30.11 12.38 -25.58
N CYS C 220 29.17 11.45 -25.70
CA CYS C 220 29.54 10.02 -25.75
C CYS C 220 30.32 9.65 -27.03
N VAL C 221 30.01 10.29 -28.17
CA VAL C 221 30.79 10.10 -29.39
C VAL C 221 32.24 10.55 -29.17
N MET C 222 32.44 11.73 -28.57
CA MET C 222 33.79 12.22 -28.30
CA MET C 222 33.79 12.22 -28.28
C MET C 222 34.52 11.26 -27.33
N LEU C 223 33.82 10.79 -26.31
CA LEU C 223 34.42 9.83 -25.35
C LEU C 223 34.89 8.52 -26.04
N ALA C 224 34.02 7.91 -26.84
CA ALA C 224 34.36 6.67 -27.55
C ALA C 224 35.52 6.86 -28.54
N GLU C 225 35.54 7.99 -29.22
CA GLU C 225 36.65 8.33 -30.14
C GLU C 225 37.98 8.49 -29.40
N ARG C 226 37.97 9.22 -28.29
CA ARG C 226 39.17 9.38 -27.48
C ARG C 226 39.73 8.04 -26.97
N LEU C 227 38.84 7.18 -26.48
CA LEU C 227 39.22 5.87 -25.89
C LEU C 227 39.40 4.79 -26.96
N LYS C 228 39.04 5.11 -28.20
CA LYS C 228 39.10 4.16 -29.33
C LYS C 228 38.31 2.87 -29.03
N ALA C 229 37.11 3.02 -28.41
CA ALA C 229 36.35 1.89 -27.81
C ALA C 229 35.11 1.53 -28.61
N PRO C 230 34.78 0.22 -28.69
CA PRO C 230 33.49 -0.18 -29.26
C PRO C 230 32.34 0.24 -28.32
N VAL C 231 31.17 0.48 -28.92
CA VAL C 231 29.98 0.96 -28.21
C VAL C 231 28.78 0.07 -28.53
N TRP C 232 28.14 -0.50 -27.51
CA TRP C 232 26.85 -1.21 -27.64
C TRP C 232 25.71 -0.41 -27.00
N VAL C 233 24.46 -0.68 -27.42
CA VAL C 233 23.25 -0.22 -26.71
C VAL C 233 22.75 -1.33 -25.79
N ALA C 234 22.48 -0.97 -24.53
CA ALA C 234 21.94 -1.91 -23.54
C ALA C 234 20.66 -2.58 -24.01
N PRO C 235 20.39 -3.81 -23.53
CA PRO C 235 19.24 -4.59 -24.02
C PRO C 235 17.83 -4.01 -23.73
N SER C 236 16.87 -4.44 -24.54
CA SER C 236 15.49 -4.01 -24.40
C SER C 236 15.37 -2.49 -24.58
N ALA C 237 16.19 -1.97 -25.49
CA ALA C 237 16.44 -0.53 -25.60
C ALA C 237 15.20 0.35 -25.82
N PRO C 238 14.86 1.26 -24.88
CA PRO C 238 13.76 2.20 -25.15
C PRO C 238 14.05 3.41 -26.08
N ARG C 239 15.32 3.79 -26.23
CA ARG C 239 15.75 4.95 -27.06
C ARG C 239 17.07 4.61 -27.79
N CYS C 240 17.53 5.52 -28.65
CA CYS C 240 18.81 5.30 -29.35
C CYS C 240 19.83 6.39 -28.95
N PRO C 241 20.88 5.98 -28.22
CA PRO C 241 21.85 6.90 -27.64
C PRO C 241 23.14 7.18 -28.46
N PHE C 242 23.21 6.70 -29.71
CA PHE C 242 24.47 6.81 -30.45
C PHE C 242 24.19 6.70 -31.97
N PRO C 243 24.98 7.38 -32.82
CA PRO C 243 24.77 7.22 -34.28
C PRO C 243 25.04 5.79 -34.74
N THR C 244 24.05 5.15 -35.38
CA THR C 244 24.12 3.71 -35.63
C THR C 244 25.10 3.29 -36.74
N ARG C 245 25.64 4.26 -37.50
CA ARG C 245 26.66 3.95 -38.48
CA ARG C 245 26.66 4.02 -38.51
C ARG C 245 28.02 4.62 -38.17
N HIS C 246 28.18 5.14 -36.94
CA HIS C 246 29.52 5.55 -36.47
C HIS C 246 30.46 4.31 -36.43
N PRO C 247 31.76 4.46 -36.77
CA PRO C 247 32.72 3.35 -36.74
C PRO C 247 32.76 2.52 -35.44
N CYS C 248 32.57 3.16 -34.29
CA CYS C 248 32.59 2.44 -33.02
C CYS C 248 31.31 1.62 -32.68
N PHE C 249 30.20 1.87 -33.39
CA PHE C 249 28.90 1.24 -33.01
C PHE C 249 28.86 -0.26 -33.29
N ARG C 250 28.43 -1.04 -32.29
CA ARG C 250 28.32 -2.48 -32.44
C ARG C 250 26.90 -3.09 -32.31
N GLY C 251 25.89 -2.25 -32.11
CA GLY C 251 24.50 -2.67 -32.16
C GLY C 251 23.86 -2.93 -30.81
N LEU C 252 22.67 -3.51 -30.89
CA LEU C 252 21.83 -3.80 -29.75
C LEU C 252 22.25 -5.11 -29.11
N MET C 253 22.52 -5.08 -27.79
CA MET C 253 22.84 -6.31 -27.08
C MET C 253 21.59 -7.25 -26.93
N PRO C 254 21.76 -8.56 -27.19
CA PRO C 254 20.63 -9.46 -26.91
C PRO C 254 20.35 -9.52 -25.41
N ALA C 255 19.09 -9.72 -25.06
CA ALA C 255 18.63 -9.51 -23.67
C ALA C 255 18.76 -10.80 -22.84
N GLY C 256 20.00 -11.30 -22.73
CA GLY C 256 20.26 -12.58 -22.03
C GLY C 256 21.55 -12.56 -21.24
N ILE C 257 21.56 -13.23 -20.08
CA ILE C 257 22.70 -13.19 -19.16
C ILE C 257 23.97 -13.74 -19.82
N ALA C 258 23.86 -14.95 -20.36
CA ALA C 258 25.00 -15.59 -21.01
C ALA C 258 25.47 -14.83 -22.26
N ALA C 259 24.52 -14.44 -23.10
CA ALA C 259 24.83 -13.71 -24.35
C ALA C 259 25.65 -12.42 -24.09
N ILE C 260 25.28 -11.66 -23.06
CA ILE C 260 26.00 -10.43 -22.73
C ILE C 260 27.40 -10.68 -22.12
N SER C 261 27.56 -11.65 -21.23
CA SER C 261 28.89 -11.93 -20.65
C SER C 261 29.88 -12.42 -21.74
N GLN C 262 29.34 -13.09 -22.75
CA GLN C 262 30.18 -13.52 -23.88
C GLN C 262 30.65 -12.32 -24.74
N LEU C 263 29.74 -11.39 -25.03
CA LEU C 263 30.10 -10.16 -25.76
C LEU C 263 31.18 -9.33 -25.05
N LEU C 264 31.12 -9.28 -23.72
CA LEU C 264 32.04 -8.45 -22.94
C LEU C 264 33.38 -9.12 -22.58
N GLU C 265 33.49 -10.43 -22.86
CA GLU C 265 34.71 -11.18 -22.58
C GLU C 265 35.93 -10.53 -23.24
N GLY C 266 37.00 -10.37 -22.49
CA GLY C 266 38.25 -9.84 -23.03
C GLY C 266 38.42 -8.33 -22.89
N HIS C 267 37.34 -7.66 -22.47
CA HIS C 267 37.37 -6.20 -22.21
C HIS C 267 37.64 -5.99 -20.72
N ASP C 268 38.76 -5.36 -20.43
CA ASP C 268 39.23 -5.23 -19.05
C ASP C 268 38.43 -4.22 -18.21
N VAL C 269 37.92 -3.17 -18.87
CA VAL C 269 37.04 -2.16 -18.23
C VAL C 269 35.84 -1.94 -19.16
N VAL C 270 34.62 -2.17 -18.64
CA VAL C 270 33.37 -1.85 -19.35
C VAL C 270 32.66 -0.70 -18.60
N LEU C 271 32.41 0.39 -19.31
CA LEU C 271 31.78 1.60 -18.75
C LEU C 271 30.36 1.65 -19.26
N VAL C 272 29.41 1.48 -18.33
CA VAL C 272 28.00 1.57 -18.68
C VAL C 272 27.52 2.98 -18.27
N ILE C 273 26.84 3.67 -19.20
CA ILE C 273 26.32 5.02 -18.95
C ILE C 273 24.82 5.08 -19.23
N GLY C 274 24.03 5.45 -18.23
CA GLY C 274 22.59 5.69 -18.46
C GLY C 274 21.70 4.50 -18.74
N ALA C 275 22.09 3.33 -18.22
CA ALA C 275 21.31 2.09 -18.37
C ALA C 275 21.22 1.31 -17.07
N PRO C 276 20.12 0.52 -16.90
CA PRO C 276 20.13 -0.48 -15.84
C PRO C 276 21.13 -1.57 -16.20
N VAL C 277 21.69 -2.24 -15.21
CA VAL C 277 22.60 -3.40 -15.41
C VAL C 277 21.90 -4.73 -15.01
N PHE C 278 21.34 -5.52 -15.95
CA PHE C 278 20.92 -5.13 -17.30
C PHE C 278 19.44 -5.53 -17.44
N ARG C 279 18.76 -4.97 -18.43
CA ARG C 279 17.33 -5.29 -18.67
C ARG C 279 17.23 -6.54 -19.58
N TYR C 280 17.54 -7.70 -18.99
CA TYR C 280 17.32 -9.01 -19.64
C TYR C 280 15.82 -9.31 -19.92
N HIS C 281 15.53 -10.34 -20.72
CA HIS C 281 14.15 -10.66 -21.10
C HIS C 281 14.02 -12.21 -21.08
N GLN C 282 14.56 -12.87 -22.10
CA GLN C 282 14.63 -14.33 -22.12
C GLN C 282 15.50 -14.85 -20.97
N TYR C 283 15.22 -16.06 -20.49
CA TYR C 283 16.09 -16.65 -19.46
C TYR C 283 17.21 -17.42 -20.15
N ASP C 284 18.44 -16.95 -19.98
CA ASP C 284 19.61 -17.43 -20.73
C ASP C 284 20.72 -17.58 -19.68
N PRO C 285 20.60 -18.58 -18.80
CA PRO C 285 21.42 -18.67 -17.58
C PRO C 285 22.92 -18.86 -17.87
N GLY C 286 23.75 -18.35 -16.97
CA GLY C 286 25.21 -18.33 -17.13
C GLY C 286 25.87 -17.35 -16.19
N GLN C 287 27.09 -16.92 -16.54
CA GLN C 287 27.87 -15.99 -15.75
C GLN C 287 27.40 -14.53 -16.01
N TYR C 288 27.33 -13.70 -14.97
CA TYR C 288 26.96 -12.28 -15.18
C TYR C 288 28.08 -11.55 -15.94
N LEU C 289 29.31 -11.84 -15.53
CA LEU C 289 30.54 -11.35 -16.16
C LEU C 289 31.59 -12.46 -16.12
N LYS C 290 32.33 -12.60 -17.21
CA LYS C 290 33.45 -13.55 -17.28
C LYS C 290 34.63 -13.02 -16.48
N PRO C 291 35.53 -13.91 -16.04
CA PRO C 291 36.72 -13.44 -15.36
C PRO C 291 37.54 -12.43 -16.18
N GLY C 292 38.11 -11.43 -15.52
CA GLY C 292 38.98 -10.45 -16.17
C GLY C 292 38.32 -9.16 -16.63
N THR C 293 37.00 -9.06 -16.43
CA THR C 293 36.24 -7.85 -16.75
C THR C 293 35.80 -7.13 -15.47
N ARG C 294 36.19 -5.85 -15.36
CA ARG C 294 35.66 -4.90 -14.34
C ARG C 294 34.56 -4.04 -14.97
N LEU C 295 33.42 -3.90 -14.29
CA LEU C 295 32.32 -3.07 -14.79
C LEU C 295 32.16 -1.82 -13.89
N ILE C 296 31.98 -0.65 -14.52
CA ILE C 296 31.69 0.64 -13.84
C ILE C 296 30.44 1.30 -14.45
N SER C 297 29.43 1.55 -13.62
CA SER C 297 28.12 2.05 -14.10
C SER C 297 27.91 3.49 -13.64
N VAL C 298 27.53 4.35 -14.58
CA VAL C 298 27.05 5.69 -14.23
C VAL C 298 25.53 5.71 -14.54
N THR C 299 24.75 6.01 -13.49
CA THR C 299 23.29 5.97 -13.56
C THR C 299 22.68 7.18 -12.82
N CYS C 300 21.56 7.70 -13.30
CA CYS C 300 20.85 8.78 -12.60
C CYS C 300 19.86 8.24 -11.53
N ASP C 301 19.76 6.90 -11.36
CA ASP C 301 18.67 6.28 -10.57
C ASP C 301 19.25 5.38 -9.46
N PRO C 302 19.11 5.79 -8.20
CA PRO C 302 19.58 4.91 -7.12
C PRO C 302 19.06 3.44 -7.16
N LEU C 303 17.82 3.23 -7.63
CA LEU C 303 17.23 1.89 -7.66
C LEU C 303 17.98 0.97 -8.66
N GLU C 304 18.48 1.58 -9.74
CA GLU C 304 19.36 0.88 -10.71
C GLU C 304 20.69 0.50 -10.03
N ALA C 305 21.37 1.47 -9.42
CA ALA C 305 22.66 1.24 -8.77
C ALA C 305 22.57 0.13 -7.70
N ALA C 306 21.50 0.13 -6.90
CA ALA C 306 21.35 -0.88 -5.85
C ALA C 306 21.17 -2.31 -6.36
N ARG C 307 20.42 -2.50 -7.45
CA ARG C 307 20.04 -3.87 -7.90
C ARG C 307 20.96 -4.54 -8.93
N ALA C 308 21.96 -3.81 -9.44
CA ALA C 308 22.98 -4.40 -10.31
C ALA C 308 23.63 -5.58 -9.59
N PRO C 309 23.68 -6.76 -10.24
CA PRO C 309 24.36 -7.88 -9.56
C PRO C 309 25.90 -7.87 -9.57
N MET C 310 26.53 -6.88 -10.22
CA MET C 310 27.98 -6.79 -10.33
C MET C 310 28.41 -5.33 -10.61
N GLY C 311 29.67 -5.03 -10.34
CA GLY C 311 30.27 -3.74 -10.74
C GLY C 311 30.16 -2.61 -9.71
N ASP C 312 30.97 -1.56 -9.88
CA ASP C 312 30.88 -0.33 -9.10
C ASP C 312 29.81 0.55 -9.75
N ALA C 313 29.30 1.53 -9.02
CA ALA C 313 28.33 2.48 -9.59
C ALA C 313 28.50 3.89 -9.03
N ILE C 314 28.13 4.86 -9.86
CA ILE C 314 28.06 6.29 -9.51
C ILE C 314 26.70 6.84 -9.84
N VAL C 315 26.05 7.47 -8.86
CA VAL C 315 24.71 8.05 -9.06
C VAL C 315 24.85 9.58 -9.29
N ALA C 316 24.58 10.01 -10.52
CA ALA C 316 24.76 11.42 -10.92
C ALA C 316 24.01 11.79 -12.21
N ASP C 317 24.03 13.09 -12.60
CA ASP C 317 23.37 13.52 -13.83
C ASP C 317 24.14 13.00 -15.06
N ILE C 318 23.44 12.38 -16.01
CA ILE C 318 24.10 11.81 -17.18
C ILE C 318 24.75 12.91 -18.07
N GLY C 319 24.09 14.05 -18.26
CA GLY C 319 24.63 15.13 -19.10
C GLY C 319 25.92 15.66 -18.53
N ALA C 320 25.88 15.98 -17.23
CA ALA C 320 27.06 16.49 -16.53
C ALA C 320 28.26 15.55 -16.51
N MET C 321 28.02 14.27 -16.22
CA MET C 321 29.09 13.27 -16.21
C MET C 321 29.68 12.97 -17.60
N ALA C 322 28.83 12.84 -18.62
CA ALA C 322 29.31 12.58 -19.97
C ALA C 322 30.20 13.74 -20.51
N SER C 323 29.81 14.99 -20.24
CA SER C 323 30.58 16.16 -20.67
C SER C 323 31.94 16.21 -19.98
N ALA C 324 31.95 15.95 -18.67
CA ALA C 324 33.19 15.97 -17.91
C ALA C 324 34.17 14.89 -18.38
N LEU C 325 33.70 13.65 -18.48
CA LEU C 325 34.54 12.55 -18.97
C LEU C 325 35.09 12.82 -20.37
N ALA C 326 34.23 13.27 -21.29
CA ALA C 326 34.65 13.47 -22.67
C ALA C 326 35.77 14.51 -22.76
N ASN C 327 35.72 15.50 -21.88
CA ASN C 327 36.72 16.58 -21.91
C ASN C 327 37.99 16.31 -21.09
N LEU C 328 37.97 15.31 -20.22
CA LEU C 328 39.10 15.05 -19.32
C LEU C 328 39.99 13.87 -19.75
N VAL C 329 39.42 12.82 -20.37
CA VAL C 329 40.22 11.63 -20.77
C VAL C 329 41.27 11.99 -21.83
N GLU C 330 42.39 11.28 -21.82
CA GLU C 330 43.43 11.48 -22.83
CA GLU C 330 43.44 11.47 -22.83
C GLU C 330 43.00 10.88 -24.17
N GLU C 331 43.60 11.39 -25.24
CA GLU C 331 43.41 10.83 -26.58
C GLU C 331 44.33 9.60 -26.73
N SER C 332 43.74 8.42 -26.85
CA SER C 332 44.51 7.20 -27.05
C SER C 332 45.04 7.13 -28.48
N SER C 333 46.22 6.55 -28.64
CA SER C 333 46.78 6.27 -29.96
C SER C 333 46.46 4.86 -30.49
N ARG C 334 45.55 4.13 -29.83
CA ARG C 334 45.09 2.84 -30.37
C ARG C 334 44.36 3.05 -31.70
N GLN C 335 44.23 1.96 -32.44
CA GLN C 335 43.51 1.99 -33.71
C GLN C 335 41.99 2.19 -33.45
N LEU C 336 41.38 3.12 -34.18
CA LEU C 336 39.91 3.32 -34.11
C LEU C 336 39.20 2.10 -34.69
N PRO C 337 38.08 1.64 -34.05
CA PRO C 337 37.32 0.54 -34.62
C PRO C 337 36.86 0.77 -36.05
N THR C 338 36.74 -0.33 -36.80
CA THR C 338 36.19 -0.32 -38.15
CA THR C 338 36.19 -0.32 -38.15
C THR C 338 34.67 -0.51 -38.10
N ALA C 339 33.95 0.22 -38.95
CA ALA C 339 32.48 0.18 -38.96
C ALA C 339 31.94 -1.22 -39.25
N ALA C 340 30.78 -1.55 -38.69
CA ALA C 340 30.18 -2.86 -38.96
C ALA C 340 29.85 -2.95 -40.45
N PRO C 341 29.85 -4.19 -40.99
CA PRO C 341 29.54 -4.32 -42.42
C PRO C 341 28.07 -3.99 -42.67
N GLU C 342 27.78 -3.33 -43.79
CA GLU C 342 26.40 -3.11 -44.21
C GLU C 342 25.66 -4.44 -44.30
N PRO C 343 24.38 -4.47 -43.91
CA PRO C 343 23.62 -5.71 -43.96
C PRO C 343 23.38 -6.23 -45.39
N ALA C 344 23.24 -7.54 -45.52
CA ALA C 344 22.97 -8.20 -46.81
C ALA C 344 21.53 -7.96 -47.22
N LYS C 345 21.29 -7.76 -48.52
CA LYS C 345 19.93 -7.60 -49.06
C LYS C 345 19.32 -8.98 -49.25
N VAL C 346 18.16 -9.23 -48.62
CA VAL C 346 17.50 -10.52 -48.72
C VAL C 346 16.69 -10.58 -50.01
N ASP C 347 16.56 -11.77 -50.60
CA ASP C 347 15.82 -11.83 -51.84
C ASP C 347 14.31 -11.63 -51.59
N GLN C 348 13.68 -10.93 -52.52
CA GLN C 348 12.30 -10.55 -52.42
C GLN C 348 11.57 -10.87 -53.72
N ASP C 349 10.69 -11.87 -53.69
CA ASP C 349 9.81 -12.16 -54.84
C ASP C 349 8.64 -11.15 -54.95
N ALA C 350 7.71 -11.39 -55.85
CA ALA C 350 6.61 -10.44 -56.11
C ALA C 350 5.42 -10.57 -55.12
N GLY C 351 5.60 -11.39 -54.08
CA GLY C 351 4.57 -11.66 -53.07
C GLY C 351 4.72 -10.83 -51.80
N ARG C 352 4.34 -11.43 -50.67
CA ARG C 352 4.32 -10.77 -49.34
C ARG C 352 5.73 -10.30 -48.99
N LEU C 353 5.80 -9.19 -48.25
CA LEU C 353 7.07 -8.53 -47.99
C LEU C 353 7.84 -9.16 -46.79
N HIS C 354 9.13 -9.39 -46.96
CA HIS C 354 10.00 -9.72 -45.82
C HIS C 354 10.20 -8.44 -45.00
N PRO C 355 10.22 -8.55 -43.65
CA PRO C 355 10.51 -7.37 -42.84
C PRO C 355 11.81 -6.65 -43.24
N GLU C 356 12.82 -7.43 -43.62
CA GLU C 356 14.11 -6.86 -44.03
C GLU C 356 13.96 -5.89 -45.20
N THR C 357 13.10 -6.27 -46.16
CA THR C 357 12.80 -5.40 -47.30
C THR C 357 12.16 -4.09 -46.85
N VAL C 358 11.24 -4.16 -45.87
CA VAL C 358 10.57 -2.96 -45.40
C VAL C 358 11.61 -1.97 -44.84
N PHE C 359 12.48 -2.47 -43.96
CA PHE C 359 13.46 -1.57 -43.35
C PHE C 359 14.47 -0.99 -44.34
N ASP C 360 14.91 -1.80 -45.31
CA ASP C 360 15.85 -1.28 -46.31
C ASP C 360 15.20 -0.14 -47.16
N THR C 361 13.92 -0.32 -47.50
CA THR C 361 13.18 0.65 -48.29
C THR C 361 13.00 1.97 -47.47
N LEU C 362 12.61 1.83 -46.21
CA LEU C 362 12.52 3.01 -45.34
C LEU C 362 13.85 3.77 -45.28
N ASN C 363 14.94 3.04 -45.07
CA ASN C 363 16.27 3.68 -44.99
C ASN C 363 16.65 4.44 -46.27
N ASP C 364 16.29 3.88 -47.42
CA ASP C 364 16.58 4.53 -48.71
C ASP C 364 15.79 5.82 -48.94
N MET C 365 14.56 5.90 -48.45
CA MET C 365 13.60 6.94 -48.85
C MET C 365 13.33 8.04 -47.78
N ALA C 366 13.47 7.65 -46.50
CA ALA C 366 13.14 8.55 -45.40
C ALA C 366 14.14 9.70 -45.27
N PRO C 367 13.72 10.87 -44.73
CA PRO C 367 14.73 11.94 -44.51
C PRO C 367 15.78 11.54 -43.47
N GLU C 368 16.97 12.15 -43.53
CA GLU C 368 18.02 11.72 -42.61
CA GLU C 368 18.09 11.86 -42.63
C GLU C 368 17.78 12.12 -41.16
N ASN C 369 16.82 13.01 -40.90
CA ASN C 369 16.43 13.33 -39.52
C ASN C 369 15.04 12.75 -39.16
N ALA C 370 14.59 11.69 -39.85
CA ALA C 370 13.37 10.98 -39.46
C ALA C 370 13.47 10.49 -38.00
N ILE C 371 12.31 10.25 -37.38
CA ILE C 371 12.21 9.66 -36.04
C ILE C 371 11.34 8.41 -36.17
N TYR C 372 11.84 7.26 -35.70
CA TYR C 372 11.13 5.98 -35.80
C TYR C 372 10.60 5.54 -34.46
N LEU C 373 9.43 4.88 -34.46
CA LEU C 373 8.98 4.12 -33.28
C LEU C 373 8.78 2.65 -33.65
N ASN C 374 9.07 1.77 -32.70
CA ASN C 374 9.00 0.30 -32.89
C ASN C 374 8.00 -0.44 -31.96
N GLU C 375 6.97 -1.04 -32.54
CA GLU C 375 6.14 -2.03 -31.81
C GLU C 375 5.78 -3.21 -32.72
N SER C 376 6.78 -3.62 -33.48
CA SER C 376 6.77 -4.81 -34.34
C SER C 376 7.71 -5.84 -33.68
N THR C 377 7.15 -6.65 -32.79
CA THR C 377 7.94 -7.32 -31.75
C THR C 377 8.84 -8.48 -32.25
N SER C 378 8.54 -9.06 -33.41
CA SER C 378 9.36 -10.13 -33.95
C SER C 378 10.47 -9.65 -34.92
N THR C 379 10.52 -8.34 -35.17
CA THR C 379 11.47 -7.77 -36.16
C THR C 379 12.52 -6.76 -35.65
N THR C 380 12.62 -6.62 -34.32
CA THR C 380 13.47 -5.61 -33.69
C THR C 380 14.97 -5.72 -34.06
N ALA C 381 15.52 -6.93 -34.09
CA ALA C 381 16.95 -7.09 -34.43
C ALA C 381 17.26 -6.58 -35.84
N GLN C 382 16.39 -6.89 -36.80
CA GLN C 382 16.58 -6.43 -38.18
C GLN C 382 16.42 -4.91 -38.31
N MET C 383 15.46 -4.34 -37.57
CA MET C 383 15.27 -2.89 -37.57
C MET C 383 16.54 -2.14 -37.16
N TRP C 384 17.14 -2.57 -36.05
CA TRP C 384 18.37 -1.92 -35.56
C TRP C 384 19.54 -2.05 -36.54
N GLN C 385 19.61 -3.18 -37.24
CA GLN C 385 20.66 -3.36 -38.24
C GLN C 385 20.48 -2.49 -39.50
N ARG C 386 19.24 -2.25 -39.90
CA ARG C 386 18.98 -1.71 -41.25
C ARG C 386 18.65 -0.22 -41.33
N LEU C 387 18.42 0.43 -40.17
CA LEU C 387 18.13 1.87 -40.17
C LEU C 387 19.35 2.71 -39.69
N ASN C 388 19.80 3.63 -40.55
CA ASN C 388 20.85 4.60 -40.19
C ASN C 388 20.20 5.75 -39.44
N MET C 389 20.47 5.85 -38.12
CA MET C 389 19.92 6.90 -37.26
C MET C 389 21.08 7.76 -36.76
N ARG C 390 21.31 8.89 -37.41
CA ARG C 390 22.53 9.76 -37.17
C ARG C 390 22.36 10.74 -35.99
N ASN C 391 21.12 11.12 -35.69
CA ASN C 391 20.80 12.25 -34.79
C ASN C 391 20.22 11.76 -33.45
N PRO C 392 20.29 12.63 -32.41
CA PRO C 392 19.58 12.29 -31.16
C PRO C 392 18.05 12.21 -31.34
N GLY C 393 17.33 11.64 -30.39
CA GLY C 393 15.86 11.55 -30.44
C GLY C 393 15.25 10.88 -31.67
N SER C 394 15.87 9.80 -32.15
CA SER C 394 15.45 9.17 -33.42
C SER C 394 14.75 7.80 -33.28
N TYR C 395 14.68 7.24 -32.08
CA TYR C 395 14.03 5.90 -31.86
C TYR C 395 13.31 5.82 -30.51
N TYR C 396 12.09 5.24 -30.50
CA TYR C 396 11.35 4.89 -29.26
C TYR C 396 10.69 3.48 -29.32
N PHE C 397 10.83 2.73 -28.21
CA PHE C 397 10.26 1.37 -28.03
C PHE C 397 9.74 1.23 -26.60
N CYS C 398 8.55 0.63 -26.43
CA CYS C 398 7.92 0.47 -25.09
C CYS C 398 8.88 0.01 -23.99
N ALA C 399 9.10 0.90 -23.02
CA ALA C 399 10.19 0.70 -22.06
C ALA C 399 10.00 -0.47 -21.08
N ALA C 400 8.74 -0.83 -20.81
CA ALA C 400 8.41 -1.93 -19.91
C ALA C 400 7.81 -3.10 -20.71
N GLY C 401 7.86 -2.98 -22.04
CA GLY C 401 7.36 -4.07 -22.88
C GLY C 401 5.84 -4.11 -23.00
N GLY C 402 5.16 -3.05 -22.54
CA GLY C 402 3.69 -3.03 -22.60
C GLY C 402 3.19 -2.52 -23.94
N LEU C 403 2.47 -3.38 -24.65
CA LEU C 403 1.96 -3.00 -25.95
C LEU C 403 0.84 -1.94 -25.82
N GLY C 404 0.67 -1.14 -26.88
CA GLY C 404 -0.21 0.06 -26.83
C GLY C 404 0.54 1.40 -26.69
N PHE C 405 1.88 1.38 -26.71
CA PHE C 405 2.72 2.59 -26.58
C PHE C 405 2.95 3.35 -27.90
N ALA C 406 3.46 2.65 -28.93
CA ALA C 406 4.05 3.34 -30.09
C ALA C 406 3.05 4.13 -30.91
N LEU C 407 1.80 3.62 -31.02
CA LEU C 407 0.79 4.29 -31.86
C LEU C 407 0.49 5.69 -31.27
N PRO C 408 0.04 5.75 -29.98
CA PRO C 408 -0.12 7.10 -29.40
C PRO C 408 1.18 7.92 -29.23
N ALA C 409 2.26 7.29 -28.81
CA ALA C 409 3.50 8.03 -28.62
C ALA C 409 4.03 8.70 -29.89
N ALA C 410 3.81 8.06 -31.04
CA ALA C 410 4.23 8.62 -32.33
C ALA C 410 3.54 9.96 -32.67
N ILE C 411 2.29 10.09 -32.23
CA ILE C 411 1.54 11.33 -32.35
C ILE C 411 2.10 12.44 -31.43
N GLY C 412 2.44 12.10 -30.18
CA GLY C 412 3.04 13.09 -29.28
C GLY C 412 4.42 13.55 -29.69
N VAL C 413 5.23 12.63 -30.21
CA VAL C 413 6.59 12.97 -30.74
C VAL C 413 6.41 13.91 -31.93
N GLN C 414 5.47 13.62 -32.84
CA GLN C 414 5.32 14.47 -34.03
C GLN C 414 4.87 15.90 -33.67
N LEU C 415 4.03 16.01 -32.64
CA LEU C 415 3.59 17.30 -32.08
C LEU C 415 4.78 18.11 -31.52
N ALA C 416 5.69 17.44 -30.82
CA ALA C 416 6.88 18.07 -30.26
C ALA C 416 7.94 18.49 -31.30
N GLU C 417 8.02 17.75 -32.42
CA GLU C 417 9.07 17.91 -33.42
C GLU C 417 8.43 18.10 -34.82
N PRO C 418 7.78 19.26 -35.02
CA PRO C 418 7.07 19.45 -36.30
C PRO C 418 7.92 19.40 -37.56
N GLU C 419 9.24 19.68 -37.45
CA GLU C 419 10.14 19.67 -38.61
C GLU C 419 10.82 18.33 -38.91
N ARG C 420 10.54 17.30 -38.09
CA ARG C 420 11.10 15.96 -38.29
C ARG C 420 9.99 14.92 -38.57
N GLN C 421 10.08 14.21 -39.70
CA GLN C 421 9.06 13.23 -40.03
C GLN C 421 9.11 12.00 -39.10
N VAL C 422 7.99 11.74 -38.40
CA VAL C 422 7.82 10.56 -37.54
C VAL C 422 7.20 9.39 -38.34
N ILE C 423 7.78 8.19 -38.15
CA ILE C 423 7.35 6.96 -38.85
C ILE C 423 7.27 5.81 -37.81
N ALA C 424 6.05 5.36 -37.49
CA ALA C 424 5.84 4.30 -36.47
C ALA C 424 5.66 2.96 -37.18
N VAL C 425 6.48 1.98 -36.80
CA VAL C 425 6.42 0.63 -37.38
C VAL C 425 5.81 -0.31 -36.35
N ILE C 426 4.57 -0.73 -36.60
CA ILE C 426 3.71 -1.39 -35.57
C ILE C 426 3.16 -2.72 -36.11
N GLY C 427 3.24 -3.78 -35.31
CA GLY C 427 2.68 -5.06 -35.73
C GLY C 427 1.16 -5.12 -35.69
N ASP C 428 0.57 -6.10 -36.37
CA ASP C 428 -0.91 -6.22 -36.44
C ASP C 428 -1.55 -6.50 -35.09
N GLY C 429 -0.89 -7.28 -34.24
CA GLY C 429 -1.39 -7.51 -32.89
C GLY C 429 -1.34 -6.25 -32.03
N SER C 430 -0.15 -5.63 -32.00
CA SER C 430 0.11 -4.42 -31.20
C SER C 430 -0.78 -3.25 -31.53
N ALA C 431 -1.18 -3.14 -32.80
CA ALA C 431 -1.96 -1.99 -33.25
C ALA C 431 -3.31 -1.86 -32.51
N ASN C 432 -3.84 -2.99 -32.02
CA ASN C 432 -5.21 -2.96 -31.48
C ASN C 432 -5.28 -2.39 -30.07
N TYR C 433 -4.18 -2.45 -29.32
CA TYR C 433 -4.25 -2.09 -27.91
C TYR C 433 -4.67 -0.63 -27.72
N SER C 434 -4.17 0.27 -28.57
CA SER C 434 -4.48 1.70 -28.51
C SER C 434 -4.93 2.28 -29.86
N ILE C 435 -5.77 1.51 -30.55
CA ILE C 435 -6.20 1.84 -31.92
C ILE C 435 -6.90 3.22 -32.01
N SER C 436 -7.65 3.59 -30.98
CA SER C 436 -8.42 4.87 -31.01
C SER C 436 -7.56 6.13 -31.01
N ALA C 437 -6.27 6.00 -30.64
CA ALA C 437 -5.33 7.14 -30.77
C ALA C 437 -5.27 7.76 -32.17
N LEU C 438 -5.52 6.95 -33.19
CA LEU C 438 -5.57 7.50 -34.55
C LEU C 438 -6.44 8.76 -34.72
N TRP C 439 -7.58 8.80 -34.03
CA TRP C 439 -8.50 9.95 -34.10
C TRP C 439 -7.80 11.30 -33.74
N THR C 440 -6.97 11.30 -32.71
CA THR C 440 -6.29 12.53 -32.34
C THR C 440 -5.38 13.05 -33.47
N ALA C 441 -4.68 12.15 -34.17
CA ALA C 441 -3.85 12.58 -35.29
C ALA C 441 -4.71 13.25 -36.37
N ALA C 442 -5.87 12.66 -36.64
CA ALA C 442 -6.78 13.24 -37.64
C ALA C 442 -7.33 14.61 -37.22
N GLN C 443 -7.82 14.71 -35.98
CA GLN C 443 -8.48 15.92 -35.51
C GLN C 443 -7.53 17.15 -35.42
N TYR C 444 -6.29 16.93 -34.99
CA TYR C 444 -5.30 18.02 -34.84
C TYR C 444 -4.33 18.14 -36.05
N ASN C 445 -4.58 17.35 -37.10
CA ASN C 445 -3.73 17.26 -38.29
C ASN C 445 -2.24 17.13 -37.99
N ILE C 446 -1.94 16.12 -37.16
CA ILE C 446 -0.58 15.82 -36.78
C ILE C 446 -0.08 14.75 -37.76
N PRO C 447 0.91 15.09 -38.63
CA PRO C 447 1.21 14.23 -39.80
C PRO C 447 2.10 12.99 -39.62
N THR C 448 1.84 12.23 -38.57
CA THR C 448 2.53 10.98 -38.33
C THR C 448 2.22 9.95 -39.43
N ILE C 449 3.22 9.12 -39.78
CA ILE C 449 3.04 7.98 -40.71
C ILE C 449 3.04 6.65 -39.90
N PHE C 450 1.99 5.83 -40.05
CA PHE C 450 1.86 4.53 -39.35
C PHE C 450 2.02 3.38 -40.36
N VAL C 451 3.02 2.54 -40.13
CA VAL C 451 3.32 1.38 -40.99
C VAL C 451 2.91 0.09 -40.28
N ILE C 452 1.79 -0.50 -40.67
CA ILE C 452 1.31 -1.73 -40.02
C ILE C 452 1.87 -3.00 -40.69
N MET C 453 2.57 -3.77 -39.88
CA MET C 453 3.22 -5.02 -40.33
C MET C 453 2.24 -6.19 -40.13
N ASN C 454 1.48 -6.54 -41.16
CA ASN C 454 0.41 -7.54 -40.99
C ASN C 454 0.87 -8.96 -41.36
N ASN C 455 1.34 -9.71 -40.36
CA ASN C 455 1.62 -11.18 -40.52
C ASN C 455 0.51 -12.15 -40.04
N GLY C 456 -0.59 -11.62 -39.51
CA GLY C 456 -1.75 -12.42 -39.10
C GLY C 456 -1.63 -13.11 -37.74
N THR C 457 -0.57 -12.79 -37.01
CA THR C 457 -0.24 -13.54 -35.80
C THR C 457 0.50 -12.71 -34.78
N TYR C 458 0.48 -13.21 -33.55
CA TYR C 458 1.36 -12.73 -32.49
C TYR C 458 2.71 -13.45 -32.70
N GLY C 459 3.50 -12.94 -33.64
CA GLY C 459 4.68 -13.67 -34.13
C GLY C 459 5.73 -13.99 -33.06
N ALA C 460 6.01 -13.01 -32.20
CA ALA C 460 7.06 -13.15 -31.20
C ALA C 460 6.70 -14.23 -30.19
N LEU C 461 5.41 -14.40 -29.93
CA LEU C 461 4.93 -15.42 -29.00
C LEU C 461 5.07 -16.81 -29.56
N ARG C 462 4.71 -16.95 -30.83
CA ARG C 462 4.95 -18.21 -31.53
C ARG C 462 6.41 -18.62 -31.45
N TRP C 463 7.31 -17.66 -31.57
CA TRP C 463 8.74 -17.94 -31.47
CA TRP C 463 8.75 -17.93 -31.45
C TRP C 463 9.12 -18.43 -30.06
N PHE C 464 8.76 -17.66 -29.03
CA PHE C 464 9.05 -18.04 -27.63
CA PHE C 464 9.09 -18.08 -27.67
C PHE C 464 8.45 -19.42 -27.29
N ALA C 465 7.29 -19.75 -27.87
CA ALA C 465 6.64 -21.05 -27.56
C ALA C 465 7.46 -22.19 -28.14
N GLY C 466 7.79 -22.05 -29.43
CA GLY C 466 8.56 -23.04 -30.18
C GLY C 466 9.90 -23.33 -29.52
N VAL C 467 10.58 -22.27 -29.11
CA VAL C 467 11.78 -22.39 -28.28
C VAL C 467 11.47 -23.30 -27.10
N LEU C 468 10.51 -22.89 -26.27
CA LEU C 468 10.14 -23.63 -25.07
C LEU C 468 9.52 -25.00 -25.32
N GLU C 469 9.32 -25.37 -26.58
CA GLU C 469 8.31 -26.37 -26.92
C GLU C 469 6.98 -26.51 -26.19
N ALA C 470 6.44 -25.35 -25.81
CA ALA C 470 5.09 -25.24 -25.32
C ALA C 470 4.17 -25.48 -26.51
N GLU C 471 3.49 -26.62 -26.50
CA GLU C 471 2.60 -27.03 -27.57
C GLU C 471 1.13 -26.95 -27.14
N ASN C 472 0.21 -26.94 -28.12
CA ASN C 472 -1.24 -26.82 -27.86
C ASN C 472 -1.64 -25.57 -27.06
N VAL C 473 -1.00 -24.44 -27.36
CA VAL C 473 -1.30 -23.14 -26.72
C VAL C 473 -2.36 -22.38 -27.52
N PRO C 474 -3.46 -21.99 -26.86
CA PRO C 474 -4.49 -21.21 -27.56
C PRO C 474 -4.11 -19.71 -27.70
N GLY C 475 -4.78 -19.04 -28.63
CA GLY C 475 -4.83 -17.57 -28.69
C GLY C 475 -3.64 -16.84 -29.31
N LEU C 476 -2.89 -17.53 -30.16
CA LEU C 476 -1.67 -16.97 -30.75
C LEU C 476 -1.88 -16.29 -32.10
N ASP C 477 -3.03 -16.52 -32.71
CA ASP C 477 -3.33 -15.94 -34.05
C ASP C 477 -4.42 -14.88 -34.01
N VAL C 478 -4.27 -13.86 -34.86
CA VAL C 478 -5.22 -12.75 -34.93
C VAL C 478 -5.71 -12.49 -36.37
N PRO C 479 -6.36 -13.49 -36.99
CA PRO C 479 -6.89 -13.32 -38.35
C PRO C 479 -8.07 -12.33 -38.41
N GLY C 480 -8.37 -11.83 -39.60
CA GLY C 480 -9.61 -11.12 -39.84
C GLY C 480 -9.73 -9.69 -39.35
N ILE C 481 -8.60 -8.96 -39.35
CA ILE C 481 -8.60 -7.53 -39.08
C ILE C 481 -8.23 -6.73 -40.34
N ASP C 482 -9.07 -5.75 -40.69
CA ASP C 482 -8.92 -4.88 -41.88
C ASP C 482 -8.47 -3.48 -41.39
N PHE C 483 -7.16 -3.24 -41.44
CA PHE C 483 -6.58 -1.99 -40.89
C PHE C 483 -6.87 -0.73 -41.72
N ARG C 484 -7.10 -0.88 -43.02
CA ARG C 484 -7.56 0.23 -43.83
C ARG C 484 -8.95 0.75 -43.40
N ALA C 485 -9.82 -0.19 -43.03
CA ALA C 485 -11.12 0.15 -42.51
C ALA C 485 -11.04 0.80 -41.12
N LEU C 486 -10.18 0.30 -40.23
CA LEU C 486 -10.02 0.96 -38.94
C LEU C 486 -9.51 2.41 -39.11
N ALA C 487 -8.54 2.62 -40.00
CA ALA C 487 -8.05 3.99 -40.28
C ALA C 487 -9.16 4.91 -40.82
N LYS C 488 -9.96 4.42 -41.76
CA LYS C 488 -11.13 5.15 -42.22
C LYS C 488 -12.10 5.49 -41.06
N GLY C 489 -12.34 4.49 -40.19
CA GLY C 489 -13.15 4.69 -39.00
C GLY C 489 -12.77 5.95 -38.22
N TYR C 490 -11.47 6.25 -38.13
CA TYR C 490 -11.01 7.40 -37.34
C TYR C 490 -10.49 8.58 -38.16
N GLY C 491 -10.79 8.58 -39.46
CA GLY C 491 -10.53 9.73 -40.31
C GLY C 491 -9.09 9.88 -40.84
N VAL C 492 -8.34 8.77 -40.86
CA VAL C 492 -6.94 8.77 -41.32
C VAL C 492 -6.85 8.13 -42.69
N GLN C 493 -6.15 8.80 -43.61
CA GLN C 493 -5.91 8.27 -44.97
C GLN C 493 -5.30 6.87 -44.90
N ALA C 494 -5.79 5.96 -45.77
CA ALA C 494 -5.43 4.54 -45.72
C ALA C 494 -4.91 4.03 -47.05
N LEU C 495 -3.63 3.62 -47.04
CA LEU C 495 -2.97 3.03 -48.21
C LEU C 495 -2.63 1.55 -47.95
N LYS C 496 -2.36 0.78 -49.02
CA LYS C 496 -1.96 -0.63 -48.89
C LYS C 496 -0.61 -0.90 -49.55
N ALA C 497 0.07 -1.93 -49.06
CA ALA C 497 1.28 -2.42 -49.68
C ALA C 497 1.36 -3.94 -49.65
N ASP C 498 0.99 -4.58 -50.76
CA ASP C 498 0.97 -6.04 -50.82
C ASP C 498 2.17 -6.63 -51.54
N ASN C 499 3.01 -5.77 -52.13
CA ASN C 499 4.24 -6.17 -52.77
C ASN C 499 5.22 -4.99 -52.78
N LEU C 500 6.44 -5.20 -53.31
CA LEU C 500 7.51 -4.17 -53.24
C LEU C 500 7.17 -2.90 -54.00
N GLU C 501 6.65 -3.03 -55.23
CA GLU C 501 6.31 -1.81 -55.97
C GLU C 501 5.25 -0.96 -55.23
N GLN C 502 4.24 -1.61 -54.64
CA GLN C 502 3.25 -0.89 -53.85
C GLN C 502 3.85 -0.23 -52.59
N LEU C 503 4.79 -0.91 -51.96
CA LEU C 503 5.46 -0.35 -50.77
C LEU C 503 6.23 0.94 -51.15
N LYS C 504 6.99 0.89 -52.23
CA LYS C 504 7.72 2.10 -52.69
C LYS C 504 6.78 3.25 -53.04
N GLY C 505 5.68 2.97 -53.74
CA GLY C 505 4.75 4.05 -54.08
C GLY C 505 4.04 4.67 -52.89
N SER C 506 3.51 3.80 -52.03
CA SER C 506 2.78 4.28 -50.86
CA SER C 506 2.79 4.26 -50.83
C SER C 506 3.69 5.08 -49.90
N LEU C 507 4.94 4.66 -49.71
CA LEU C 507 5.88 5.47 -48.91
C LEU C 507 6.20 6.85 -49.51
N GLN C 508 6.37 6.93 -50.85
CA GLN C 508 6.66 8.23 -51.45
CA GLN C 508 6.62 8.20 -51.54
C GLN C 508 5.45 9.17 -51.32
N GLU C 509 4.25 8.62 -51.46
CA GLU C 509 3.04 9.40 -51.21
C GLU C 509 2.96 9.89 -49.76
N ALA C 510 3.15 8.97 -48.81
CA ALA C 510 3.08 9.33 -47.39
C ALA C 510 4.09 10.43 -47.01
N LEU C 511 5.31 10.34 -47.52
CA LEU C 511 6.29 11.40 -47.29
C LEU C 511 5.81 12.78 -47.83
N SER C 512 5.08 12.78 -48.96
CA SER C 512 4.52 14.02 -49.55
CA SER C 512 4.56 14.03 -49.53
C SER C 512 3.22 14.53 -48.92
N ALA C 513 2.59 13.73 -48.06
CA ALA C 513 1.29 14.07 -47.49
C ALA C 513 1.32 15.21 -46.49
N LYS C 514 0.22 15.92 -46.41
CA LYS C 514 0.05 17.02 -45.43
C LYS C 514 -0.62 16.59 -44.11
N GLY C 515 -1.23 15.42 -44.08
CA GLY C 515 -1.85 14.89 -42.84
C GLY C 515 -1.34 13.49 -42.51
N PRO C 516 -1.90 12.87 -41.46
CA PRO C 516 -1.49 11.49 -41.12
C PRO C 516 -1.89 10.47 -42.18
N VAL C 517 -1.10 9.39 -42.29
CA VAL C 517 -1.28 8.33 -43.27
C VAL C 517 -0.98 6.97 -42.62
N LEU C 518 -1.84 5.99 -42.83
CA LEU C 518 -1.60 4.60 -42.42
C LEU C 518 -1.40 3.74 -43.67
N ILE C 519 -0.37 2.91 -43.63
CA ILE C 519 -0.05 1.94 -44.70
C ILE C 519 -0.13 0.53 -44.13
N GLU C 520 -1.03 -0.30 -44.69
CA GLU C 520 -1.15 -1.70 -44.25
C GLU C 520 -0.26 -2.58 -45.16
N VAL C 521 0.78 -3.14 -44.56
CA VAL C 521 1.77 -3.95 -45.28
C VAL C 521 1.54 -5.45 -45.08
N SER C 522 1.37 -6.21 -46.17
CA SER C 522 1.25 -7.67 -46.08
CA SER C 522 1.25 -7.67 -46.07
C SER C 522 2.64 -8.29 -45.90
N THR C 523 2.96 -8.77 -44.68
CA THR C 523 4.28 -9.33 -44.37
C THR C 523 4.32 -10.88 -44.27
N VAL C 524 5.50 -11.45 -44.48
CA VAL C 524 5.66 -12.91 -44.45
C VAL C 524 5.57 -13.48 -43.02
N ALA D 2 2.12 -35.31 -8.86
CA ALA D 2 1.66 -34.59 -10.10
C ALA D 2 2.27 -33.18 -10.16
N SER D 3 2.25 -32.59 -11.35
CA SER D 3 2.79 -31.23 -11.54
C SER D 3 1.82 -30.19 -11.01
N VAL D 4 2.35 -28.99 -10.79
CA VAL D 4 1.50 -27.85 -10.43
C VAL D 4 0.44 -27.55 -11.52
N HIS D 5 0.85 -27.63 -12.80
CA HIS D 5 -0.05 -27.47 -13.95
C HIS D 5 -1.23 -28.47 -13.87
N GLY D 6 -0.91 -29.77 -13.76
CA GLY D 6 -1.98 -30.80 -13.67
C GLY D 6 -2.90 -30.68 -12.46
N THR D 7 -2.32 -30.48 -11.29
CA THR D 7 -3.09 -30.30 -10.08
C THR D 7 -4.03 -29.06 -10.13
N THR D 8 -3.55 -27.96 -10.71
CA THR D 8 -4.33 -26.73 -10.78
C THR D 8 -5.53 -26.90 -11.73
N TYR D 9 -5.34 -27.51 -12.91
CA TYR D 9 -6.48 -27.72 -13.79
C TYR D 9 -7.50 -28.72 -13.19
N GLU D 10 -7.05 -29.68 -12.38
CA GLU D 10 -7.99 -30.61 -11.70
C GLU D 10 -8.78 -29.85 -10.61
N LEU D 11 -8.12 -29.00 -9.84
CA LEU D 11 -8.84 -28.11 -8.91
C LEU D 11 -9.88 -27.23 -9.63
N LEU D 12 -9.49 -26.59 -10.73
CA LEU D 12 -10.43 -25.77 -11.50
C LEU D 12 -11.67 -26.58 -11.96
N ARG D 13 -11.48 -27.73 -12.62
CA ARG D 13 -12.63 -28.51 -13.09
C ARG D 13 -13.50 -29.04 -11.94
N ARG D 14 -12.87 -29.45 -10.85
CA ARG D 14 -13.60 -29.97 -9.67
C ARG D 14 -14.43 -28.87 -8.97
N GLN D 15 -13.98 -27.61 -9.10
CA GLN D 15 -14.70 -26.41 -8.61
C GLN D 15 -15.65 -25.78 -9.67
N GLY D 16 -15.77 -26.43 -10.82
CA GLY D 16 -16.77 -26.10 -11.85
C GLY D 16 -16.36 -25.11 -12.93
N ILE D 17 -15.09 -24.78 -13.00
CA ILE D 17 -14.58 -23.86 -13.99
C ILE D 17 -14.22 -24.62 -15.28
N ASP D 18 -14.69 -24.11 -16.43
CA ASP D 18 -14.36 -24.71 -17.74
C ASP D 18 -13.96 -23.72 -18.86
N THR D 19 -13.82 -22.43 -18.55
CA THR D 19 -13.53 -21.39 -19.56
C THR D 19 -12.45 -20.46 -19.02
N VAL D 20 -11.46 -20.10 -19.87
CA VAL D 20 -10.41 -19.10 -19.57
C VAL D 20 -10.57 -17.92 -20.53
N PHE D 21 -10.77 -16.72 -19.96
CA PHE D 21 -10.76 -15.45 -20.72
C PHE D 21 -9.34 -14.83 -20.66
N GLY D 22 -8.74 -14.50 -21.79
CA GLY D 22 -7.35 -14.05 -21.78
C GLY D 22 -6.78 -13.27 -22.97
N ASN D 23 -5.63 -12.65 -22.73
CA ASN D 23 -4.71 -12.10 -23.77
C ASN D 23 -3.29 -12.60 -23.38
N PRO D 24 -2.67 -13.44 -24.24
CA PRO D 24 -1.49 -14.22 -23.82
C PRO D 24 -0.16 -13.47 -23.87
N GLY D 25 0.87 -14.06 -23.25
CA GLY D 25 2.26 -13.54 -23.30
C GLY D 25 3.21 -14.63 -22.80
N SER D 26 4.51 -14.32 -22.82
CA SER D 26 5.54 -15.30 -22.54
C SER D 26 5.43 -15.86 -21.11
N ASN D 27 5.13 -15.00 -20.13
CA ASN D 27 5.04 -15.44 -18.73
C ASN D 27 3.82 -16.41 -18.48
N GLU D 28 2.91 -16.53 -19.46
CA GLU D 28 1.71 -17.38 -19.36
C GLU D 28 1.80 -18.69 -20.18
N LEU D 29 2.83 -18.82 -21.01
CA LEU D 29 2.89 -19.99 -21.89
C LEU D 29 3.00 -21.34 -21.14
N PRO D 30 3.76 -21.41 -20.02
CA PRO D 30 3.79 -22.67 -19.29
C PRO D 30 2.48 -23.07 -18.57
N PHE D 31 1.60 -22.10 -18.37
CA PHE D 31 0.22 -22.34 -17.88
C PHE D 31 -0.69 -22.82 -19.02
N LEU D 32 -0.62 -22.15 -20.17
CA LEU D 32 -1.55 -22.39 -21.28
C LEU D 32 -1.18 -23.61 -22.14
N LYS D 33 0.06 -24.05 -22.10
CA LYS D 33 0.46 -25.23 -22.90
C LYS D 33 -0.33 -26.48 -22.48
N ASP D 34 -0.44 -27.42 -23.42
CA ASP D 34 -1.17 -28.67 -23.15
CA ASP D 34 -1.21 -28.66 -23.22
C ASP D 34 -2.60 -28.36 -22.64
N PHE D 35 -3.22 -27.30 -23.18
CA PHE D 35 -4.54 -26.83 -22.74
C PHE D 35 -5.55 -28.01 -22.75
N PRO D 36 -6.20 -28.32 -21.61
CA PRO D 36 -7.04 -29.54 -21.60
C PRO D 36 -8.27 -29.47 -22.48
N GLU D 37 -8.67 -30.65 -22.97
CA GLU D 37 -9.79 -30.78 -23.90
C GLU D 37 -11.16 -30.44 -23.31
N ASP D 38 -11.30 -30.47 -21.99
CA ASP D 38 -12.56 -30.08 -21.33
C ASP D 38 -12.65 -28.58 -20.96
N PHE D 39 -11.63 -27.77 -21.32
CA PHE D 39 -11.69 -26.29 -21.18
C PHE D 39 -11.78 -25.59 -22.54
N ARG D 40 -12.31 -24.36 -22.56
CA ARG D 40 -12.23 -23.49 -23.74
C ARG D 40 -11.52 -22.16 -23.40
N TYR D 41 -10.79 -21.59 -24.37
CA TYR D 41 -10.12 -20.27 -24.24
C TYR D 41 -10.80 -19.22 -25.11
N ILE D 42 -11.13 -18.06 -24.52
CA ILE D 42 -11.74 -16.95 -25.27
C ILE D 42 -10.71 -15.77 -25.33
N LEU D 43 -10.15 -15.53 -26.53
CA LEU D 43 -9.18 -14.42 -26.75
C LEU D 43 -9.86 -13.06 -26.97
N ALA D 44 -9.34 -11.98 -26.36
CA ALA D 44 -9.66 -10.61 -26.74
C ALA D 44 -8.35 -9.83 -26.99
N LEU D 45 -8.44 -8.74 -27.78
CA LEU D 45 -7.26 -8.01 -28.27
C LEU D 45 -6.66 -6.96 -27.32
N GLN D 46 -7.37 -6.60 -26.26
CA GLN D 46 -6.83 -5.73 -25.20
C GLN D 46 -7.42 -6.11 -23.87
N GLU D 47 -6.72 -5.82 -22.78
CA GLU D 47 -7.13 -6.36 -21.50
C GLU D 47 -8.38 -5.75 -20.87
N ALA D 48 -8.69 -4.48 -21.15
CA ALA D 48 -10.00 -3.95 -20.74
C ALA D 48 -11.15 -4.82 -21.32
N CYS D 49 -10.96 -5.28 -22.56
CA CYS D 49 -11.96 -6.10 -23.24
C CYS D 49 -12.02 -7.50 -22.62
N VAL D 50 -10.87 -8.12 -22.30
CA VAL D 50 -10.82 -9.45 -21.66
C VAL D 50 -11.65 -9.46 -20.38
N VAL D 51 -11.34 -8.52 -19.50
CA VAL D 51 -12.03 -8.42 -18.21
C VAL D 51 -13.52 -8.08 -18.37
N GLY D 52 -13.86 -7.11 -19.26
CA GLY D 52 -15.27 -6.79 -19.55
C GLY D 52 -16.10 -8.00 -19.99
N ILE D 53 -15.51 -8.82 -20.87
CA ILE D 53 -16.20 -10.03 -21.36
C ILE D 53 -16.44 -11.03 -20.23
N ALA D 54 -15.38 -11.27 -19.45
CA ALA D 54 -15.48 -12.18 -18.30
C ALA D 54 -16.52 -11.71 -17.27
N ASP D 55 -16.55 -10.39 -17.08
CA ASP D 55 -17.48 -9.75 -16.12
C ASP D 55 -18.95 -10.00 -16.53
N GLY D 56 -19.28 -9.69 -17.79
CA GLY D 56 -20.64 -10.01 -18.25
C GLY D 56 -21.01 -11.49 -18.14
N TYR D 57 -20.09 -12.37 -18.52
CA TYR D 57 -20.29 -13.83 -18.37
C TYR D 57 -20.56 -14.24 -16.92
N ALA D 58 -19.77 -13.72 -15.99
CA ALA D 58 -19.96 -14.03 -14.56
C ALA D 58 -21.31 -13.51 -13.99
N GLN D 59 -21.64 -12.27 -14.37
CA GLN D 59 -22.88 -11.65 -13.91
C GLN D 59 -24.13 -12.43 -14.40
N ALA D 60 -24.15 -12.82 -15.67
CA ALA D 60 -25.31 -13.53 -16.23
C ALA D 60 -25.39 -15.00 -15.77
N SER D 61 -24.24 -15.64 -15.66
CA SER D 61 -24.14 -17.05 -15.28
C SER D 61 -24.33 -17.28 -13.77
N ARG D 62 -24.15 -16.22 -12.98
CA ARG D 62 -24.22 -16.28 -11.52
C ARG D 62 -23.21 -17.32 -10.95
N LYS D 63 -22.01 -17.35 -11.56
CA LYS D 63 -20.92 -18.22 -11.15
C LYS D 63 -19.57 -17.51 -11.46
N PRO D 64 -18.47 -17.91 -10.78
CA PRO D 64 -17.19 -17.26 -11.05
C PRO D 64 -16.68 -17.37 -12.48
N ALA D 65 -15.94 -16.34 -12.92
CA ALA D 65 -15.25 -16.39 -14.21
C ALA D 65 -13.72 -16.29 -14.00
N PHE D 66 -12.95 -17.02 -14.82
CA PHE D 66 -11.49 -17.16 -14.69
C PHE D 66 -10.77 -16.40 -15.82
N ILE D 67 -9.78 -15.58 -15.46
CA ILE D 67 -9.10 -14.64 -16.37
C ILE D 67 -7.59 -14.86 -16.29
N ASN D 68 -6.89 -14.75 -17.42
CA ASN D 68 -5.40 -14.87 -17.46
C ASN D 68 -4.79 -13.70 -18.27
N LEU D 69 -4.00 -12.84 -17.59
CA LEU D 69 -3.37 -11.64 -18.17
C LEU D 69 -1.83 -11.67 -18.09
N HIS D 70 -1.17 -10.75 -18.82
CA HIS D 70 0.31 -10.69 -18.94
C HIS D 70 0.96 -9.66 -18.05
N SER D 71 1.50 -10.13 -16.92
CA SER D 71 2.32 -9.28 -16.02
C SER D 71 1.68 -7.90 -15.70
N ALA D 72 2.52 -6.87 -15.45
CA ALA D 72 2.04 -5.54 -15.06
C ALA D 72 1.34 -4.79 -16.18
N ALA D 73 1.84 -4.89 -17.40
CA ALA D 73 1.24 -4.19 -18.55
C ALA D 73 -0.19 -4.68 -18.82
N GLY D 74 -0.39 -5.98 -18.85
CA GLY D 74 -1.74 -6.52 -19.00
C GLY D 74 -2.68 -6.21 -17.84
N THR D 75 -2.22 -6.44 -16.61
CA THR D 75 -3.00 -6.08 -15.46
C THR D 75 -3.36 -4.60 -15.50
N GLY D 76 -2.40 -3.72 -15.76
CA GLY D 76 -2.64 -2.29 -15.72
C GLY D 76 -3.64 -1.85 -16.77
N ASN D 77 -3.56 -2.44 -17.97
CA ASN D 77 -4.52 -2.10 -19.04
C ASN D 77 -5.96 -2.46 -18.62
N ALA D 78 -6.13 -3.36 -17.65
CA ALA D 78 -7.47 -3.80 -17.20
C ALA D 78 -7.99 -3.15 -15.90
N MET D 79 -7.24 -2.19 -15.33
CA MET D 79 -7.65 -1.67 -14.02
CA MET D 79 -7.62 -1.61 -14.02
C MET D 79 -8.90 -0.76 -14.03
N GLY D 80 -9.23 -0.11 -15.17
CA GLY D 80 -10.53 0.56 -15.29
C GLY D 80 -11.68 -0.45 -15.24
N ALA D 81 -11.53 -1.57 -15.96
CA ALA D 81 -12.50 -2.67 -15.88
C ALA D 81 -12.70 -3.26 -14.50
N LEU D 82 -11.61 -3.33 -13.75
CA LEU D 82 -11.68 -3.86 -12.37
C LEU D 82 -12.44 -2.90 -11.45
N SER D 83 -12.36 -1.59 -11.72
CA SER D 83 -13.13 -0.61 -10.97
CA SER D 83 -13.13 -0.61 -10.95
C SER D 83 -14.63 -0.93 -11.05
N ASN D 84 -15.14 -1.21 -12.26
CA ASN D 84 -16.54 -1.60 -12.39
C ASN D 84 -16.87 -2.90 -11.65
N ALA D 85 -16.00 -3.90 -11.81
CA ALA D 85 -16.23 -5.25 -11.23
C ALA D 85 -16.30 -5.22 -9.70
N TRP D 86 -15.52 -4.33 -9.10
CA TRP D 86 -15.57 -4.13 -7.65
C TRP D 86 -16.97 -3.65 -7.25
N ASN D 87 -17.49 -2.63 -7.97
CA ASN D 87 -18.81 -2.05 -7.64
C ASN D 87 -20.02 -3.00 -7.89
N SER D 88 -19.87 -3.94 -8.82
CA SER D 88 -20.93 -4.90 -9.13
C SER D 88 -20.81 -6.23 -8.39
N HIS D 89 -19.86 -6.31 -7.46
CA HIS D 89 -19.65 -7.56 -6.71
C HIS D 89 -19.46 -8.75 -7.66
N SER D 90 -18.69 -8.57 -8.73
CA SER D 90 -18.53 -9.65 -9.72
C SER D 90 -17.45 -10.65 -9.27
N PRO D 91 -17.76 -11.96 -9.23
CA PRO D 91 -16.81 -13.00 -8.84
C PRO D 91 -15.78 -13.34 -9.95
N LEU D 92 -14.70 -12.54 -10.01
CA LEU D 92 -13.66 -12.65 -11.06
C LEU D 92 -12.35 -13.15 -10.47
N ILE D 93 -11.81 -14.23 -11.02
CA ILE D 93 -10.54 -14.78 -10.53
C ILE D 93 -9.45 -14.31 -11.54
N VAL D 94 -8.72 -13.23 -11.21
CA VAL D 94 -7.73 -12.65 -12.13
C VAL D 94 -6.33 -13.17 -11.87
N THR D 95 -5.79 -13.93 -12.82
CA THR D 95 -4.42 -14.46 -12.71
C THR D 95 -3.52 -13.71 -13.70
N ALA D 96 -2.27 -13.48 -13.29
CA ALA D 96 -1.28 -12.82 -14.16
C ALA D 96 0.09 -13.47 -14.06
N GLY D 97 0.74 -13.72 -15.20
CA GLY D 97 2.03 -14.34 -15.18
C GLY D 97 3.16 -13.40 -14.80
N GLN D 98 4.07 -13.92 -13.98
CA GLN D 98 5.23 -13.21 -13.44
C GLN D 98 6.52 -13.80 -14.07
N GLN D 99 7.65 -13.06 -14.00
CA GLN D 99 8.94 -13.56 -14.47
C GLN D 99 9.38 -14.79 -13.67
N THR D 100 10.35 -15.53 -14.20
CA THR D 100 10.88 -16.68 -13.50
C THR D 100 11.44 -16.20 -12.16
N ARG D 101 11.34 -17.01 -11.10
CA ARG D 101 11.82 -16.58 -9.78
C ARG D 101 13.30 -16.12 -9.82
N ALA D 102 14.11 -16.77 -10.64
CA ALA D 102 15.56 -16.41 -10.80
C ALA D 102 15.85 -14.98 -11.29
N MET D 103 14.90 -14.34 -11.99
CA MET D 103 15.14 -13.01 -12.58
CA MET D 103 15.12 -13.02 -12.61
C MET D 103 14.29 -11.88 -11.98
N ILE D 104 13.45 -12.19 -11.00
CA ILE D 104 12.68 -11.17 -10.30
C ILE D 104 13.56 -10.09 -9.63
N GLY D 105 14.60 -10.53 -8.94
CA GLY D 105 15.51 -9.62 -8.24
C GLY D 105 16.18 -8.57 -9.10
N VAL D 106 16.61 -8.96 -10.29
CA VAL D 106 17.32 -8.03 -11.18
C VAL D 106 16.35 -7.13 -11.97
N GLU D 107 15.04 -7.39 -11.84
CA GLU D 107 14.00 -6.64 -12.56
C GLU D 107 14.21 -6.69 -14.07
N ALA D 108 14.30 -7.93 -14.56
CA ALA D 108 14.25 -8.20 -15.99
C ALA D 108 13.01 -7.57 -16.62
N LEU D 109 13.05 -7.31 -17.92
CA LEU D 109 11.84 -6.94 -18.62
C LEU D 109 10.70 -7.95 -18.29
N LEU D 110 9.49 -7.43 -18.10
CA LEU D 110 8.25 -8.18 -17.78
C LEU D 110 8.15 -8.68 -16.31
N THR D 111 9.05 -8.21 -15.46
CA THR D 111 8.89 -8.38 -14.02
C THR D 111 7.82 -7.43 -13.49
N ASN D 112 6.85 -8.01 -12.79
CA ASN D 112 5.76 -7.29 -12.15
C ASN D 112 6.24 -6.89 -10.76
N VAL D 113 6.74 -5.66 -10.64
CA VAL D 113 7.36 -5.21 -9.38
C VAL D 113 6.30 -5.01 -8.30
N ASP D 114 6.55 -5.52 -7.07
CA ASP D 114 5.60 -5.30 -5.97
C ASP D 114 4.19 -5.73 -6.40
N ALA D 115 4.10 -6.88 -7.09
CA ALA D 115 2.91 -7.28 -7.87
C ALA D 115 1.59 -7.26 -7.10
N ALA D 116 1.62 -7.67 -5.83
CA ALA D 116 0.38 -7.78 -5.05
C ALA D 116 -0.25 -6.41 -4.80
N ASN D 117 0.57 -5.34 -4.85
CA ASN D 117 0.05 -3.99 -4.62
CA ASN D 117 0.07 -3.97 -4.63
C ASN D 117 -0.56 -3.35 -5.89
N LEU D 118 -0.22 -3.89 -7.06
CA LEU D 118 -0.65 -3.28 -8.32
C LEU D 118 -2.17 -3.04 -8.42
N PRO D 119 -3.02 -4.08 -8.26
CA PRO D 119 -4.47 -3.90 -8.44
C PRO D 119 -5.25 -3.23 -7.28
N ARG D 120 -4.60 -3.09 -6.12
CA ARG D 120 -5.24 -2.44 -4.99
C ARG D 120 -5.56 -0.98 -5.28
N PRO D 121 -6.69 -0.44 -4.75
CA PRO D 121 -7.71 -1.01 -3.85
C PRO D 121 -8.91 -1.72 -4.48
N LEU D 122 -8.76 -2.22 -5.72
CA LEU D 122 -9.91 -2.68 -6.48
C LEU D 122 -10.19 -4.20 -6.39
N VAL D 123 -9.56 -4.89 -5.43
CA VAL D 123 -9.70 -6.36 -5.29
C VAL D 123 -9.89 -6.74 -3.82
N LYS D 124 -10.61 -7.86 -3.55
CA LYS D 124 -10.83 -8.39 -2.20
C LYS D 124 -9.61 -9.01 -1.56
N TRP D 125 -8.72 -9.56 -2.40
CA TRP D 125 -7.55 -10.33 -1.97
C TRP D 125 -6.56 -10.30 -3.15
N SER D 126 -5.28 -10.16 -2.85
CA SER D 126 -4.22 -10.00 -3.87
C SER D 126 -2.93 -10.64 -3.30
N TYR D 127 -2.26 -11.53 -4.07
CA TYR D 127 -1.24 -12.46 -3.50
C TYR D 127 -0.25 -12.98 -4.57
N GLU D 128 1.01 -13.16 -4.19
CA GLU D 128 2.00 -13.90 -5.01
C GLU D 128 2.55 -15.05 -4.11
N PRO D 129 2.39 -16.33 -4.53
CA PRO D 129 2.85 -17.42 -3.64
C PRO D 129 4.37 -17.44 -3.36
N ALA D 130 4.73 -17.91 -2.15
CA ALA D 130 6.14 -17.99 -1.72
C ALA D 130 6.91 -19.19 -2.31
N SER D 131 6.19 -20.15 -2.89
CA SER D 131 6.84 -21.29 -3.55
C SER D 131 5.91 -21.94 -4.59
N ALA D 132 6.50 -22.71 -5.52
CA ALA D 132 5.68 -23.38 -6.55
C ALA D 132 4.65 -24.35 -5.97
N ALA D 133 5.05 -25.10 -4.95
CA ALA D 133 4.17 -26.13 -4.35
C ALA D 133 2.90 -25.54 -3.72
N GLU D 134 2.97 -24.27 -3.31
CA GLU D 134 1.87 -23.51 -2.73
C GLU D 134 0.85 -23.00 -3.76
N VAL D 135 1.17 -23.07 -5.06
CA VAL D 135 0.30 -22.46 -6.08
C VAL D 135 -1.16 -23.04 -6.04
N PRO D 136 -1.34 -24.38 -6.00
CA PRO D 136 -2.73 -24.88 -5.91
C PRO D 136 -3.50 -24.38 -4.69
N HIS D 137 -2.87 -24.34 -3.51
CA HIS D 137 -3.52 -23.76 -2.33
C HIS D 137 -3.93 -22.30 -2.52
N ALA D 138 -3.04 -21.49 -3.11
CA ALA D 138 -3.33 -20.09 -3.39
C ALA D 138 -4.49 -19.92 -4.39
N MET D 139 -4.53 -20.80 -5.38
CA MET D 139 -5.66 -20.81 -6.32
C MET D 139 -6.98 -21.17 -5.62
N SER D 140 -6.95 -22.15 -4.71
CA SER D 140 -8.14 -22.49 -3.88
C SER D 140 -8.62 -21.25 -3.08
N ARG D 141 -7.67 -20.53 -2.49
CA ARG D 141 -8.01 -19.32 -1.74
C ARG D 141 -8.67 -18.28 -2.66
N ALA D 142 -8.13 -18.11 -3.85
CA ALA D 142 -8.68 -17.14 -4.83
C ALA D 142 -10.10 -17.52 -5.23
N ILE D 143 -10.34 -18.79 -5.57
CA ILE D 143 -11.67 -19.26 -5.96
C ILE D 143 -12.71 -18.95 -4.85
N HIS D 144 -12.36 -19.25 -3.59
CA HIS D 144 -13.33 -19.07 -2.51
C HIS D 144 -13.46 -17.60 -2.10
N MET D 145 -12.37 -16.84 -2.11
CA MET D 145 -12.49 -15.38 -1.82
C MET D 145 -13.35 -14.64 -2.86
N ALA D 146 -13.27 -15.06 -4.13
CA ALA D 146 -14.12 -14.44 -5.16
C ALA D 146 -15.62 -14.78 -4.97
N SER D 147 -15.87 -16.02 -4.53
CA SER D 147 -17.22 -16.62 -4.50
C SER D 147 -18.06 -16.36 -3.24
N MET D 148 -17.39 -16.16 -2.09
CA MET D 148 -18.06 -15.85 -0.84
C MET D 148 -18.65 -14.45 -0.84
N ALA D 149 -19.83 -14.28 -0.21
CA ALA D 149 -20.44 -12.97 -0.04
C ALA D 149 -19.59 -12.06 0.85
N PRO D 150 -19.45 -10.76 0.47
CA PRO D 150 -19.89 -10.13 -0.79
C PRO D 150 -18.94 -10.52 -1.93
N GLN D 151 -19.47 -11.06 -3.02
CA GLN D 151 -18.61 -11.51 -4.11
C GLN D 151 -17.78 -10.34 -4.68
N GLY D 152 -16.65 -10.66 -5.31
CA GLY D 152 -15.79 -9.60 -5.88
C GLY D 152 -14.57 -10.14 -6.59
N PRO D 153 -13.81 -9.24 -7.27
CA PRO D 153 -12.57 -9.65 -7.99
C PRO D 153 -11.42 -9.94 -7.03
N VAL D 154 -10.56 -10.90 -7.42
CA VAL D 154 -9.33 -11.27 -6.65
C VAL D 154 -8.14 -11.37 -7.63
N TYR D 155 -6.90 -11.32 -7.13
CA TYR D 155 -5.67 -11.27 -7.99
C TYR D 155 -4.62 -12.25 -7.51
N LEU D 156 -4.12 -13.09 -8.42
CA LEU D 156 -3.03 -14.06 -8.13
C LEU D 156 -1.90 -13.92 -9.18
N SER D 157 -0.70 -13.59 -8.74
CA SER D 157 0.50 -13.49 -9.61
C SER D 157 1.32 -14.77 -9.47
N VAL D 158 1.65 -15.44 -10.59
CA VAL D 158 2.36 -16.73 -10.54
C VAL D 158 3.65 -16.74 -11.41
N PRO D 159 4.84 -16.83 -10.78
CA PRO D 159 6.10 -16.95 -11.56
C PRO D 159 6.06 -18.13 -12.56
N TYR D 160 6.50 -17.88 -13.79
CA TYR D 160 6.23 -18.84 -14.87
C TYR D 160 6.93 -20.21 -14.72
N ASP D 161 7.99 -20.24 -13.92
CA ASP D 161 8.72 -21.49 -13.66
C ASP D 161 7.98 -22.45 -12.69
N ASP D 162 6.93 -21.97 -12.01
CA ASP D 162 6.22 -22.81 -11.03
C ASP D 162 5.43 -23.99 -11.64
N TRP D 163 4.94 -23.81 -12.87
CA TRP D 163 3.94 -24.74 -13.41
C TRP D 163 4.48 -26.16 -13.61
N ASP D 164 5.73 -26.30 -13.99
CA ASP D 164 6.34 -27.63 -14.27
C ASP D 164 6.83 -28.34 -13.00
N LYS D 165 6.82 -27.65 -11.85
CA LYS D 165 7.30 -28.24 -10.60
C LYS D 165 6.28 -29.21 -9.98
N ASP D 166 6.73 -30.01 -9.02
CA ASP D 166 5.86 -30.94 -8.32
C ASP D 166 4.92 -30.20 -7.35
N ALA D 167 3.65 -30.61 -7.33
CA ALA D 167 2.66 -30.08 -6.39
C ALA D 167 2.81 -30.69 -4.97
N ASP D 168 2.35 -29.98 -3.95
CA ASP D 168 2.21 -30.56 -2.62
C ASP D 168 1.35 -31.83 -2.71
N PRO D 169 1.85 -32.96 -2.16
CA PRO D 169 1.03 -34.17 -2.27
C PRO D 169 -0.34 -34.10 -1.53
N GLN D 170 -0.46 -33.20 -0.56
CA GLN D 170 -1.73 -33.02 0.16
C GLN D 170 -2.73 -32.04 -0.56
N SER D 171 -2.36 -31.54 -1.74
CA SER D 171 -3.25 -30.70 -2.56
C SER D 171 -4.60 -31.34 -2.90
N HIS D 172 -4.68 -32.68 -2.92
CA HIS D 172 -5.96 -33.32 -3.22
C HIS D 172 -7.13 -32.98 -2.28
N HIS D 173 -6.84 -32.66 -1.02
CA HIS D 173 -7.84 -32.20 -0.06
C HIS D 173 -8.56 -30.91 -0.54
N LEU D 174 -7.94 -30.16 -1.45
CA LEU D 174 -8.55 -28.91 -1.94
C LEU D 174 -9.71 -29.14 -2.92
N PHE D 175 -9.65 -30.24 -3.66
CA PHE D 175 -10.49 -30.35 -4.87
C PHE D 175 -11.99 -30.22 -4.62
N ASP D 176 -12.50 -30.90 -3.60
CA ASP D 176 -13.95 -30.96 -3.35
C ASP D 176 -14.46 -30.10 -2.16
N ARG D 177 -13.65 -29.13 -1.70
CA ARG D 177 -14.09 -28.20 -0.64
C ARG D 177 -15.33 -27.42 -1.06
N HIS D 178 -16.35 -27.42 -0.19
CA HIS D 178 -17.58 -26.65 -0.36
C HIS D 178 -17.63 -25.57 0.76
N VAL D 179 -17.75 -24.32 0.36
CA VAL D 179 -17.83 -23.18 1.29
C VAL D 179 -19.13 -22.41 1.09
N SER D 180 -19.91 -22.28 2.16
CA SER D 180 -21.21 -21.64 2.07
C SER D 180 -21.30 -20.33 2.84
N SER D 181 -21.85 -19.30 2.21
CA SER D 181 -22.27 -18.07 2.90
C SER D 181 -23.79 -17.81 2.77
N SER D 182 -24.57 -18.89 2.58
CA SER D 182 -26.03 -18.81 2.40
CA SER D 182 -26.03 -18.83 2.41
C SER D 182 -26.72 -18.76 3.76
N VAL D 183 -26.59 -17.58 4.39
CA VAL D 183 -27.02 -17.36 5.77
C VAL D 183 -28.09 -16.29 5.88
N ARG D 184 -28.91 -16.38 6.93
CA ARG D 184 -29.92 -15.35 7.21
C ARG D 184 -30.06 -15.07 8.70
N LEU D 185 -30.74 -13.96 9.00
CA LEU D 185 -30.93 -13.49 10.37
C LEU D 185 -31.57 -14.57 11.26
N ASN D 186 -31.08 -14.69 12.50
CA ASN D 186 -31.63 -15.66 13.44
C ASN D 186 -33.14 -15.49 13.65
N ASP D 187 -33.82 -16.60 13.97
CA ASP D 187 -35.29 -16.62 14.13
C ASP D 187 -35.87 -15.49 14.99
N GLN D 188 -35.29 -15.25 16.16
CA GLN D 188 -35.80 -14.23 17.08
C GLN D 188 -35.79 -12.83 16.48
N ASP D 189 -34.65 -12.42 15.90
CA ASP D 189 -34.55 -11.08 15.36
C ASP D 189 -35.29 -10.98 14.01
N LEU D 190 -35.36 -12.07 13.27
CA LEU D 190 -36.16 -12.12 12.03
C LEU D 190 -37.66 -11.92 12.33
N ASP D 191 -38.14 -12.51 13.41
CA ASP D 191 -39.53 -12.29 13.84
CA ASP D 191 -39.54 -12.28 13.83
C ASP D 191 -39.79 -10.81 14.18
N ILE D 192 -38.81 -10.14 14.80
CA ILE D 192 -38.91 -8.71 15.10
C ILE D 192 -39.02 -7.88 13.80
N LEU D 193 -38.21 -8.19 12.79
CA LEU D 193 -38.28 -7.48 11.51
C LEU D 193 -39.63 -7.73 10.85
N VAL D 194 -40.08 -8.98 10.83
CA VAL D 194 -41.37 -9.34 10.21
C VAL D 194 -42.54 -8.57 10.87
N LYS D 195 -42.54 -8.50 12.19
CA LYS D 195 -43.52 -7.70 12.92
C LYS D 195 -43.50 -6.22 12.53
N ALA D 196 -42.30 -5.62 12.37
CA ALA D 196 -42.18 -4.22 11.95
C ALA D 196 -42.75 -3.97 10.56
N LEU D 197 -42.54 -4.92 9.64
CA LEU D 197 -43.13 -4.81 8.30
C LEU D 197 -44.68 -4.99 8.33
N ASN D 198 -45.14 -6.00 9.04
CA ASN D 198 -46.60 -6.29 9.19
C ASN D 198 -47.38 -5.07 9.73
N SER D 199 -46.77 -4.31 10.65
CA SER D 199 -47.43 -3.16 11.28
C SER D 199 -47.17 -1.76 10.65
N ALA D 200 -46.33 -1.66 9.62
CA ALA D 200 -46.11 -0.42 8.92
C ALA D 200 -47.42 0.00 8.25
N SER D 201 -47.69 1.30 8.28
CA SER D 201 -48.92 1.87 7.71
CA SER D 201 -48.92 1.87 7.71
C SER D 201 -48.76 2.22 6.24
N ASN D 202 -47.53 2.55 5.83
CA ASN D 202 -47.24 2.99 4.45
C ASN D 202 -45.80 2.59 4.05
N PRO D 203 -45.51 1.26 4.00
CA PRO D 203 -44.17 0.77 3.65
C PRO D 203 -43.78 1.08 2.20
N ALA D 204 -42.47 1.27 1.97
CA ALA D 204 -41.88 1.35 0.63
C ALA D 204 -40.69 0.41 0.58
N ILE D 205 -40.38 -0.08 -0.62
CA ILE D 205 -39.25 -0.98 -0.86
C ILE D 205 -38.29 -0.38 -1.89
N VAL D 206 -36.97 -0.47 -1.65
CA VAL D 206 -35.93 -0.08 -2.62
C VAL D 206 -35.00 -1.30 -2.83
N LEU D 207 -34.82 -1.67 -4.09
CA LEU D 207 -34.04 -2.86 -4.49
C LEU D 207 -32.76 -2.45 -5.30
N GLY D 208 -31.66 -3.15 -5.03
CA GLY D 208 -30.38 -2.92 -5.72
C GLY D 208 -29.88 -4.13 -6.51
N PRO D 209 -28.64 -4.03 -7.02
CA PRO D 209 -28.18 -5.06 -7.98
C PRO D 209 -28.01 -6.47 -7.39
N ASP D 210 -27.72 -6.54 -6.09
CA ASP D 210 -27.49 -7.83 -5.48
C ASP D 210 -28.76 -8.72 -5.40
N VAL D 211 -29.95 -8.11 -5.58
CA VAL D 211 -31.23 -8.89 -5.72
C VAL D 211 -31.17 -9.71 -7.03
N ASP D 212 -30.80 -9.05 -8.13
CA ASP D 212 -30.71 -9.74 -9.43
C ASP D 212 -29.59 -10.77 -9.43
N ALA D 213 -28.42 -10.44 -8.84
CA ALA D 213 -27.33 -11.42 -8.72
C ALA D 213 -27.77 -12.70 -8.00
N ALA D 214 -28.60 -12.57 -6.96
CA ALA D 214 -29.12 -13.68 -6.18
C ALA D 214 -30.26 -14.43 -6.81
N ASN D 215 -30.78 -13.93 -7.92
CA ASN D 215 -32.08 -14.40 -8.44
C ASN D 215 -33.20 -14.34 -7.40
N ALA D 216 -33.21 -13.25 -6.63
CA ALA D 216 -34.23 -13.05 -5.60
C ALA D 216 -35.42 -12.23 -6.10
N ASN D 217 -35.46 -11.99 -7.41
CA ASN D 217 -36.45 -11.14 -8.04
C ASN D 217 -37.90 -11.62 -7.72
N ALA D 218 -38.15 -12.91 -7.95
CA ALA D 218 -39.52 -13.44 -7.76
C ALA D 218 -39.96 -13.36 -6.30
N ASP D 219 -39.04 -13.63 -5.35
CA ASP D 219 -39.36 -13.46 -3.93
C ASP D 219 -39.64 -12.00 -3.54
N CYS D 220 -38.90 -11.04 -4.13
CA CYS D 220 -39.19 -9.61 -3.91
C CYS D 220 -40.57 -9.17 -4.49
N VAL D 221 -40.96 -9.71 -5.64
CA VAL D 221 -42.34 -9.55 -6.15
C VAL D 221 -43.42 -10.05 -5.13
N MET D 222 -43.21 -11.24 -4.56
CA MET D 222 -44.14 -11.80 -3.57
CA MET D 222 -44.14 -11.79 -3.56
C MET D 222 -44.21 -10.90 -2.34
N LEU D 223 -43.06 -10.45 -1.87
CA LEU D 223 -42.99 -9.54 -0.73
C LEU D 223 -43.75 -8.24 -0.97
N ALA D 224 -43.53 -7.60 -2.12
CA ALA D 224 -44.17 -6.31 -2.44
C ALA D 224 -45.71 -6.48 -2.62
N GLU D 225 -46.13 -7.61 -3.16
CA GLU D 225 -47.56 -7.95 -3.25
C GLU D 225 -48.20 -8.17 -1.88
N ARG D 226 -47.54 -8.93 -1.00
CA ARG D 226 -48.06 -9.12 0.34
C ARG D 226 -48.19 -7.78 1.10
N LEU D 227 -47.15 -6.94 1.04
CA LEU D 227 -47.15 -5.66 1.76
C LEU D 227 -47.89 -4.51 1.06
N LYS D 228 -48.33 -4.76 -0.17
CA LYS D 228 -48.96 -3.74 -1.04
C LYS D 228 -48.12 -2.48 -1.18
N ALA D 229 -46.82 -2.66 -1.38
CA ALA D 229 -45.83 -1.57 -1.29
C ALA D 229 -45.30 -1.13 -2.64
N PRO D 230 -45.09 0.19 -2.85
CA PRO D 230 -44.36 0.65 -4.04
C PRO D 230 -42.88 0.23 -3.98
N VAL D 231 -42.30 -0.02 -5.15
CA VAL D 231 -40.93 -0.52 -5.30
C VAL D 231 -40.12 0.38 -6.24
N TRP D 232 -38.99 0.89 -5.76
CA TRP D 232 -38.03 1.67 -6.62
C TRP D 232 -36.74 0.89 -6.82
N VAL D 233 -35.98 1.21 -7.88
CA VAL D 233 -34.61 0.72 -8.03
CA VAL D 233 -34.61 0.72 -8.01
C VAL D 233 -33.65 1.80 -7.53
N ALA D 234 -32.70 1.39 -6.69
CA ALA D 234 -31.69 2.29 -6.14
C ALA D 234 -30.88 2.99 -7.25
N PRO D 235 -30.37 4.23 -6.98
CA PRO D 235 -29.74 5.05 -8.01
C PRO D 235 -28.45 4.47 -8.65
N SER D 236 -28.12 4.96 -9.83
CA SER D 236 -26.94 4.53 -10.57
C SER D 236 -26.96 3.02 -10.79
N ALA D 237 -28.15 2.48 -11.07
CA ALA D 237 -28.39 1.06 -11.07
C ALA D 237 -27.53 0.19 -12.03
N PRO D 238 -26.71 -0.71 -11.48
CA PRO D 238 -25.97 -1.67 -12.36
C PRO D 238 -26.79 -2.83 -13.01
N ARG D 239 -27.93 -3.19 -12.42
CA ARG D 239 -28.77 -4.33 -12.85
C ARG D 239 -30.26 -3.99 -12.68
N CYS D 240 -31.17 -4.83 -13.24
CA CYS D 240 -32.62 -4.65 -13.01
C CYS D 240 -33.19 -5.77 -12.09
N PRO D 241 -33.63 -5.40 -10.85
CA PRO D 241 -34.10 -6.36 -9.85
C PRO D 241 -35.61 -6.65 -9.78
N PHE D 242 -36.41 -6.11 -10.72
CA PHE D 242 -37.88 -6.19 -10.59
C PHE D 242 -38.52 -6.03 -11.96
N PRO D 243 -39.67 -6.71 -12.19
CA PRO D 243 -40.38 -6.49 -13.47
C PRO D 243 -40.87 -5.04 -13.63
N THR D 244 -40.46 -4.37 -14.73
CA THR D 244 -40.62 -2.91 -14.83
C THR D 244 -42.05 -2.43 -15.14
N ARG D 245 -42.95 -3.37 -15.48
CA ARG D 245 -44.37 -3.11 -15.71
CA ARG D 245 -44.36 -3.03 -15.67
C ARG D 245 -45.28 -3.73 -14.65
N HIS D 246 -44.69 -4.32 -13.59
CA HIS D 246 -45.48 -4.77 -12.44
C HIS D 246 -46.17 -3.54 -11.81
N PRO D 247 -47.41 -3.71 -11.32
CA PRO D 247 -48.11 -2.57 -10.72
C PRO D 247 -47.38 -1.80 -9.60
N CYS D 248 -46.59 -2.49 -8.78
CA CYS D 248 -45.85 -1.82 -7.68
C CYS D 248 -44.63 -0.98 -8.15
N PHE D 249 -44.18 -1.17 -9.38
CA PHE D 249 -42.89 -0.54 -9.78
C PHE D 249 -42.97 0.97 -9.98
N ARG D 250 -42.04 1.71 -9.38
CA ARG D 250 -42.00 3.16 -9.50
C ARG D 250 -40.78 3.73 -10.23
N GLY D 251 -39.92 2.87 -10.77
CA GLY D 251 -38.79 3.32 -11.58
C GLY D 251 -37.46 3.54 -10.88
N LEU D 252 -36.54 4.11 -11.64
CA LEU D 252 -35.17 4.39 -11.21
C LEU D 252 -35.11 5.68 -10.41
N MET D 253 -34.52 5.62 -9.20
CA MET D 253 -34.39 6.82 -8.40
C MET D 253 -33.30 7.75 -8.97
N PRO D 254 -33.56 9.07 -9.07
CA PRO D 254 -32.48 10.00 -9.45
C PRO D 254 -31.38 10.00 -8.37
N ALA D 255 -30.13 10.19 -8.80
CA ALA D 255 -28.95 9.99 -7.92
C ALA D 255 -28.57 11.26 -7.15
N GLY D 256 -29.52 11.74 -6.35
CA GLY D 256 -29.36 12.99 -5.55
C GLY D 256 -29.91 12.85 -4.15
N ILE D 257 -29.21 13.46 -3.19
CA ILE D 257 -29.59 13.41 -1.79
C ILE D 257 -31.02 13.95 -1.60
N ALA D 258 -31.24 15.19 -2.03
CA ALA D 258 -32.55 15.82 -1.88
C ALA D 258 -33.67 15.12 -2.67
N ALA D 259 -33.38 14.70 -3.91
CA ALA D 259 -34.36 14.01 -4.73
C ALA D 259 -34.91 12.71 -4.05
N ILE D 260 -34.02 11.95 -3.41
CA ILE D 260 -34.41 10.68 -2.79
C ILE D 260 -35.19 10.87 -1.47
N SER D 261 -34.76 11.82 -0.63
CA SER D 261 -35.49 12.09 0.59
C SER D 261 -36.93 12.55 0.30
N GLN D 262 -37.11 13.27 -0.81
CA GLN D 262 -38.44 13.73 -1.23
C GLN D 262 -39.34 12.58 -1.70
N LEU D 263 -38.80 11.63 -2.46
CA LEU D 263 -39.55 10.44 -2.87
C LEU D 263 -39.99 9.58 -1.70
N LEU D 264 -39.17 9.54 -0.65
CA LEU D 264 -39.44 8.67 0.49
C LEU D 264 -40.32 9.33 1.59
N GLU D 265 -40.56 10.64 1.46
CA GLU D 265 -41.37 11.38 2.44
C GLU D 265 -42.76 10.74 2.59
N GLY D 266 -43.20 10.59 3.83
CA GLY D 266 -44.53 10.00 4.12
C GLY D 266 -44.56 8.49 4.29
N HIS D 267 -43.46 7.81 3.93
CA HIS D 267 -43.39 6.36 4.13
C HIS D 267 -42.77 6.09 5.49
N ASP D 268 -43.47 5.38 6.36
CA ASP D 268 -43.01 5.18 7.74
C ASP D 268 -41.82 4.22 7.90
N VAL D 269 -41.78 3.20 7.04
CA VAL D 269 -40.72 2.20 7.01
C VAL D 269 -40.30 2.03 5.55
N VAL D 270 -39.01 2.26 5.27
CA VAL D 270 -38.39 1.97 3.96
C VAL D 270 -37.43 0.75 4.11
N LEU D 271 -37.71 -0.34 3.40
CA LEU D 271 -36.89 -1.54 3.40
C LEU D 271 -36.04 -1.51 2.15
N VAL D 272 -34.72 -1.41 2.31
CA VAL D 272 -33.76 -1.46 1.21
C VAL D 272 -33.12 -2.88 1.18
N ILE D 273 -33.14 -3.52 0.01
CA ILE D 273 -32.60 -4.87 -0.13
C ILE D 273 -31.54 -4.88 -1.24
N GLY D 274 -30.31 -5.25 -0.91
CA GLY D 274 -29.30 -5.52 -1.95
C GLY D 274 -28.72 -4.30 -2.65
N ALA D 275 -28.70 -3.14 -1.96
CA ALA D 275 -28.13 -1.88 -2.51
C ALA D 275 -27.27 -1.16 -1.49
N PRO D 276 -26.31 -0.31 -1.96
CA PRO D 276 -25.66 0.64 -1.06
C PRO D 276 -26.68 1.72 -0.72
N VAL D 277 -26.52 2.40 0.42
CA VAL D 277 -27.40 3.48 0.84
C VAL D 277 -26.61 4.83 0.86
N PHE D 278 -26.68 5.66 -0.18
CA PHE D 278 -27.11 5.35 -1.55
C PHE D 278 -26.01 5.75 -2.55
N ARG D 279 -26.03 5.21 -3.77
CA ARG D 279 -25.02 5.55 -4.79
C ARG D 279 -25.42 6.85 -5.53
N TYR D 280 -25.34 7.96 -4.82
CA TYR D 280 -25.54 9.29 -5.41
C TYR D 280 -24.49 9.64 -6.49
N HIS D 281 -24.69 10.72 -7.26
CA HIS D 281 -23.82 11.06 -8.40
C HIS D 281 -23.68 12.59 -8.46
N GLN D 282 -24.70 13.27 -8.99
CA GLN D 282 -24.73 14.74 -8.92
C GLN D 282 -24.81 15.21 -7.47
N TYR D 283 -24.32 16.43 -7.20
CA TYR D 283 -24.45 17.02 -5.85
C TYR D 283 -25.77 17.79 -5.76
N ASP D 284 -26.63 17.32 -4.86
CA ASP D 284 -28.01 17.77 -4.74
C ASP D 284 -28.27 17.87 -3.25
N PRO D 285 -27.62 18.86 -2.59
CA PRO D 285 -27.62 18.85 -1.13
C PRO D 285 -29.01 19.05 -0.51
N GLY D 286 -29.22 18.39 0.62
CA GLY D 286 -30.49 18.41 1.35
C GLY D 286 -30.44 17.40 2.48
N GLN D 287 -31.62 16.95 2.91
CA GLN D 287 -31.73 15.97 4.00
C GLN D 287 -31.55 14.56 3.46
N TYR D 288 -30.94 13.69 4.26
CA TYR D 288 -30.75 12.28 3.85
C TYR D 288 -32.09 11.55 3.86
N LEU D 289 -32.90 11.86 4.87
CA LEU D 289 -34.28 11.34 5.06
C LEU D 289 -35.07 12.43 5.76
N LYS D 290 -36.33 12.57 5.40
CA LYS D 290 -37.20 13.55 6.08
C LYS D 290 -37.79 12.96 7.37
N PRO D 291 -38.25 13.84 8.27
CA PRO D 291 -38.84 13.38 9.52
C PRO D 291 -40.00 12.38 9.33
N GLY D 292 -39.98 11.31 10.10
CA GLY D 292 -41.10 10.35 10.11
C GLY D 292 -40.86 9.09 9.30
N THR D 293 -39.67 8.99 8.70
CA THR D 293 -39.27 7.79 7.92
C THR D 293 -38.11 7.12 8.64
N ARG D 294 -38.26 5.82 8.89
CA ARG D 294 -37.13 4.98 9.36
C ARG D 294 -36.76 4.02 8.25
N LEU D 295 -35.46 3.78 8.10
CA LEU D 295 -34.91 2.95 7.03
C LEU D 295 -34.26 1.70 7.61
N ILE D 296 -34.47 0.54 6.97
CA ILE D 296 -33.84 -0.73 7.35
C ILE D 296 -33.23 -1.32 6.07
N SER D 297 -31.92 -1.55 6.07
CA SER D 297 -31.15 -2.07 4.94
C SER D 297 -30.72 -3.52 5.16
N VAL D 298 -30.94 -4.37 4.17
CA VAL D 298 -30.41 -5.72 4.13
C VAL D 298 -29.36 -5.72 3.01
N THR D 299 -28.12 -5.99 3.38
CA THR D 299 -26.97 -5.96 2.45
C THR D 299 -26.06 -7.17 2.64
N CYS D 300 -25.44 -7.62 1.55
CA CYS D 300 -24.47 -8.71 1.62
C CYS D 300 -23.04 -8.20 1.96
N ASP D 301 -22.85 -6.88 2.10
CA ASP D 301 -21.52 -6.25 2.16
C ASP D 301 -21.33 -5.41 3.43
N PRO D 302 -20.44 -5.87 4.35
CA PRO D 302 -20.21 -5.02 5.53
C PRO D 302 -19.75 -3.55 5.24
N LEU D 303 -19.02 -3.33 4.15
CA LEU D 303 -18.58 -1.96 3.80
C LEU D 303 -19.77 -1.03 3.48
N GLU D 304 -20.83 -1.60 2.88
CA GLU D 304 -22.06 -0.87 2.61
C GLU D 304 -22.78 -0.55 3.93
N ALA D 305 -22.94 -1.55 4.79
CA ALA D 305 -23.57 -1.35 6.10
C ALA D 305 -22.86 -0.28 6.93
N ALA D 306 -21.52 -0.27 6.92
CA ALA D 306 -20.76 0.69 7.76
C ALA D 306 -20.93 2.13 7.34
N ARG D 307 -21.03 2.36 6.02
CA ARG D 307 -20.95 3.75 5.46
C ARG D 307 -22.28 4.46 5.20
N ALA D 308 -23.41 3.75 5.33
CA ALA D 308 -24.73 4.37 5.22
C ALA D 308 -24.84 5.48 6.25
N PRO D 309 -25.23 6.69 5.83
CA PRO D 309 -25.36 7.80 6.80
C PRO D 309 -26.63 7.78 7.64
N MET D 310 -27.52 6.80 7.42
CA MET D 310 -28.76 6.67 8.17
C MET D 310 -29.27 5.21 8.16
N GLY D 311 -30.12 4.89 9.12
CA GLY D 311 -30.86 3.59 9.15
C GLY D 311 -30.19 2.44 9.88
N ASP D 312 -30.96 1.37 10.13
CA ASP D 312 -30.43 0.12 10.69
C ASP D 312 -29.99 -0.75 9.51
N ALA D 313 -29.16 -1.75 9.77
CA ALA D 313 -28.67 -2.66 8.71
C ALA D 313 -28.54 -4.10 9.22
N ILE D 314 -28.67 -5.05 8.29
CA ILE D 314 -28.47 -6.48 8.57
C ILE D 314 -27.56 -7.03 7.45
N VAL D 315 -26.45 -7.65 7.81
CA VAL D 315 -25.51 -8.21 6.83
C VAL D 315 -25.77 -9.71 6.66
N ALA D 316 -26.26 -10.11 5.49
CA ALA D 316 -26.68 -11.50 5.23
C ALA D 316 -26.81 -11.79 3.72
N ASP D 317 -27.08 -13.05 3.37
CA ASP D 317 -27.27 -13.44 1.98
C ASP D 317 -28.62 -12.92 1.47
N ILE D 318 -28.63 -12.29 0.29
CA ILE D 318 -29.85 -11.69 -0.23
C ILE D 318 -30.89 -12.75 -0.64
N GLY D 319 -30.45 -13.86 -1.25
CA GLY D 319 -31.39 -14.96 -1.59
C GLY D 319 -32.11 -15.53 -0.37
N ALA D 320 -31.32 -15.86 0.65
CA ALA D 320 -31.87 -16.47 1.86
C ALA D 320 -32.81 -15.53 2.59
N MET D 321 -32.44 -14.25 2.66
CA MET D 321 -33.28 -13.25 3.36
C MET D 321 -34.57 -12.92 2.60
N ALA D 322 -34.48 -12.74 1.28
CA ALA D 322 -35.66 -12.45 0.49
C ALA D 322 -36.70 -13.57 0.58
N SER D 323 -36.24 -14.82 0.45
CA SER D 323 -37.12 -15.99 0.55
C SER D 323 -37.80 -16.09 1.91
N ALA D 324 -37.04 -15.92 2.99
CA ALA D 324 -37.61 -15.94 4.35
C ALA D 324 -38.67 -14.87 4.58
N LEU D 325 -38.36 -13.63 4.20
CA LEU D 325 -39.28 -12.52 4.34
C LEU D 325 -40.56 -12.74 3.50
N ALA D 326 -40.41 -13.14 2.24
CA ALA D 326 -41.57 -13.29 1.38
C ALA D 326 -42.56 -14.34 1.90
N ASN D 327 -42.04 -15.35 2.58
CA ASN D 327 -42.87 -16.45 3.09
C ASN D 327 -43.42 -16.24 4.51
N LEU D 328 -42.86 -15.28 5.24
CA LEU D 328 -43.28 -15.03 6.63
C LEU D 328 -44.26 -13.87 6.81
N VAL D 329 -44.21 -12.85 5.95
CA VAL D 329 -45.04 -11.65 6.16
C VAL D 329 -46.54 -11.96 5.91
N GLU D 330 -47.41 -11.24 6.61
CA GLU D 330 -48.85 -11.39 6.41
CA GLU D 330 -48.86 -11.36 6.43
C GLU D 330 -49.29 -10.70 5.12
N GLU D 331 -50.42 -11.15 4.59
CA GLU D 331 -51.07 -10.52 3.42
C GLU D 331 -51.88 -9.30 3.92
N SER D 332 -51.42 -8.09 3.59
CA SER D 332 -52.12 -6.86 3.93
C SER D 332 -53.39 -6.70 3.09
N SER D 333 -54.42 -6.16 3.74
CA SER D 333 -55.69 -5.88 3.09
C SER D 333 -55.74 -4.49 2.42
N ARG D 334 -54.64 -3.73 2.43
CA ARG D 334 -54.55 -2.46 1.70
C ARG D 334 -54.74 -2.68 0.18
N GLN D 335 -55.01 -1.58 -0.51
CA GLN D 335 -55.18 -1.57 -1.98
C GLN D 335 -53.81 -1.75 -2.62
N LEU D 336 -53.73 -2.60 -3.65
CA LEU D 336 -52.49 -2.76 -4.40
C LEU D 336 -52.16 -1.44 -5.11
N PRO D 337 -50.87 -1.05 -5.15
CA PRO D 337 -50.52 0.08 -6.00
C PRO D 337 -51.02 -0.03 -7.44
N THR D 338 -51.34 1.11 -8.04
CA THR D 338 -51.72 1.17 -9.45
C THR D 338 -50.47 1.43 -10.29
N ALA D 339 -50.43 0.77 -11.44
CA ALA D 339 -49.27 0.83 -12.34
C ALA D 339 -48.99 2.25 -12.80
N ALA D 340 -47.72 2.55 -13.08
CA ALA D 340 -47.33 3.84 -13.60
C ALA D 340 -47.93 4.00 -15.00
N PRO D 341 -48.24 5.23 -15.40
CA PRO D 341 -48.78 5.44 -16.76
C PRO D 341 -47.74 5.13 -17.82
N GLU D 342 -48.17 4.76 -19.02
CA GLU D 342 -47.22 4.56 -20.12
C GLU D 342 -46.64 5.88 -20.59
N PRO D 343 -45.40 5.87 -21.10
CA PRO D 343 -44.78 7.12 -21.51
C PRO D 343 -45.45 7.72 -22.76
N ALA D 344 -45.40 9.03 -22.88
CA ALA D 344 -45.92 9.72 -24.08
C ALA D 344 -45.03 9.44 -25.29
N LYS D 345 -45.64 9.41 -26.47
CA LYS D 345 -44.89 9.27 -27.74
C LYS D 345 -44.44 10.65 -28.21
N VAL D 346 -43.14 10.92 -28.23
CA VAL D 346 -42.65 12.26 -28.57
C VAL D 346 -42.71 12.48 -30.08
N ASP D 347 -42.81 13.74 -30.51
CA ASP D 347 -42.91 14.00 -31.95
C ASP D 347 -41.62 13.59 -32.66
N GLN D 348 -41.76 12.90 -33.79
CA GLN D 348 -40.63 12.45 -34.59
C GLN D 348 -40.88 12.82 -36.05
N ASP D 349 -39.99 13.60 -36.64
CA ASP D 349 -40.05 13.90 -38.09
C ASP D 349 -39.24 12.86 -38.89
N ALA D 350 -39.05 13.09 -40.19
CA ALA D 350 -38.37 12.11 -41.05
C ALA D 350 -36.82 12.22 -41.07
N GLY D 351 -36.27 12.95 -40.09
CA GLY D 351 -34.82 13.14 -39.95
C GLY D 351 -34.21 12.34 -38.79
N ARG D 352 -33.22 12.94 -38.13
CA ARG D 352 -32.46 12.25 -37.05
C ARG D 352 -33.38 11.79 -35.92
N LEU D 353 -33.01 10.67 -35.27
CA LEU D 353 -33.86 10.01 -34.29
C LEU D 353 -33.75 10.61 -32.90
N HIS D 354 -34.89 10.86 -32.27
CA HIS D 354 -34.90 11.15 -30.83
C HIS D 354 -34.63 9.85 -30.10
N PRO D 355 -33.81 9.88 -29.03
CA PRO D 355 -33.64 8.65 -28.26
C PRO D 355 -34.93 7.94 -27.84
N GLU D 356 -35.94 8.72 -27.44
CA GLU D 356 -37.24 8.19 -27.04
C GLU D 356 -37.82 7.26 -28.12
N THR D 357 -37.72 7.70 -29.38
CA THR D 357 -38.16 6.90 -30.53
C THR D 357 -37.42 5.57 -30.60
N VAL D 358 -36.10 5.61 -30.38
CA VAL D 358 -35.30 4.39 -30.44
C VAL D 358 -35.79 3.36 -29.39
N PHE D 359 -35.99 3.81 -28.15
CA PHE D 359 -36.41 2.86 -27.11
C PHE D 359 -37.81 2.33 -27.35
N ASP D 360 -38.72 3.16 -27.89
CA ASP D 360 -40.10 2.68 -28.13
C ASP D 360 -40.05 1.60 -29.22
N THR D 361 -39.25 1.82 -30.25
CA THR D 361 -39.09 0.83 -31.35
C THR D 361 -38.48 -0.48 -30.85
N LEU D 362 -37.42 -0.40 -30.05
CA LEU D 362 -36.87 -1.60 -29.43
C LEU D 362 -37.92 -2.39 -28.64
N ASN D 363 -38.69 -1.68 -27.81
CA ASN D 363 -39.70 -2.35 -26.99
C ASN D 363 -40.78 -3.06 -27.83
N ASP D 364 -41.19 -2.47 -28.94
CA ASP D 364 -42.19 -3.09 -29.83
C ASP D 364 -41.70 -4.38 -30.52
N MET D 365 -40.42 -4.41 -30.86
CA MET D 365 -39.82 -5.44 -31.75
C MET D 365 -38.99 -6.55 -31.08
N ALA D 366 -38.34 -6.25 -29.94
CA ALA D 366 -37.44 -7.19 -29.29
C ALA D 366 -38.20 -8.35 -28.63
N PRO D 367 -37.57 -9.55 -28.54
CA PRO D 367 -38.26 -10.63 -27.81
C PRO D 367 -38.53 -10.31 -26.34
N GLU D 368 -39.51 -10.99 -25.75
CA GLU D 368 -39.83 -10.75 -24.34
C GLU D 368 -38.69 -11.07 -23.37
N ASN D 369 -37.76 -11.95 -23.77
CA ASN D 369 -36.65 -12.35 -22.92
C ASN D 369 -35.33 -11.71 -23.38
N ALA D 370 -35.39 -10.62 -24.13
CA ALA D 370 -34.18 -9.88 -24.50
C ALA D 370 -33.38 -9.47 -23.24
N ILE D 371 -32.07 -9.24 -23.42
CA ILE D 371 -31.21 -8.68 -22.39
C ILE D 371 -30.57 -7.40 -22.95
N TYR D 372 -30.73 -6.29 -22.24
CA TYR D 372 -30.20 -4.97 -22.65
C TYR D 372 -28.94 -4.59 -21.84
N LEU D 373 -28.02 -3.87 -22.48
CA LEU D 373 -26.94 -3.18 -21.78
C LEU D 373 -26.96 -1.70 -22.15
N ASN D 374 -26.63 -0.84 -21.20
CA ASN D 374 -26.70 0.61 -21.38
C ASN D 374 -25.32 1.29 -21.20
N GLU D 375 -24.82 1.95 -22.24
CA GLU D 375 -23.72 2.91 -22.07
C GLU D 375 -23.93 4.15 -22.98
N SER D 376 -25.20 4.56 -23.00
CA SER D 376 -25.66 5.78 -23.67
C SER D 376 -25.98 6.79 -22.54
N THR D 377 -24.99 7.59 -22.15
CA THR D 377 -25.05 8.19 -20.79
C THR D 377 -26.05 9.36 -20.62
N SER D 378 -26.47 10.00 -21.71
CA SER D 378 -27.42 11.08 -21.60
C SER D 378 -28.90 10.61 -21.73
N THR D 379 -29.12 9.31 -21.97
CA THR D 379 -30.50 8.78 -22.28
C THR D 379 -31.06 7.71 -21.27
N THR D 380 -30.34 7.50 -20.16
CA THR D 380 -30.67 6.48 -19.19
C THR D 380 -32.06 6.60 -18.56
N ALA D 381 -32.51 7.80 -18.21
CA ALA D 381 -33.85 7.95 -17.60
C ALA D 381 -34.95 7.49 -18.58
N GLN D 382 -34.80 7.88 -19.85
CA GLN D 382 -35.73 7.50 -20.90
C GLN D 382 -35.72 5.99 -21.13
N MET D 383 -34.53 5.39 -21.16
CA MET D 383 -34.42 3.94 -21.33
C MET D 383 -35.22 3.15 -20.26
N TRP D 384 -35.07 3.55 -19.00
CA TRP D 384 -35.73 2.86 -17.90
C TRP D 384 -37.25 3.00 -17.99
N GLN D 385 -37.75 4.14 -18.49
CA GLN D 385 -39.20 4.34 -18.66
C GLN D 385 -39.82 3.56 -19.82
N ARG D 386 -39.04 3.26 -20.86
CA ARG D 386 -39.60 2.80 -22.15
C ARG D 386 -39.39 1.34 -22.50
N LEU D 387 -38.58 0.62 -21.73
CA LEU D 387 -38.35 -0.81 -21.95
C LEU D 387 -39.08 -1.67 -20.90
N ASN D 388 -39.98 -2.56 -21.34
CA ASN D 388 -40.61 -3.56 -20.46
C ASN D 388 -39.65 -4.73 -20.25
N MET D 389 -39.03 -4.83 -19.06
CA MET D 389 -38.15 -5.95 -18.72
C MET D 389 -38.83 -6.85 -17.68
N ARG D 390 -39.38 -7.98 -18.12
CA ARG D 390 -40.22 -8.86 -17.26
C ARG D 390 -39.43 -9.91 -16.44
N ASN D 391 -38.25 -10.29 -16.93
CA ASN D 391 -37.46 -11.41 -16.41
C ASN D 391 -36.22 -10.96 -15.63
N PRO D 392 -35.69 -11.83 -14.77
CA PRO D 392 -34.34 -11.56 -14.24
C PRO D 392 -33.24 -11.50 -15.31
N GLY D 393 -32.11 -10.92 -14.92
CA GLY D 393 -30.94 -10.84 -15.78
C GLY D 393 -31.15 -10.13 -17.11
N SER D 394 -31.91 -9.04 -17.09
CA SER D 394 -32.33 -8.34 -18.34
C SER D 394 -31.65 -6.96 -18.60
N TYR D 395 -30.84 -6.48 -17.65
CA TYR D 395 -30.21 -5.10 -17.78
C TYR D 395 -28.85 -5.03 -17.14
N TYR D 396 -27.87 -4.38 -17.79
CA TYR D 396 -26.52 -4.14 -17.19
C TYR D 396 -25.98 -2.74 -17.57
N PHE D 397 -25.38 -2.04 -16.59
CA PHE D 397 -24.84 -0.66 -16.74
C PHE D 397 -23.58 -0.59 -15.90
N CYS D 398 -22.53 0.09 -16.40
CA CYS D 398 -21.25 0.15 -15.71
C CYS D 398 -21.36 0.54 -14.23
N ALA D 399 -21.00 -0.38 -13.32
CA ALA D 399 -21.29 -0.18 -11.90
C ALA D 399 -20.53 0.93 -11.19
N ALA D 400 -19.32 1.25 -11.66
CA ALA D 400 -18.50 2.31 -11.14
C ALA D 400 -18.50 3.53 -12.08
N GLY D 401 -19.37 3.51 -13.08
CA GLY D 401 -19.42 4.64 -14.00
C GLY D 401 -18.26 4.71 -15.00
N GLY D 402 -17.50 3.62 -15.09
CA GLY D 402 -16.35 3.55 -15.98
C GLY D 402 -16.70 3.12 -17.38
N LEU D 403 -16.52 4.02 -18.33
CA LEU D 403 -16.85 3.70 -19.73
C LEU D 403 -15.89 2.66 -20.30
N GLY D 404 -16.35 1.90 -21.31
CA GLY D 404 -15.64 0.72 -21.82
C GLY D 404 -16.18 -0.63 -21.32
N PHE D 405 -17.28 -0.63 -20.55
CA PHE D 405 -17.89 -1.88 -19.99
C PHE D 405 -18.87 -2.57 -20.95
N ALA D 406 -19.82 -1.82 -21.47
CA ALA D 406 -21.02 -2.43 -22.08
C ALA D 406 -20.72 -3.20 -23.36
N LEU D 407 -19.79 -2.69 -24.18
CA LEU D 407 -19.48 -3.33 -25.46
C LEU D 407 -18.92 -4.74 -25.23
N PRO D 408 -17.79 -4.89 -24.46
CA PRO D 408 -17.33 -6.26 -24.12
C PRO D 408 -18.29 -7.07 -23.25
N ALA D 409 -18.90 -6.45 -22.24
CA ALA D 409 -19.80 -7.21 -21.35
C ALA D 409 -20.96 -7.85 -22.12
N ALA D 410 -21.48 -7.15 -23.12
CA ALA D 410 -22.57 -7.70 -23.96
C ALA D 410 -22.19 -9.02 -24.65
N ILE D 411 -20.92 -9.14 -25.02
CA ILE D 411 -20.38 -10.35 -25.65
C ILE D 411 -20.35 -11.50 -24.62
N GLY D 412 -19.88 -11.23 -23.40
CA GLY D 412 -19.88 -12.28 -22.41
C GLY D 412 -21.27 -12.74 -21.96
N VAL D 413 -22.17 -11.78 -21.78
CA VAL D 413 -23.58 -12.10 -21.46
C VAL D 413 -24.17 -13.02 -22.55
N GLN D 414 -23.95 -12.67 -23.82
CA GLN D 414 -24.52 -13.46 -24.92
C GLN D 414 -23.95 -14.90 -24.94
N LEU D 415 -22.65 -15.04 -24.64
CA LEU D 415 -22.00 -16.35 -24.48
C LEU D 415 -22.66 -17.19 -23.35
N ALA D 416 -23.00 -16.53 -22.23
CA ALA D 416 -23.64 -17.22 -21.09
C ALA D 416 -25.09 -17.62 -21.30
N GLU D 417 -25.78 -16.86 -22.17
CA GLU D 417 -27.23 -16.98 -22.41
C GLU D 417 -27.53 -17.11 -23.91
N PRO D 418 -27.15 -18.27 -24.50
CA PRO D 418 -27.33 -18.39 -25.95
C PRO D 418 -28.75 -18.27 -26.48
N GLU D 419 -29.75 -18.56 -25.65
CA GLU D 419 -31.16 -18.53 -26.09
C GLU D 419 -31.89 -17.20 -25.83
N ARG D 420 -31.18 -16.19 -25.31
CA ARG D 420 -31.71 -14.86 -25.09
C ARG D 420 -30.98 -13.80 -25.90
N GLN D 421 -31.69 -13.08 -26.77
CA GLN D 421 -31.03 -12.04 -27.59
C GLN D 421 -30.52 -10.87 -26.78
N VAL D 422 -29.20 -10.59 -26.88
CA VAL D 422 -28.57 -9.45 -26.21
C VAL D 422 -28.51 -8.25 -27.17
N ILE D 423 -28.89 -7.06 -26.66
CA ILE D 423 -28.92 -5.79 -27.41
C ILE D 423 -28.22 -4.69 -26.57
N ALA D 424 -27.04 -4.24 -26.99
CA ALA D 424 -26.23 -3.23 -26.27
C ALA D 424 -26.47 -1.87 -26.88
N VAL D 425 -26.98 -0.92 -26.09
CA VAL D 425 -27.25 0.47 -26.55
C VAL D 425 -26.11 1.37 -26.04
N ILE D 426 -25.24 1.83 -26.93
CA ILE D 426 -23.94 2.43 -26.54
C ILE D 426 -23.75 3.80 -27.22
N GLY D 427 -23.34 4.82 -26.49
CA GLY D 427 -23.11 6.13 -27.13
C GLY D 427 -21.87 6.18 -28.03
N ASP D 428 -21.81 7.19 -28.93
CA ASP D 428 -20.65 7.35 -29.84
C ASP D 428 -19.34 7.60 -29.08
N GLY D 429 -19.39 8.35 -28.00
CA GLY D 429 -18.17 8.55 -27.18
C GLY D 429 -17.74 7.26 -26.49
N SER D 430 -18.70 6.59 -25.84
CA SER D 430 -18.42 5.38 -25.04
C SER D 430 -17.89 4.22 -25.88
N ALA D 431 -18.34 4.14 -27.13
CA ALA D 431 -17.95 3.04 -28.01
C ALA D 431 -16.44 2.88 -28.21
N ASN D 432 -15.70 3.99 -28.16
CA ASN D 432 -14.27 3.94 -28.47
C ASN D 432 -13.41 3.29 -27.38
N TYR D 433 -13.82 3.39 -26.12
CA TYR D 433 -12.97 2.96 -25.01
C TYR D 433 -12.51 1.50 -25.15
N SER D 434 -13.43 0.61 -25.54
CA SER D 434 -13.15 -0.82 -25.72
C SER D 434 -13.61 -1.33 -27.11
N ILE D 435 -13.31 -0.53 -28.14
CA ILE D 435 -13.78 -0.82 -29.52
C ILE D 435 -13.29 -2.18 -30.05
N SER D 436 -12.08 -2.58 -29.67
CA SER D 436 -11.49 -3.85 -30.17
C SER D 436 -12.21 -5.11 -29.72
N ALA D 437 -13.08 -5.02 -28.70
CA ALA D 437 -13.87 -6.21 -28.28
C ALA D 437 -14.76 -6.76 -29.39
N LEU D 438 -15.14 -5.92 -30.34
CA LEU D 438 -15.93 -6.39 -31.47
C LEU D 438 -15.30 -7.64 -32.14
N TRP D 439 -13.97 -7.68 -32.24
CA TRP D 439 -13.30 -8.82 -32.86
C TRP D 439 -13.66 -10.20 -32.21
N THR D 440 -13.79 -10.24 -30.89
CA THR D 440 -14.12 -11.51 -30.23
C THR D 440 -15.51 -12.00 -30.66
N ALA D 441 -16.46 -11.07 -30.80
CA ALA D 441 -17.83 -11.47 -31.22
C ALA D 441 -17.76 -12.07 -32.63
N ALA D 442 -16.95 -11.47 -33.49
CA ALA D 442 -16.80 -12.01 -34.86
C ALA D 442 -16.14 -13.39 -34.88
N GLN D 443 -15.04 -13.55 -34.14
CA GLN D 443 -14.22 -14.77 -34.20
C GLN D 443 -14.92 -16.00 -33.65
N TYR D 444 -15.72 -15.81 -32.59
CA TYR D 444 -16.44 -16.91 -31.89
C TYR D 444 -17.92 -16.98 -32.27
N ASN D 445 -18.32 -16.15 -33.25
CA ASN D 445 -19.69 -16.04 -33.73
C ASN D 445 -20.72 -15.93 -32.63
N ILE D 446 -20.48 -14.97 -31.73
CA ILE D 446 -21.38 -14.65 -30.62
C ILE D 446 -22.34 -13.54 -31.09
N PRO D 447 -23.65 -13.86 -31.27
CA PRO D 447 -24.57 -12.98 -32.04
C PRO D 447 -25.16 -11.74 -31.33
N THR D 448 -24.33 -11.01 -30.61
CA THR D 448 -24.77 -9.80 -29.93
C THR D 448 -25.16 -8.74 -30.98
N ILE D 449 -26.16 -7.91 -30.66
CA ILE D 449 -26.53 -6.74 -31.49
C ILE D 449 -26.02 -5.47 -30.79
N PHE D 450 -25.26 -4.62 -31.51
CA PHE D 450 -24.72 -3.36 -30.96
C PHE D 450 -25.44 -2.16 -31.61
N VAL D 451 -26.12 -1.33 -30.80
CA VAL D 451 -26.83 -0.13 -31.31
C VAL D 451 -26.06 1.13 -30.91
N ILE D 452 -25.42 1.79 -31.87
CA ILE D 452 -24.61 2.98 -31.57
C ILE D 452 -25.42 4.25 -31.72
N MET D 453 -25.53 5.01 -30.62
CA MET D 453 -26.30 6.25 -30.57
C MET D 453 -25.36 7.41 -30.97
N ASN D 454 -25.37 7.81 -32.25
CA ASN D 454 -24.40 8.83 -32.69
C ASN D 454 -24.98 10.24 -32.70
N ASN D 455 -24.71 10.98 -31.62
CA ASN D 455 -25.07 12.42 -31.50
C ASN D 455 -23.89 13.41 -31.69
N GLY D 456 -22.70 12.90 -31.99
CA GLY D 456 -21.52 13.74 -32.28
C GLY D 456 -20.78 14.32 -31.08
N THR D 457 -21.18 13.93 -29.88
CA THR D 457 -20.70 14.63 -28.68
C THR D 457 -20.73 13.77 -27.43
N TYR D 458 -19.99 14.22 -26.43
CA TYR D 458 -20.10 13.68 -25.08
C TYR D 458 -21.31 14.38 -24.42
N GLY D 459 -22.53 13.91 -24.75
CA GLY D 459 -23.76 14.63 -24.41
C GLY D 459 -23.98 14.91 -22.93
N ALA D 460 -23.73 13.87 -22.13
CA ALA D 460 -23.94 13.95 -20.69
C ALA D 460 -23.02 15.01 -20.08
N LEU D 461 -21.82 15.16 -20.64
CA LEU D 461 -20.87 16.18 -20.15
C LEU D 461 -21.31 17.60 -20.47
N ARG D 462 -21.80 17.81 -21.70
CA ARG D 462 -22.38 19.10 -22.03
C ARG D 462 -23.49 19.46 -21.04
N TRP D 463 -24.31 18.50 -20.65
CA TRP D 463 -25.40 18.73 -19.71
CA TRP D 463 -25.40 18.72 -19.71
C TRP D 463 -24.90 19.10 -18.30
N PHE D 464 -23.91 18.37 -17.80
CA PHE D 464 -23.33 18.68 -16.48
C PHE D 464 -22.69 20.08 -16.49
N ALA D 465 -22.11 20.47 -17.63
CA ALA D 465 -21.41 21.76 -17.74
C ALA D 465 -22.42 22.89 -17.71
N GLY D 466 -23.46 22.77 -18.55
CA GLY D 466 -24.57 23.73 -18.56
C GLY D 466 -25.15 23.96 -17.17
N VAL D 467 -25.34 22.86 -16.43
CA VAL D 467 -25.78 22.93 -15.03
C VAL D 467 -24.79 23.72 -14.19
N LEU D 468 -23.56 23.21 -14.06
CA LEU D 468 -22.46 23.87 -13.33
C LEU D 468 -22.16 25.29 -13.84
N GLU D 469 -22.74 25.65 -14.98
CA GLU D 469 -22.39 26.90 -15.65
C GLU D 469 -20.86 27.00 -15.82
N ALA D 470 -20.28 25.91 -16.33
CA ALA D 470 -18.88 25.87 -16.70
C ALA D 470 -18.81 26.20 -18.19
N GLU D 471 -18.24 27.35 -18.51
CA GLU D 471 -18.08 27.81 -19.90
C GLU D 471 -16.64 27.70 -20.41
N ASN D 472 -16.46 27.72 -21.74
CA ASN D 472 -15.12 27.63 -22.38
C ASN D 472 -14.33 26.35 -22.01
N VAL D 473 -15.04 25.22 -21.94
CA VAL D 473 -14.47 23.92 -21.62
C VAL D 473 -14.07 23.22 -22.92
N PRO D 474 -12.81 22.83 -23.06
CA PRO D 474 -12.38 22.09 -24.26
C PRO D 474 -12.76 20.59 -24.18
N GLY D 475 -12.77 19.93 -25.34
CA GLY D 475 -12.78 18.48 -25.42
C GLY D 475 -14.13 17.78 -25.28
N LEU D 476 -15.22 18.49 -25.57
CA LEU D 476 -16.57 17.95 -25.33
C LEU D 476 -17.20 17.28 -26.55
N ASP D 477 -16.63 17.52 -27.73
CA ASP D 477 -17.18 16.97 -29.00
C ASP D 477 -16.24 15.95 -29.67
N VAL D 478 -16.86 14.97 -30.32
CA VAL D 478 -16.14 13.85 -30.96
C VAL D 478 -16.61 13.65 -32.42
N PRO D 479 -16.43 14.68 -33.26
CA PRO D 479 -16.83 14.57 -34.67
C PRO D 479 -15.94 13.62 -35.46
N GLY D 480 -16.42 13.16 -36.61
CA GLY D 480 -15.57 12.45 -37.55
C GLY D 480 -15.19 11.00 -37.27
N ILE D 481 -16.09 10.25 -36.62
CA ILE D 481 -15.93 8.81 -36.41
C ILE D 481 -16.97 8.06 -37.24
N ASP D 482 -16.49 7.09 -38.05
CA ASP D 482 -17.32 6.26 -38.94
C ASP D 482 -17.39 4.87 -38.30
N PHE D 483 -18.50 4.63 -37.58
CA PHE D 483 -18.69 3.35 -36.87
C PHE D 483 -18.93 2.14 -37.77
N ARG D 484 -19.52 2.32 -38.95
CA ARG D 484 -19.63 1.20 -39.87
C ARG D 484 -18.28 0.70 -40.36
N ALA D 485 -17.35 1.64 -40.55
CA ALA D 485 -15.98 1.27 -40.92
C ALA D 485 -15.22 0.57 -39.78
N LEU D 486 -15.38 1.05 -38.55
CA LEU D 486 -14.80 0.35 -37.40
C LEU D 486 -15.32 -1.11 -37.30
N ALA D 487 -16.63 -1.32 -37.51
CA ALA D 487 -17.25 -2.66 -37.46
C ALA D 487 -16.64 -3.55 -38.54
N LYS D 488 -16.56 -3.04 -39.77
CA LYS D 488 -15.85 -3.71 -40.87
C LYS D 488 -14.40 -4.07 -40.50
N GLY D 489 -13.68 -3.11 -39.90
CA GLY D 489 -12.32 -3.31 -39.43
C GLY D 489 -12.18 -4.60 -38.58
N TYR D 490 -13.18 -4.91 -37.74
CA TYR D 490 -13.12 -6.11 -36.87
C TYR D 490 -14.03 -7.28 -37.31
N GLY D 491 -14.57 -7.19 -38.53
CA GLY D 491 -15.31 -8.34 -39.12
C GLY D 491 -16.78 -8.49 -38.74
N VAL D 492 -17.37 -7.41 -38.21
CA VAL D 492 -18.76 -7.41 -37.75
C VAL D 492 -19.65 -6.71 -38.80
N GLN D 493 -20.77 -7.35 -39.16
CA GLN D 493 -21.75 -6.78 -40.12
C GLN D 493 -22.20 -5.38 -39.67
N ALA D 494 -22.27 -4.43 -40.62
CA ALA D 494 -22.51 -3.00 -40.32
C ALA D 494 -23.75 -2.47 -41.07
N LEU D 495 -24.77 -2.03 -40.31
CA LEU D 495 -25.99 -1.43 -40.86
C LEU D 495 -26.11 0.03 -40.37
N LYS D 496 -26.90 0.83 -41.08
CA LYS D 496 -27.16 2.24 -40.72
C LYS D 496 -28.65 2.51 -40.43
N ALA D 497 -28.92 3.51 -39.59
CA ALA D 497 -30.29 3.99 -39.35
C ALA D 497 -30.29 5.52 -39.26
N ASP D 498 -30.61 6.20 -40.37
CA ASP D 498 -30.59 7.67 -40.38
C ASP D 498 -31.97 8.30 -40.17
N ASN D 499 -33.01 7.45 -40.19
CA ASN D 499 -34.38 7.84 -39.93
C ASN D 499 -35.18 6.64 -39.39
N LEU D 500 -36.43 6.86 -39.01
CA LEU D 500 -37.27 5.82 -38.36
C LEU D 500 -37.54 4.59 -39.22
N GLU D 501 -37.89 4.80 -40.49
CA GLU D 501 -38.07 3.63 -41.34
C GLU D 501 -36.79 2.78 -41.49
N GLN D 502 -35.61 3.41 -41.56
CA GLN D 502 -34.36 2.67 -41.63
C GLN D 502 -34.08 1.93 -40.30
N LEU D 503 -34.44 2.54 -39.17
CA LEU D 503 -34.26 1.86 -37.86
C LEU D 503 -35.11 0.60 -37.76
N LYS D 504 -36.37 0.68 -38.19
CA LYS D 504 -37.26 -0.50 -38.17
C LYS D 504 -36.71 -1.64 -39.05
N GLY D 505 -36.30 -1.31 -40.27
CA GLY D 505 -35.72 -2.33 -41.17
C GLY D 505 -34.44 -2.97 -40.63
N SER D 506 -33.51 -2.14 -40.20
CA SER D 506 -32.23 -2.63 -39.69
CA SER D 506 -32.22 -2.63 -39.69
C SER D 506 -32.40 -3.51 -38.45
N LEU D 507 -33.29 -3.11 -37.53
CA LEU D 507 -33.61 -3.97 -36.37
C LEU D 507 -34.26 -5.32 -36.77
N GLN D 508 -35.17 -5.31 -37.75
CA GLN D 508 -35.77 -6.56 -38.21
C GLN D 508 -34.69 -7.53 -38.70
N GLU D 509 -33.76 -6.98 -39.47
CA GLU D 509 -32.67 -7.78 -40.01
C GLU D 509 -31.75 -8.30 -38.90
N ALA D 510 -31.36 -7.42 -37.99
CA ALA D 510 -30.47 -7.83 -36.92
C ALA D 510 -31.07 -8.96 -36.08
N LEU D 511 -32.38 -8.87 -35.81
CA LEU D 511 -33.06 -9.93 -35.04
C LEU D 511 -33.03 -11.31 -35.74
N SER D 512 -33.05 -11.29 -37.07
CA SER D 512 -32.98 -12.49 -37.91
CA SER D 512 -32.98 -12.50 -37.89
C SER D 512 -31.55 -13.00 -38.22
N ALA D 513 -30.51 -12.23 -37.89
CA ALA D 513 -29.13 -12.60 -38.19
C ALA D 513 -28.58 -13.77 -37.37
N LYS D 514 -27.62 -14.45 -37.97
CA LYS D 514 -26.94 -15.56 -37.32
C LYS D 514 -25.59 -15.19 -36.69
N GLY D 515 -25.10 -13.97 -36.95
CA GLY D 515 -23.84 -13.49 -36.36
C GLY D 515 -24.05 -12.13 -35.69
N PRO D 516 -22.99 -11.54 -35.14
CA PRO D 516 -23.16 -10.21 -34.54
C PRO D 516 -23.43 -9.13 -35.60
N VAL D 517 -24.12 -8.07 -35.18
CA VAL D 517 -24.51 -6.94 -36.06
C VAL D 517 -24.36 -5.61 -35.30
N LEU D 518 -23.73 -4.61 -35.94
CA LEU D 518 -23.70 -3.24 -35.40
C LEU D 518 -24.60 -2.35 -36.24
N ILE D 519 -25.43 -1.55 -35.58
CA ILE D 519 -26.27 -0.54 -36.26
C ILE D 519 -25.87 0.87 -35.81
N GLU D 520 -25.45 1.73 -36.75
CA GLU D 520 -25.07 3.12 -36.41
C GLU D 520 -26.29 4.01 -36.55
N VAL D 521 -26.79 4.54 -35.42
CA VAL D 521 -28.00 5.35 -35.43
C VAL D 521 -27.68 6.85 -35.36
N SER D 522 -28.21 7.65 -36.29
CA SER D 522 -28.07 9.10 -36.25
CA SER D 522 -28.06 9.10 -36.25
C SER D 522 -29.07 9.69 -35.27
N THR D 523 -28.60 10.17 -34.12
CA THR D 523 -29.49 10.71 -33.11
C THR D 523 -29.38 12.26 -32.96
N VAL D 524 -30.43 12.84 -32.42
CA VAL D 524 -30.49 14.30 -32.31
CA VAL D 524 -30.57 14.30 -32.23
C VAL D 524 -29.58 14.82 -31.20
PA D7K E . 9.92 -16.03 28.93
O1A D7K E . 11.03 -15.96 29.94
O2A D7K E . 8.89 -14.99 28.95
O1B D7K E . 10.12 -19.37 27.57
PB D7K E . 9.95 -18.98 29.00
O2B D7K E . 11.22 -18.91 29.84
O3B D7K E . 8.88 -19.94 29.73
O3A D7K E . 9.15 -17.49 29.04
O01 D7K E . 10.64 -16.11 27.53
C01 D7K E . 9.96 -15.67 26.30
C05 D7K E . 10.77 -16.23 25.15
C04 D7K E . 10.17 -16.10 23.71
C03 D7K E . 10.49 -15.26 22.72
CM4 D7K E . 11.58 -14.14 22.90
S1 D7K E . 8.92 -17.15 23.22
C02 D7K E . 8.85 -16.46 21.59
N3 D7K E . 9.78 -15.42 21.54
C7, D7K E . 10.08 -14.51 20.38
C5, D7K E . 9.47 -13.15 20.43
C6, D7K E . 10.32 -12.03 20.45
C4, D7K E . 8.10 -12.84 20.31
N4, D7K E . 7.23 -13.84 20.29
N3, D7K E . 7.64 -11.53 20.39
C2, D7K E . 8.48 -10.48 20.43
N1, D7K E . 9.81 -10.69 20.46
CM2 D7K E . 7.96 -9.15 20.43
O12 D7K E . 10.35 -17.58 19.11
P8 D7K E . 9.13 -18.37 19.55
O11 D7K E . 8.40 -19.15 18.53
O9 D7K E . 9.56 -19.38 20.74
C10 D7K E . 9.83 -20.77 20.45
C7 D7K E . 7.93 -17.14 20.52
O7 D7K E . 7.59 -16.33 19.39
C2 D7K E . 6.78 -17.83 21.08
C3 D7K E . 5.52 -17.26 20.96
C4 D7K E . 4.38 -17.88 21.49
C5 D7K E . 4.50 -19.11 22.14
C6 D7K E . 5.74 -19.70 22.25
C1 D7K E . 6.87 -19.08 21.74
MG MG F . 12.02 -17.28 31.15
CL CL G . -34.20 -20.33 5.90
CL CL H . -32.16 -19.32 14.78
CL CL I . 2.23 -0.16 7.02
CL CL J . -6.58 -9.38 45.61
P PO4 K . -4.52 -38.62 3.10
O1 PO4 K . -3.55 -39.79 3.13
O2 PO4 K . -5.66 -38.81 4.08
O3 PO4 K . -5.14 -38.54 1.72
O4 PO4 K . -3.76 -37.35 3.42
PA D7K L . 8.85 14.93 29.80
O1A D7K L . 8.53 14.80 31.24
O2A D7K L . 9.73 13.94 29.13
O1B D7K L . 7.94 18.28 28.98
PB D7K L . 8.96 17.86 29.98
O2B D7K L . 8.39 17.74 31.43
O3B D7K L . 10.26 18.84 29.96
O3A D7K L . 9.58 16.43 29.53
O01 D7K L . 7.46 15.01 28.98
C01 D7K L . 7.35 14.69 27.58
C05 D7K L . 6.02 15.28 27.15
C04 D7K L . 5.67 15.20 25.67
C03 D7K L . 4.81 14.36 25.04
CM4 D7K L . 4.05 13.23 25.79
S1 D7K L . 6.36 16.28 24.56
C02 D7K L . 5.47 15.62 23.20
N3 D7K L . 4.71 14.55 23.68
C7, D7K L . 3.77 13.66 22.90
C5, D7K L . 4.26 12.32 22.50
C6, D7K L . 3.54 11.19 22.96
C4, D7K L . 5.36 12.04 21.66
N4, D7K L . 6.05 13.10 21.17
N3, D7K L . 5.77 10.75 21.36
C2, D7K L . 5.07 9.67 21.81
N1, D7K L . 3.99 9.87 22.58
CM2 D7K L . 5.49 8.35 21.44
O12 D7K L . 2.83 16.80 21.96
P8 D7K L . 4.09 17.57 21.72
O11 D7K L . 4.16 18.48 20.53
O9 D7K L . 4.29 18.46 23.05
C10 D7K L . 3.94 19.86 23.02
C7 D7K L . 5.58 16.31 21.79
O7 D7K L . 5.20 15.51 20.68
C2 D7K L . 6.83 17.00 21.60
C3 D7K L . 7.81 16.45 20.77
C4 D7K L . 9.04 17.11 20.57
C5 D7K L . 9.27 18.34 21.18
C6 D7K L . 8.31 18.90 21.99
C1 D7K L . 7.09 18.24 22.20
MG MG M . 8.49 16.15 32.79
CL CL N . 31.44 20.32 -14.53
CL CL O . 34.87 18.84 -6.09
CL CL P . 31.91 7.97 33.57
CL CL Q . 5.38 -9.07 1.21
PA D7K R . 2.55 -8.20 -33.23
O1A D7K R . 1.64 -8.76 -34.29
O2A D7K R . 2.31 -6.79 -32.81
O1B D7K R . 5.20 -10.46 -32.96
PB D7K R . 4.81 -9.71 -34.18
O2B D7K R . 3.82 -10.51 -35.09
O3B D7K R . 6.08 -9.16 -35.00
O3A D7K R . 4.08 -8.27 -33.72
O01 D7K R . 2.39 -9.19 -32.00
C01 D7K R . 2.65 -8.80 -30.60
C05 D7K R . 2.83 -10.09 -29.81
C04 D7K R . 3.29 -9.97 -28.34
C03 D7K R . 2.56 -10.06 -27.20
CM4 D7K R . 1.04 -10.30 -27.21
S1 D7K R . 4.86 -9.64 -27.98
C02 D7K R . 4.60 -9.69 -26.26
N3 D7K R . 3.26 -9.91 -26.03
C7, D7K R . 2.58 -10.00 -24.71
C5, D7K R . 1.83 -8.81 -24.30
C6, D7K R . 0.45 -8.88 -24.06
C4, D7K R . 2.42 -7.54 -23.97
N4, D7K R . 3.75 -7.40 -24.13
N3, D7K R . 1.68 -6.48 -23.57
C2, D7K R . 0.34 -6.55 -23.37
N1, D7K R . -0.30 -7.74 -23.59
CM2 D7K R . -0.37 -5.39 -22.91
O12 D7K R . 5.07 -12.10 -24.31
P8 D7K R . 6.28 -11.44 -24.88
O11 D7K R . 7.57 -11.47 -24.13
O9 D7K R . 6.53 -12.10 -26.36
C10 D7K R . 7.48 -13.15 -26.58
C7 D7K R . 5.81 -9.61 -25.28
O7 D7K R . 5.50 -9.25 -23.94
C2 D7K R . 6.91 -8.88 -25.82
C3 D7K R . 7.17 -7.60 -25.34
C4 D7K R . 8.21 -6.84 -25.84
C5 D7K R . 9.05 -7.37 -26.82
C6 D7K R . 8.81 -8.64 -27.32
C1 D7K R . 7.74 -9.40 -26.83
MG MG S . 1.96 -9.88 -35.97
CL CL T . 4.16 13.56 -44.61
CL CL U . -2.28 0.06 -6.89
P PO4 V . 33.19 -15.33 -12.90
O1 PO4 V . 33.10 -16.41 -13.94
O2 PO4 V . 34.00 -14.15 -13.43
O3 PO4 V . 31.80 -14.87 -12.55
O4 PO4 V . 33.89 -15.88 -11.68
P PO4 W . 5.73 38.56 0.85
O1 PO4 W . 5.16 37.19 1.10
O2 PO4 W . 5.60 38.91 -0.62
O3 PO4 W . 4.91 39.60 1.60
O4 PO4 W . 7.20 38.64 1.23
C1 PEG X . 1.69 26.18 -27.34
O1 PEG X . 2.38 25.82 -28.54
C2 PEG X . 0.33 26.70 -27.78
O2 PEG X . -0.40 27.26 -26.68
C3 PEG X . -0.98 28.53 -26.96
C4 PEG X . -2.03 28.55 -28.05
O4 PEG X . -3.21 27.82 -27.66
C1 PEG Y . 28.11 14.22 -33.54
C1 PEG Y . 27.97 12.91 -34.61
O1 PEG Y . 29.22 14.83 -32.87
O1 PEG Y . 28.33 11.56 -34.95
C2 PEG Y . 27.18 13.60 -32.50
C2 PEG Y . 27.88 13.06 -33.09
O2 PEG Y . 25.84 13.49 -32.99
O2 PEG Y . 26.52 13.00 -32.65
C3 PEG Y . 25.06 14.68 -32.83
C3 PEG Y . 25.82 14.25 -32.72
C4 PEG Y . 24.48 14.78 -31.43
C4 PEG Y . 24.90 14.41 -31.51
O4 PEG Y . 24.04 16.12 -31.11
O4 PEG Y . 24.84 15.77 -31.08
PA D7K Z . -21.50 9.15 -25.15
O1A D7K Z . -21.45 9.79 -26.50
O2A D7K Z . -21.10 7.73 -24.96
O1B D7K Z . -23.48 11.42 -23.24
PB D7K Z . -23.88 10.69 -24.49
O2B D7K Z . -23.74 11.48 -25.80
O3B D7K Z . -25.42 10.13 -24.42
O3A D7K Z . -23.04 9.26 -24.54
O01 D7K Z . -20.65 10.10 -24.19
C01 D7K Z . -20.10 9.63 -22.91
C05 D7K Z . -19.76 10.91 -22.14
C04 D7K Z . -19.26 10.72 -20.70
C03 D7K Z . -18.00 10.81 -20.24
CM4 D7K Z . -16.79 11.06 -21.17
S1 D7K Z . -20.32 10.38 -19.47
C02 D7K Z . -19.07 10.38 -18.23
N3 D7K Z . -17.87 10.62 -18.88
C7, D7K Z . -16.52 10.68 -18.17
C5, D7K Z . -15.69 9.47 -18.30
C6, D7K Z . -14.46 9.53 -18.98
C4, D7K Z . -15.99 8.20 -17.72
N4, D7K Z . -17.14 8.09 -17.05
N3, D7K Z . -15.19 7.11 -17.87
C2, D7K Z . -14.00 7.18 -18.53
N1, D7K Z . -13.61 8.38 -19.07
CM2 D7K Z . -13.17 6.05 -18.67
O12 D7K Z . -18.33 12.70 -16.30
P8 D7K Z . -19.66 12.05 -16.08
O11 D7K Z . -20.28 12.13 -14.72
O9 D7K Z . -20.74 12.71 -17.10
C10 D7K Z . -21.51 13.84 -16.68
C7 D7K Z . -19.51 10.25 -16.73
O7 D7K Z . -18.49 9.86 -15.84
C2 D7K Z . -20.72 9.52 -16.53
C3 D7K Z . -20.66 8.20 -16.06
C4 D7K Z . -21.82 7.44 -15.88
C5 D7K Z . -23.06 8.00 -16.15
C6 D7K Z . -23.15 9.30 -16.60
C1 D7K Z . -21.98 10.05 -16.80
MG MG AA . -22.66 10.93 -27.62
CL CL BA . -29.75 -12.19 -34.15
C1 PEG CA . -14.78 -27.49 -23.42
C1 PEG CA . -14.62 -27.34 -26.08
O1 PEG CA . -14.05 -27.65 -24.65
O1 PEG CA . -14.53 -26.20 -26.95
C2 PEG CA . -15.90 -26.48 -23.61
C2 PEG CA . -14.60 -26.86 -24.63
O2 PEG CA . -16.21 -25.84 -22.37
O2 PEG CA . -15.57 -27.55 -23.83
C3 PEG CA . -17.58 -26.00 -21.96
C3 PEG CA . -15.94 -26.83 -22.66
C4 PEG CA . -18.50 -25.05 -22.72
C4 PEG CA . -17.08 -25.86 -22.98
O4 PEG CA . -19.69 -25.76 -23.10
O4 PEG CA . -17.64 -25.29 -21.79
#